data_5FIT
# 
_entry.id   5FIT 
# 
_audit_conform.dict_name       mmcif_pdbx.dic 
_audit_conform.dict_version    5.399 
_audit_conform.dict_location   http://mmcif.pdb.org/dictionaries/ascii/mmcif_pdbx.dic 
# 
loop_
_database_2.database_id 
_database_2.database_code 
_database_2.pdbx_database_accession 
_database_2.pdbx_DOI 
PDB   5FIT         pdb_00005fit 10.2210/pdb5fit/pdb 
WWPDB D_1000179708 ?            ?                   
# 
loop_
_pdbx_audit_revision_history.ordinal 
_pdbx_audit_revision_history.data_content_type 
_pdbx_audit_revision_history.major_revision 
_pdbx_audit_revision_history.minor_revision 
_pdbx_audit_revision_history.revision_date 
1 'Structure model' 1 0 1998-03-25 
2 'Structure model' 1 1 2008-03-25 
3 'Structure model' 1 2 2011-07-13 
4 'Structure model' 1 3 2024-06-05 
5 'Structure model' 1 4 2024-11-20 
# 
_pdbx_audit_revision_details.ordinal             1 
_pdbx_audit_revision_details.revision_ordinal    1 
_pdbx_audit_revision_details.data_content_type   'Structure model' 
_pdbx_audit_revision_details.provider            repository 
_pdbx_audit_revision_details.type                'Initial release' 
_pdbx_audit_revision_details.description         ? 
_pdbx_audit_revision_details.details             ? 
# 
loop_
_pdbx_audit_revision_group.ordinal 
_pdbx_audit_revision_group.revision_ordinal 
_pdbx_audit_revision_group.data_content_type 
_pdbx_audit_revision_group.group 
1 2 'Structure model' 'Version format compliance' 
2 3 'Structure model' 'Version format compliance' 
3 4 'Structure model' 'Data collection'           
4 4 'Structure model' 'Database references'       
5 4 'Structure model' 'Derived calculations'      
6 4 'Structure model' Other                       
7 5 'Structure model' 'Structure summary'         
# 
loop_
_pdbx_audit_revision_category.ordinal 
_pdbx_audit_revision_category.revision_ordinal 
_pdbx_audit_revision_category.data_content_type 
_pdbx_audit_revision_category.category 
1 4 'Structure model' chem_comp_atom            
2 4 'Structure model' chem_comp_bond            
3 4 'Structure model' database_2                
4 4 'Structure model' pdbx_database_status      
5 4 'Structure model' struct_conn               
6 4 'Structure model' struct_ref_seq_dif        
7 4 'Structure model' struct_site               
8 5 'Structure model' pdbx_entry_details        
9 5 'Structure model' pdbx_modification_feature 
# 
loop_
_pdbx_audit_revision_item.ordinal 
_pdbx_audit_revision_item.revision_ordinal 
_pdbx_audit_revision_item.data_content_type 
_pdbx_audit_revision_item.item 
1  4 'Structure model' '_database_2.pdbx_DOI'                
2  4 'Structure model' '_database_2.pdbx_database_accession' 
3  4 'Structure model' '_pdbx_database_status.process_site'  
4  4 'Structure model' '_struct_conn.pdbx_leaving_atom_flag' 
5  4 'Structure model' '_struct_conn.ptnr1_auth_comp_id'     
6  4 'Structure model' '_struct_conn.ptnr1_auth_seq_id'      
7  4 'Structure model' '_struct_conn.ptnr1_label_atom_id'    
8  4 'Structure model' '_struct_conn.ptnr1_label_comp_id'    
9  4 'Structure model' '_struct_conn.ptnr1_label_seq_id'     
10 4 'Structure model' '_struct_conn.ptnr2_auth_comp_id'     
11 4 'Structure model' '_struct_conn.ptnr2_auth_seq_id'      
12 4 'Structure model' '_struct_conn.ptnr2_label_atom_id'    
13 4 'Structure model' '_struct_conn.ptnr2_label_comp_id'    
14 4 'Structure model' '_struct_conn.ptnr2_label_seq_id'     
15 4 'Structure model' '_struct_ref_seq_dif.details'         
16 4 'Structure model' '_struct_site.pdbx_auth_asym_id'      
17 4 'Structure model' '_struct_site.pdbx_auth_comp_id'      
18 4 'Structure model' '_struct_site.pdbx_auth_seq_id'       
# 
_pdbx_database_status.status_code                     REL 
_pdbx_database_status.entry_id                        5FIT 
_pdbx_database_status.recvd_initial_deposition_date   1997-09-25 
_pdbx_database_status.deposit_site                    ? 
_pdbx_database_status.process_site                    BNL 
_pdbx_database_status.SG_entry                        . 
_pdbx_database_status.pdb_format_compatible           Y 
_pdbx_database_status.status_code_mr                  ? 
_pdbx_database_status.status_code_sf                  ? 
_pdbx_database_status.status_code_cs                  ? 
_pdbx_database_status.status_code_nmr_data            ? 
_pdbx_database_status.methods_development_category    ? 
# 
loop_
_audit_author.name 
_audit_author.pdbx_ordinal 
'Lima, C.D.'        1 
'Klein, M.G.'       2 
'Hendrickson, W.A.' 3 
# 
loop_
_citation.id 
_citation.title 
_citation.journal_abbrev 
_citation.journal_volume 
_citation.page_first 
_citation.page_last 
_citation.year 
_citation.journal_id_ASTM 
_citation.country 
_citation.journal_id_ISSN 
_citation.journal_id_CSD 
_citation.book_publisher 
_citation.pdbx_database_id_PubMed 
_citation.pdbx_database_id_DOI 
primary 'Structure-based analysis of catalysis and substrate definition in the HIT protein family.' Science   278 286 290 1997 
SCIEAS US 0036-8075 0038 ? 9323207 10.1126/science.278.5336.286 
1       'MAD Analysis of Fhit, a Putative Human Tumor Suppressor from the Hit Protein Family'       Structure 5   763 ?   1997 
STRUE6 UK 0969-2126 2005 ? ?       ?                            
# 
loop_
_citation_author.citation_id 
_citation_author.name 
_citation_author.ordinal 
_citation_author.identifier_ORCID 
primary 'Lima, C.D.'        1 ? 
primary 'Klein, M.G.'       2 ? 
primary 'Hendrickson, W.A.' 3 ? 
1       'Lima, C.D.'        4 ? 
1       
;D'Amico, K.L.
;
5 ? 
1       'Naday, I.'         6 ? 
1       'Rosenbaum, G.'     7 ? 
1       'Westbrook, E.M.'   8 ? 
1       'Hendrickson, W.A.' 9 ? 
# 
loop_
_entity.id 
_entity.type 
_entity.src_method 
_entity.pdbx_description 
_entity.formula_weight 
_entity.pdbx_number_of_molecules 
_entity.pdbx_ec 
_entity.pdbx_mutation 
_entity.pdbx_fragment 
_entity.details 
1 polymer     man 'FRAGILE HISTIDINE TRIAD PROTEIN'             16979.992 1  3.6.1.29 ? ? ? 
2 non-polymer syn 'PHOSPHOMETHYLPHOSPHONIC ACID ADENOSYL ESTER' 425.228   1  ?        ? ? ? 
3 water       nat water                                         18.015    54 ?        ? ? ? 
# 
_entity_name_com.entity_id   1 
_entity_name_com.name        FHIT 
# 
_entity_poly.entity_id                      1 
_entity_poly.type                           'polypeptide(L)' 
_entity_poly.nstd_linkage                   no 
_entity_poly.nstd_monomer                   yes 
_entity_poly.pdbx_seq_one_letter_code       
;MSFRFGQHLIKPSVVFLKTELSFALVNRKPVVPGHVLVCPLRPVERFHDLRPDEVADLFQTTQRVGTVVEKHFHGTSLTF
S(MSE)QDGPEAGQTVKHVHVHVLPRKAGDFHRNDSIYEELQKHDKEDFPASWRSEEE(MSE)AAEAAALRVYFQ
;
_entity_poly.pdbx_seq_one_letter_code_can   
;MSFRFGQHLIKPSVVFLKTELSFALVNRKPVVPGHVLVCPLRPVERFHDLRPDEVADLFQTTQRVGTVVEKHFHGTSLTF
SMQDGPEAGQTVKHVHVHVLPRKAGDFHRNDSIYEELQKHDKEDFPASWRSEEEMAAEAAALRVYFQ
;
_entity_poly.pdbx_strand_id                 A 
_entity_poly.pdbx_target_identifier         ? 
# 
loop_
_pdbx_entity_nonpoly.entity_id 
_pdbx_entity_nonpoly.name 
_pdbx_entity_nonpoly.comp_id 
2 'PHOSPHOMETHYLPHOSPHONIC ACID ADENOSYL ESTER' AP2 
3 water                                         HOH 
# 
loop_
_entity_poly_seq.entity_id 
_entity_poly_seq.num 
_entity_poly_seq.mon_id 
_entity_poly_seq.hetero 
1 1   MET n 
1 2   SER n 
1 3   PHE n 
1 4   ARG n 
1 5   PHE n 
1 6   GLY n 
1 7   GLN n 
1 8   HIS n 
1 9   LEU n 
1 10  ILE n 
1 11  LYS n 
1 12  PRO n 
1 13  SER n 
1 14  VAL n 
1 15  VAL n 
1 16  PHE n 
1 17  LEU n 
1 18  LYS n 
1 19  THR n 
1 20  GLU n 
1 21  LEU n 
1 22  SER n 
1 23  PHE n 
1 24  ALA n 
1 25  LEU n 
1 26  VAL n 
1 27  ASN n 
1 28  ARG n 
1 29  LYS n 
1 30  PRO n 
1 31  VAL n 
1 32  VAL n 
1 33  PRO n 
1 34  GLY n 
1 35  HIS n 
1 36  VAL n 
1 37  LEU n 
1 38  VAL n 
1 39  CYS n 
1 40  PRO n 
1 41  LEU n 
1 42  ARG n 
1 43  PRO n 
1 44  VAL n 
1 45  GLU n 
1 46  ARG n 
1 47  PHE n 
1 48  HIS n 
1 49  ASP n 
1 50  LEU n 
1 51  ARG n 
1 52  PRO n 
1 53  ASP n 
1 54  GLU n 
1 55  VAL n 
1 56  ALA n 
1 57  ASP n 
1 58  LEU n 
1 59  PHE n 
1 60  GLN n 
1 61  THR n 
1 62  THR n 
1 63  GLN n 
1 64  ARG n 
1 65  VAL n 
1 66  GLY n 
1 67  THR n 
1 68  VAL n 
1 69  VAL n 
1 70  GLU n 
1 71  LYS n 
1 72  HIS n 
1 73  PHE n 
1 74  HIS n 
1 75  GLY n 
1 76  THR n 
1 77  SER n 
1 78  LEU n 
1 79  THR n 
1 80  PHE n 
1 81  SER n 
1 82  MSE n 
1 83  GLN n 
1 84  ASP n 
1 85  GLY n 
1 86  PRO n 
1 87  GLU n 
1 88  ALA n 
1 89  GLY n 
1 90  GLN n 
1 91  THR n 
1 92  VAL n 
1 93  LYS n 
1 94  HIS n 
1 95  VAL n 
1 96  HIS n 
1 97  VAL n 
1 98  HIS n 
1 99  VAL n 
1 100 LEU n 
1 101 PRO n 
1 102 ARG n 
1 103 LYS n 
1 104 ALA n 
1 105 GLY n 
1 106 ASP n 
1 107 PHE n 
1 108 HIS n 
1 109 ARG n 
1 110 ASN n 
1 111 ASP n 
1 112 SER n 
1 113 ILE n 
1 114 TYR n 
1 115 GLU n 
1 116 GLU n 
1 117 LEU n 
1 118 GLN n 
1 119 LYS n 
1 120 HIS n 
1 121 ASP n 
1 122 LYS n 
1 123 GLU n 
1 124 ASP n 
1 125 PHE n 
1 126 PRO n 
1 127 ALA n 
1 128 SER n 
1 129 TRP n 
1 130 ARG n 
1 131 SER n 
1 132 GLU n 
1 133 GLU n 
1 134 GLU n 
1 135 MSE n 
1 136 ALA n 
1 137 ALA n 
1 138 GLU n 
1 139 ALA n 
1 140 ALA n 
1 141 ALA n 
1 142 LEU n 
1 143 ARG n 
1 144 VAL n 
1 145 TYR n 
1 146 PHE n 
1 147 GLN n 
# 
_entity_src_gen.entity_id                          1 
_entity_src_gen.pdbx_src_id                        1 
_entity_src_gen.pdbx_alt_source_flag               sample 
_entity_src_gen.pdbx_seq_type                      ? 
_entity_src_gen.pdbx_beg_seq_num                   ? 
_entity_src_gen.pdbx_end_seq_num                   ? 
_entity_src_gen.gene_src_common_name               human 
_entity_src_gen.gene_src_genus                     Homo 
_entity_src_gen.pdbx_gene_src_gene                 FHIT 
_entity_src_gen.gene_src_species                   ? 
_entity_src_gen.gene_src_strain                    ? 
_entity_src_gen.gene_src_tissue                    ? 
_entity_src_gen.gene_src_tissue_fraction           ? 
_entity_src_gen.gene_src_details                   ? 
_entity_src_gen.pdbx_gene_src_fragment             ? 
_entity_src_gen.pdbx_gene_src_scientific_name      'Homo sapiens' 
_entity_src_gen.pdbx_gene_src_ncbi_taxonomy_id     9606 
_entity_src_gen.pdbx_gene_src_variant              ? 
_entity_src_gen.pdbx_gene_src_cell_line            ? 
_entity_src_gen.pdbx_gene_src_atcc                 ? 
_entity_src_gen.pdbx_gene_src_organ                ? 
_entity_src_gen.pdbx_gene_src_organelle            ? 
_entity_src_gen.pdbx_gene_src_cell                 ? 
_entity_src_gen.pdbx_gene_src_cellular_location    ? 
_entity_src_gen.host_org_common_name               ? 
_entity_src_gen.pdbx_host_org_scientific_name      'Escherichia coli' 
_entity_src_gen.pdbx_host_org_ncbi_taxonomy_id     562 
_entity_src_gen.host_org_genus                     Escherichia 
_entity_src_gen.pdbx_host_org_gene                 FHIT 
_entity_src_gen.pdbx_host_org_organ                ? 
_entity_src_gen.host_org_species                   ? 
_entity_src_gen.pdbx_host_org_tissue               ? 
_entity_src_gen.pdbx_host_org_tissue_fraction      ? 
_entity_src_gen.pdbx_host_org_strain               DL41 
_entity_src_gen.pdbx_host_org_variant              ? 
_entity_src_gen.pdbx_host_org_cell_line            ? 
_entity_src_gen.pdbx_host_org_atcc                 ? 
_entity_src_gen.pdbx_host_org_culture_collection   ? 
_entity_src_gen.pdbx_host_org_cell                 ? 
_entity_src_gen.pdbx_host_org_organelle            ? 
_entity_src_gen.pdbx_host_org_cellular_location    ? 
_entity_src_gen.pdbx_host_org_vector_type          ? 
_entity_src_gen.pdbx_host_org_vector               ? 
_entity_src_gen.host_org_details                   ? 
_entity_src_gen.expression_system_id               ? 
_entity_src_gen.plasmid_name                       PGEX-2T 
_entity_src_gen.plasmid_details                    ? 
_entity_src_gen.pdbx_description                   'EXPRESSED AS FUSION PROTEIN WITH GLUTATHIONE-S-TRANSFERASE IN ESCHERICHIA COLI' 
# 
loop_
_chem_comp.id 
_chem_comp.type 
_chem_comp.mon_nstd_flag 
_chem_comp.name 
_chem_comp.pdbx_synonyms 
_chem_comp.formula 
_chem_comp.formula_weight 
ALA 'L-peptide linking' y ALANINE                                       ? 'C3 H7 N O2'       89.093  
AP2 non-polymer         . 'PHOSPHOMETHYLPHOSPHONIC ACID ADENOSYL ESTER' ? 'C11 H17 N5 O9 P2' 425.228 
ARG 'L-peptide linking' y ARGININE                                      ? 'C6 H15 N4 O2 1'   175.209 
ASN 'L-peptide linking' y ASPARAGINE                                    ? 'C4 H8 N2 O3'      132.118 
ASP 'L-peptide linking' y 'ASPARTIC ACID'                               ? 'C4 H7 N O4'       133.103 
CYS 'L-peptide linking' y CYSTEINE                                      ? 'C3 H7 N O2 S'     121.158 
GLN 'L-peptide linking' y GLUTAMINE                                     ? 'C5 H10 N2 O3'     146.144 
GLU 'L-peptide linking' y 'GLUTAMIC ACID'                               ? 'C5 H9 N O4'       147.129 
GLY 'peptide linking'   y GLYCINE                                       ? 'C2 H5 N O2'       75.067  
HIS 'L-peptide linking' y HISTIDINE                                     ? 'C6 H10 N3 O2 1'   156.162 
HOH non-polymer         . WATER                                         ? 'H2 O'             18.015  
ILE 'L-peptide linking' y ISOLEUCINE                                    ? 'C6 H13 N O2'      131.173 
LEU 'L-peptide linking' y LEUCINE                                       ? 'C6 H13 N O2'      131.173 
LYS 'L-peptide linking' y LYSINE                                        ? 'C6 H15 N2 O2 1'   147.195 
MET 'L-peptide linking' y METHIONINE                                    ? 'C5 H11 N O2 S'    149.211 
MSE 'L-peptide linking' n SELENOMETHIONINE                              ? 'C5 H11 N O2 Se'   196.106 
PHE 'L-peptide linking' y PHENYLALANINE                                 ? 'C9 H11 N O2'      165.189 
PRO 'L-peptide linking' y PROLINE                                       ? 'C5 H9 N O2'       115.130 
SER 'L-peptide linking' y SERINE                                        ? 'C3 H7 N O3'       105.093 
THR 'L-peptide linking' y THREONINE                                     ? 'C4 H9 N O3'       119.119 
TRP 'L-peptide linking' y TRYPTOPHAN                                    ? 'C11 H12 N2 O2'    204.225 
TYR 'L-peptide linking' y TYROSINE                                      ? 'C9 H11 N O3'      181.189 
VAL 'L-peptide linking' y VALINE                                        ? 'C5 H11 N O2'      117.146 
# 
loop_
_pdbx_poly_seq_scheme.asym_id 
_pdbx_poly_seq_scheme.entity_id 
_pdbx_poly_seq_scheme.seq_id 
_pdbx_poly_seq_scheme.mon_id 
_pdbx_poly_seq_scheme.ndb_seq_num 
_pdbx_poly_seq_scheme.pdb_seq_num 
_pdbx_poly_seq_scheme.auth_seq_num 
_pdbx_poly_seq_scheme.pdb_mon_id 
_pdbx_poly_seq_scheme.auth_mon_id 
_pdbx_poly_seq_scheme.pdb_strand_id 
_pdbx_poly_seq_scheme.pdb_ins_code 
_pdbx_poly_seq_scheme.hetero 
A 1 1   MET 1   1   ?   ?   ?   A . n 
A 1 2   SER 2   2   2   SER SER A . n 
A 1 3   PHE 3   3   3   PHE PHE A . n 
A 1 4   ARG 4   4   4   ARG ARG A . n 
A 1 5   PHE 5   5   5   PHE PHE A . n 
A 1 6   GLY 6   6   6   GLY GLY A . n 
A 1 7   GLN 7   7   7   GLN GLN A . n 
A 1 8   HIS 8   8   8   HIS HIS A . n 
A 1 9   LEU 9   9   9   LEU LEU A . n 
A 1 10  ILE 10  10  10  ILE ILE A . n 
A 1 11  LYS 11  11  11  LYS LYS A . n 
A 1 12  PRO 12  12  12  PRO PRO A . n 
A 1 13  SER 13  13  13  SER SER A . n 
A 1 14  VAL 14  14  14  VAL VAL A . n 
A 1 15  VAL 15  15  15  VAL VAL A . n 
A 1 16  PHE 16  16  16  PHE PHE A . n 
A 1 17  LEU 17  17  17  LEU LEU A . n 
A 1 18  LYS 18  18  18  LYS LYS A . n 
A 1 19  THR 19  19  19  THR THR A . n 
A 1 20  GLU 20  20  20  GLU GLU A . n 
A 1 21  LEU 21  21  21  LEU LEU A . n 
A 1 22  SER 22  22  22  SER SER A . n 
A 1 23  PHE 23  23  23  PHE PHE A . n 
A 1 24  ALA 24  24  24  ALA ALA A . n 
A 1 25  LEU 25  25  25  LEU LEU A . n 
A 1 26  VAL 26  26  26  VAL VAL A . n 
A 1 27  ASN 27  27  27  ASN ASN A . n 
A 1 28  ARG 28  28  28  ARG ARG A . n 
A 1 29  LYS 29  29  29  LYS LYS A . n 
A 1 30  PRO 30  30  30  PRO PRO A . n 
A 1 31  VAL 31  31  31  VAL VAL A . n 
A 1 32  VAL 32  32  32  VAL VAL A . n 
A 1 33  PRO 33  33  33  PRO PRO A . n 
A 1 34  GLY 34  34  34  GLY GLY A . n 
A 1 35  HIS 35  35  35  HIS HIS A . n 
A 1 36  VAL 36  36  36  VAL VAL A . n 
A 1 37  LEU 37  37  37  LEU LEU A . n 
A 1 38  VAL 38  38  38  VAL VAL A . n 
A 1 39  CYS 39  39  39  CYS CYS A . n 
A 1 40  PRO 40  40  40  PRO PRO A . n 
A 1 41  LEU 41  41  41  LEU LEU A . n 
A 1 42  ARG 42  42  42  ARG ARG A . n 
A 1 43  PRO 43  43  43  PRO PRO A . n 
A 1 44  VAL 44  44  44  VAL VAL A . n 
A 1 45  GLU 45  45  45  GLU GLU A . n 
A 1 46  ARG 46  46  46  ARG ARG A . n 
A 1 47  PHE 47  47  47  PHE PHE A . n 
A 1 48  HIS 48  48  48  HIS HIS A . n 
A 1 49  ASP 49  49  49  ASP ASP A . n 
A 1 50  LEU 50  50  50  LEU LEU A . n 
A 1 51  ARG 51  51  51  ARG ARG A . n 
A 1 52  PRO 52  52  52  PRO PRO A . n 
A 1 53  ASP 53  53  53  ASP ASP A . n 
A 1 54  GLU 54  54  54  GLU GLU A . n 
A 1 55  VAL 55  55  55  VAL VAL A . n 
A 1 56  ALA 56  56  56  ALA ALA A . n 
A 1 57  ASP 57  57  57  ASP ASP A . n 
A 1 58  LEU 58  58  58  LEU LEU A . n 
A 1 59  PHE 59  59  59  PHE PHE A . n 
A 1 60  GLN 60  60  60  GLN GLN A . n 
A 1 61  THR 61  61  61  THR THR A . n 
A 1 62  THR 62  62  62  THR THR A . n 
A 1 63  GLN 63  63  63  GLN GLN A . n 
A 1 64  ARG 64  64  64  ARG ARG A . n 
A 1 65  VAL 65  65  65  VAL VAL A . n 
A 1 66  GLY 66  66  66  GLY GLY A . n 
A 1 67  THR 67  67  67  THR THR A . n 
A 1 68  VAL 68  68  68  VAL VAL A . n 
A 1 69  VAL 69  69  69  VAL VAL A . n 
A 1 70  GLU 70  70  70  GLU GLU A . n 
A 1 71  LYS 71  71  71  LYS LYS A . n 
A 1 72  HIS 72  72  72  HIS HIS A . n 
A 1 73  PHE 73  73  73  PHE PHE A . n 
A 1 74  HIS 74  74  74  HIS HIS A . n 
A 1 75  GLY 75  75  75  GLY GLY A . n 
A 1 76  THR 76  76  76  THR THR A . n 
A 1 77  SER 77  77  77  SER SER A . n 
A 1 78  LEU 78  78  78  LEU LEU A . n 
A 1 79  THR 79  79  79  THR THR A . n 
A 1 80  PHE 80  80  80  PHE PHE A . n 
A 1 81  SER 81  81  81  SER SER A . n 
A 1 82  MSE 82  82  82  MSE MSE A . n 
A 1 83  GLN 83  83  83  GLN GLN A . n 
A 1 84  ASP 84  84  84  ASP ASP A . n 
A 1 85  GLY 85  85  85  GLY GLY A . n 
A 1 86  PRO 86  86  86  PRO PRO A . n 
A 1 87  GLU 87  87  87  GLU GLU A . n 
A 1 88  ALA 88  88  88  ALA ALA A . n 
A 1 89  GLY 89  89  89  GLY GLY A . n 
A 1 90  GLN 90  90  90  GLN GLN A . n 
A 1 91  THR 91  91  91  THR THR A . n 
A 1 92  VAL 92  92  92  VAL VAL A . n 
A 1 93  LYS 93  93  93  LYS LYS A . n 
A 1 94  HIS 94  94  94  HIS HIS A . n 
A 1 95  VAL 95  95  95  VAL VAL A . n 
A 1 96  HIS 96  96  96  HIS HIS A . n 
A 1 97  VAL 97  97  97  VAL VAL A . n 
A 1 98  HIS 98  98  98  HIS HIS A . n 
A 1 99  VAL 99  99  99  VAL VAL A . n 
A 1 100 LEU 100 100 100 LEU LEU A . n 
A 1 101 PRO 101 101 101 PRO PRO A . n 
A 1 102 ARG 102 102 102 ARG ARG A . n 
A 1 103 LYS 103 103 103 LYS LYS A . n 
A 1 104 ALA 104 104 104 ALA ALA A . n 
A 1 105 GLY 105 105 105 GLY GLY A . n 
A 1 106 ASP 106 106 106 ASP ASP A . n 
A 1 107 PHE 107 107 ?   ?   ?   A . n 
A 1 108 HIS 108 108 ?   ?   ?   A . n 
A 1 109 ARG 109 109 ?   ?   ?   A . n 
A 1 110 ASN 110 110 ?   ?   ?   A . n 
A 1 111 ASP 111 111 ?   ?   ?   A . n 
A 1 112 SER 112 112 ?   ?   ?   A . n 
A 1 113 ILE 113 113 ?   ?   ?   A . n 
A 1 114 TYR 114 114 ?   ?   ?   A . n 
A 1 115 GLU 115 115 ?   ?   ?   A . n 
A 1 116 GLU 116 116 ?   ?   ?   A . n 
A 1 117 LEU 117 117 ?   ?   ?   A . n 
A 1 118 GLN 118 118 ?   ?   ?   A . n 
A 1 119 LYS 119 119 ?   ?   ?   A . n 
A 1 120 HIS 120 120 ?   ?   ?   A . n 
A 1 121 ASP 121 121 ?   ?   ?   A . n 
A 1 122 LYS 122 122 ?   ?   ?   A . n 
A 1 123 GLU 123 123 ?   ?   ?   A . n 
A 1 124 ASP 124 124 ?   ?   ?   A . n 
A 1 125 PHE 125 125 ?   ?   ?   A . n 
A 1 126 PRO 126 126 ?   ?   ?   A . n 
A 1 127 ALA 127 127 127 ALA ALA A . n 
A 1 128 SER 128 128 128 SER SER A . n 
A 1 129 TRP 129 129 129 TRP TRP A . n 
A 1 130 ARG 130 130 130 ARG ARG A . n 
A 1 131 SER 131 131 131 SER SER A . n 
A 1 132 GLU 132 132 132 GLU GLU A . n 
A 1 133 GLU 133 133 133 GLU GLU A . n 
A 1 134 GLU 134 134 134 GLU GLU A . n 
A 1 135 MSE 135 135 135 MSE MSE A . n 
A 1 136 ALA 136 136 136 ALA ALA A . n 
A 1 137 ALA 137 137 137 ALA ALA A . n 
A 1 138 GLU 138 138 138 GLU GLU A . n 
A 1 139 ALA 139 139 139 ALA ALA A . n 
A 1 140 ALA 140 140 140 ALA ALA A . n 
A 1 141 ALA 141 141 141 ALA ALA A . n 
A 1 142 LEU 142 142 142 LEU LEU A . n 
A 1 143 ARG 143 143 143 ARG ARG A . n 
A 1 144 VAL 144 144 144 VAL VAL A . n 
A 1 145 TYR 145 145 145 TYR TYR A . n 
A 1 146 PHE 146 146 146 PHE PHE A . n 
A 1 147 GLN 147 147 147 GLN GLN A . n 
# 
loop_
_pdbx_nonpoly_scheme.asym_id 
_pdbx_nonpoly_scheme.entity_id 
_pdbx_nonpoly_scheme.mon_id 
_pdbx_nonpoly_scheme.ndb_seq_num 
_pdbx_nonpoly_scheme.pdb_seq_num 
_pdbx_nonpoly_scheme.auth_seq_num 
_pdbx_nonpoly_scheme.pdb_mon_id 
_pdbx_nonpoly_scheme.auth_mon_id 
_pdbx_nonpoly_scheme.pdb_strand_id 
_pdbx_nonpoly_scheme.pdb_ins_code 
B 2 AP2 1  200 200 AP2 AP2 A . 
C 3 HOH 1  201 1   HOH HOH A . 
C 3 HOH 2  202 2   HOH HOH A . 
C 3 HOH 3  203 3   HOH HOH A . 
C 3 HOH 4  204 4   HOH HOH A . 
C 3 HOH 5  205 5   HOH HOH A . 
C 3 HOH 6  206 6   HOH HOH A . 
C 3 HOH 7  207 7   HOH HOH A . 
C 3 HOH 8  208 8   HOH HOH A . 
C 3 HOH 9  209 9   HOH HOH A . 
C 3 HOH 10 210 10  HOH HOH A . 
C 3 HOH 11 211 11  HOH HOH A . 
C 3 HOH 12 212 12  HOH HOH A . 
C 3 HOH 13 213 13  HOH HOH A . 
C 3 HOH 14 214 14  HOH HOH A . 
C 3 HOH 15 215 15  HOH HOH A . 
C 3 HOH 16 216 16  HOH HOH A . 
C 3 HOH 17 217 17  HOH HOH A . 
C 3 HOH 18 218 18  HOH HOH A . 
C 3 HOH 19 219 19  HOH HOH A . 
C 3 HOH 20 220 20  HOH HOH A . 
C 3 HOH 21 221 21  HOH HOH A . 
C 3 HOH 22 222 22  HOH HOH A . 
C 3 HOH 23 223 23  HOH HOH A . 
C 3 HOH 24 224 24  HOH HOH A . 
C 3 HOH 25 225 25  HOH HOH A . 
C 3 HOH 26 226 26  HOH HOH A . 
C 3 HOH 27 227 27  HOH HOH A . 
C 3 HOH 28 228 28  HOH HOH A . 
C 3 HOH 29 229 29  HOH HOH A . 
C 3 HOH 30 230 30  HOH HOH A . 
C 3 HOH 31 231 31  HOH HOH A . 
C 3 HOH 32 232 32  HOH HOH A . 
C 3 HOH 33 233 33  HOH HOH A . 
C 3 HOH 34 234 34  HOH HOH A . 
C 3 HOH 35 235 35  HOH HOH A . 
C 3 HOH 36 236 36  HOH HOH A . 
C 3 HOH 37 237 37  HOH HOH A . 
C 3 HOH 38 238 38  HOH HOH A . 
C 3 HOH 39 239 39  HOH HOH A . 
C 3 HOH 40 240 40  HOH HOH A . 
C 3 HOH 41 241 41  HOH HOH A . 
C 3 HOH 42 242 42  HOH HOH A . 
C 3 HOH 43 243 43  HOH HOH A . 
C 3 HOH 44 244 44  HOH HOH A . 
C 3 HOH 45 245 45  HOH HOH A . 
C 3 HOH 46 246 46  HOH HOH A . 
C 3 HOH 47 247 47  HOH HOH A . 
C 3 HOH 48 248 48  HOH HOH A . 
C 3 HOH 49 249 49  HOH HOH A . 
C 3 HOH 50 250 50  HOH HOH A . 
C 3 HOH 51 251 51  HOH HOH A . 
C 3 HOH 52 252 52  HOH HOH A . 
C 3 HOH 53 253 53  HOH HOH A . 
C 3 HOH 54 254 54  HOH HOH A . 
# 
loop_
_pdbx_unobs_or_zero_occ_atoms.id 
_pdbx_unobs_or_zero_occ_atoms.PDB_model_num 
_pdbx_unobs_or_zero_occ_atoms.polymer_flag 
_pdbx_unobs_or_zero_occ_atoms.occupancy_flag 
_pdbx_unobs_or_zero_occ_atoms.auth_asym_id 
_pdbx_unobs_or_zero_occ_atoms.auth_comp_id 
_pdbx_unobs_or_zero_occ_atoms.auth_seq_id 
_pdbx_unobs_or_zero_occ_atoms.PDB_ins_code 
_pdbx_unobs_or_zero_occ_atoms.auth_atom_id 
_pdbx_unobs_or_zero_occ_atoms.label_alt_id 
_pdbx_unobs_or_zero_occ_atoms.label_asym_id 
_pdbx_unobs_or_zero_occ_atoms.label_comp_id 
_pdbx_unobs_or_zero_occ_atoms.label_seq_id 
_pdbx_unobs_or_zero_occ_atoms.label_atom_id 
1 1 N 1 A AP2 200 ? PB  ? B AP2 1 PB  
2 1 N 1 A AP2 200 ? O1B ? B AP2 1 O1B 
3 1 N 1 A AP2 200 ? O2B ? B AP2 1 O2B 
4 1 N 1 A AP2 200 ? O3B ? B AP2 1 O3B 
# 
loop_
_software.name 
_software.classification 
_software.version 
_software.citation_id 
_software.pdbx_ordinal 
X-PLOR    'model building' 3.1 ? 1 
X-PLOR    refinement       3.1 ? 2 
MADNES    'data reduction' .   ? 3 
XDS       'data scaling'   .   ? 4 
SCALEPACK 'data scaling'   .   ? 5 
X-PLOR    phasing          3.1 ? 6 
# 
_cell.entry_id           5FIT 
_cell.length_a           50.640 
_cell.length_b           50.640 
_cell.length_c           267.520 
_cell.angle_alpha        90.00 
_cell.angle_beta         90.00 
_cell.angle_gamma        120.00 
_cell.Z_PDB              12 
_cell.pdbx_unique_axis   ? 
# 
_symmetry.entry_id                         5FIT 
_symmetry.space_group_name_H-M             'P 61 2 2' 
_symmetry.pdbx_full_space_group_name_H-M   ? 
_symmetry.cell_setting                     ? 
_symmetry.Int_Tables_number                178 
# 
_exptl.entry_id          5FIT 
_exptl.method            'X-RAY DIFFRACTION' 
_exptl.crystals_number   1 
# 
_exptl_crystal.id                    1 
_exptl_crystal.density_meas          ? 
_exptl_crystal.density_Matthews      2.91 
_exptl_crystal.density_percent_sol   57.79 
_exptl_crystal.description           ? 
# 
_exptl_crystal_grow.crystal_id      1 
_exptl_crystal_grow.method          ? 
_exptl_crystal_grow.temp            ? 
_exptl_crystal_grow.temp_details    ? 
_exptl_crystal_grow.pH              6.5 
_exptl_crystal_grow.pdbx_pH_range   ? 
_exptl_crystal_grow.pdbx_details    'GROWN FROM AMMONIUM SULFATE, PH 6.5' 
# 
_diffrn.id                     1 
_diffrn.ambient_temp           110 
_diffrn.ambient_temp_details   ? 
_diffrn.crystal_id             1 
# 
_diffrn_detector.diffrn_id              1 
_diffrn_detector.detector               CCD 
_diffrn_detector.type                   CUSTOM-MADE 
_diffrn_detector.pdbx_collection_date   1996-09-08 
_diffrn_detector.details                ? 
# 
_diffrn_radiation.diffrn_id                        1 
_diffrn_radiation.wavelength_id                    1 
_diffrn_radiation.pdbx_monochromatic_or_laue_m_l   M 
_diffrn_radiation.monochromator                    ? 
_diffrn_radiation.pdbx_diffrn_protocol             ? 
_diffrn_radiation.pdbx_scattering_type             x-ray 
# 
_diffrn_radiation_wavelength.id           1 
_diffrn_radiation_wavelength.wavelength   1.0036 
_diffrn_radiation_wavelength.wt           1.0 
# 
_diffrn_source.diffrn_id                   1 
_diffrn_source.source                      SYNCHROTRON 
_diffrn_source.type                        'APS BEAMLINE 19-ID' 
_diffrn_source.pdbx_synchrotron_site       APS 
_diffrn_source.pdbx_synchrotron_beamline   19-ID 
_diffrn_source.pdbx_wavelength             1.0036 
_diffrn_source.pdbx_wavelength_list        ? 
# 
_reflns.entry_id                     5FIT 
_reflns.observed_criterion_sigma_I   2. 
_reflns.observed_criterion_sigma_F   ? 
_reflns.d_resolution_low             20.0 
_reflns.d_resolution_high            2.3 
_reflns.number_obs                   17347 
_reflns.number_all                   ? 
_reflns.percent_possible_obs         95.7 
_reflns.pdbx_Rmerge_I_obs            0.0330000 
_reflns.pdbx_Rsym_value              ? 
_reflns.pdbx_netI_over_sigmaI        ? 
_reflns.B_iso_Wilson_estimate        ? 
_reflns.pdbx_redundancy              3.5 
_reflns.pdbx_diffrn_id               1 
_reflns.pdbx_ordinal                 1 
# 
_refine.entry_id                                 5FIT 
_refine.ls_number_reflns_obs                     16087 
_refine.ls_number_reflns_all                     ? 
_refine.pdbx_ls_sigma_I                          ? 
_refine.pdbx_ls_sigma_F                          2. 
_refine.pdbx_data_cutoff_high_absF               100000. 
_refine.pdbx_data_cutoff_low_absF                0.1 
_refine.pdbx_data_cutoff_high_rms_absF           ? 
_refine.ls_d_res_low                             8. 
_refine.ls_d_res_high                            2.3 
_refine.ls_percent_reflns_obs                    95.9 
_refine.ls_R_factor_obs                          0.2260000 
_refine.ls_R_factor_all                          ? 
_refine.ls_R_factor_R_work                       0.2260000 
_refine.ls_R_factor_R_free                       0.2580000 
_refine.ls_R_factor_R_free_error                 ? 
_refine.ls_R_factor_R_free_error_details         ? 
_refine.ls_percent_reflns_R_free                 5.00 
_refine.ls_number_reflns_R_free                  ? 
_refine.ls_number_parameters                     ? 
_refine.ls_number_restraints                     ? 
_refine.occupancy_min                            ? 
_refine.occupancy_max                            ? 
_refine.B_iso_mean                               30.3 
_refine.aniso_B[1][1]                            ? 
_refine.aniso_B[2][2]                            ? 
_refine.aniso_B[3][3]                            ? 
_refine.aniso_B[1][2]                            ? 
_refine.aniso_B[1][3]                            ? 
_refine.aniso_B[2][3]                            ? 
_refine.solvent_model_details                    ? 
_refine.solvent_model_param_ksol                 ? 
_refine.solvent_model_param_bsol                 ? 
_refine.pdbx_ls_cross_valid_method               ? 
_refine.details                                  ? 
_refine.pdbx_starting_model                      ? 
_refine.pdbx_method_to_determine_struct          ? 
_refine.pdbx_isotropic_thermal_model             ? 
_refine.pdbx_stereochemistry_target_values       ? 
_refine.pdbx_stereochem_target_val_spec_case     ? 
_refine.pdbx_R_Free_selection_details            ? 
_refine.pdbx_overall_ESU_R                       ? 
_refine.pdbx_overall_ESU_R_Free                  ? 
_refine.overall_SU_ML                            ? 
_refine.overall_SU_B                             ? 
_refine.pdbx_refine_id                           'X-RAY DIFFRACTION' 
_refine.pdbx_diffrn_id                           1 
_refine.pdbx_TLS_residual_ADP_flag               ? 
_refine.correlation_coeff_Fo_to_Fc               ? 
_refine.correlation_coeff_Fo_to_Fc_free          ? 
_refine.pdbx_solvent_vdw_probe_radii             ? 
_refine.pdbx_solvent_ion_probe_radii             ? 
_refine.pdbx_solvent_shrinkage_radii             ? 
_refine.pdbx_overall_phase_error                 ? 
_refine.overall_SU_R_Cruickshank_DPI             ? 
_refine.pdbx_overall_SU_R_free_Cruickshank_DPI   ? 
_refine.pdbx_overall_SU_R_Blow_DPI               ? 
_refine.pdbx_overall_SU_R_free_Blow_DPI          ? 
# 
_refine_hist.pdbx_refine_id                   'X-RAY DIFFRACTION' 
_refine_hist.cycle_id                         LAST 
_refine_hist.pdbx_number_atoms_protein        1005 
_refine_hist.pdbx_number_atoms_nucleic_acid   23 
_refine_hist.pdbx_number_atoms_ligand         0 
_refine_hist.number_atoms_solvent             54 
_refine_hist.number_atoms_total               1082 
_refine_hist.d_res_high                       2.3 
_refine_hist.d_res_low                        8. 
# 
loop_
_refine_ls_restr.type 
_refine_ls_restr.dev_ideal 
_refine_ls_restr.dev_ideal_target 
_refine_ls_restr.weight 
_refine_ls_restr.number 
_refine_ls_restr.pdbx_refine_id 
_refine_ls_restr.pdbx_restraint_function 
x_bond_d                0.02  ? ? ? 'X-RAY DIFFRACTION' ? 
x_bond_d_na             ?     ? ? ? 'X-RAY DIFFRACTION' ? 
x_bond_d_prot           ?     ? ? ? 'X-RAY DIFFRACTION' ? 
x_angle_d               ?     ? ? ? 'X-RAY DIFFRACTION' ? 
x_angle_d_na            ?     ? ? ? 'X-RAY DIFFRACTION' ? 
x_angle_d_prot          ?     ? ? ? 'X-RAY DIFFRACTION' ? 
x_angle_deg             2.10  ? ? ? 'X-RAY DIFFRACTION' ? 
x_angle_deg_na          ?     ? ? ? 'X-RAY DIFFRACTION' ? 
x_angle_deg_prot        ?     ? ? ? 'X-RAY DIFFRACTION' ? 
x_dihedral_angle_d      25.60 ? ? ? 'X-RAY DIFFRACTION' ? 
x_dihedral_angle_d_na   ?     ? ? ? 'X-RAY DIFFRACTION' ? 
x_dihedral_angle_d_prot ?     ? ? ? 'X-RAY DIFFRACTION' ? 
x_improper_angle_d      1.75  ? ? ? 'X-RAY DIFFRACTION' ? 
x_improper_angle_d_na   ?     ? ? ? 'X-RAY DIFFRACTION' ? 
x_improper_angle_d_prot ?     ? ? ? 'X-RAY DIFFRACTION' ? 
x_mcbond_it             ?     ? ? ? 'X-RAY DIFFRACTION' ? 
x_mcangle_it            ?     ? ? ? 'X-RAY DIFFRACTION' ? 
x_scbond_it             ?     ? ? ? 'X-RAY DIFFRACTION' ? 
x_scangle_it            ?     ? ? ? 'X-RAY DIFFRACTION' ? 
# 
_struct.entry_id                  5FIT 
_struct.title                     'FHIT-SUBSTRATE ANALOG' 
_struct.pdbx_model_details        ? 
_struct.pdbx_CASP_flag            ? 
_struct.pdbx_model_type_details   ? 
# 
_struct_keywords.entry_id        5FIT 
_struct_keywords.pdbx_keywords   HYDROLASE 
_struct_keywords.text            
;HYDROLASE, FRAGILE HISTIDINE TRIAD PROTEIN, FHIT, PUTATIVE TUMOR SUPPRESSOR, HIT PROTEIN FAMILY, HISTIDINE TRIAD PROTEIN FAMILY, NUCLEOTIDYL HYDROLASE, NUCLEOTIDYL TRANSFERASE
;
# 
loop_
_struct_asym.id 
_struct_asym.pdbx_blank_PDB_chainid_flag 
_struct_asym.pdbx_modified 
_struct_asym.entity_id 
_struct_asym.details 
A N N 1 ? 
B N N 2 ? 
C N N 3 ? 
# 
_struct_ref.id                         1 
_struct_ref.db_name                    UNP 
_struct_ref.db_code                    FHIT_HUMAN 
_struct_ref.entity_id                  1 
_struct_ref.pdbx_db_accession          P49789 
_struct_ref.pdbx_align_begin           1 
_struct_ref.pdbx_seq_one_letter_code   
;MSFRFGQHLIKPSVVFLKTELSFALVNRKPVVPGHVLVCPLRPVERFHDLRPDEVADLFQTTQRVGTVVEKHFHGTSLTF
SMQDGPEAGQTVKHVHVHVLPRKAGDFHRNDSIYEELQKHDKEDFPASWRSEEEMAAEAAALRVYFQ
;
_struct_ref.pdbx_db_isoform            ? 
# 
_struct_ref_seq.align_id                      1 
_struct_ref_seq.ref_id                        1 
_struct_ref_seq.pdbx_PDB_id_code              5FIT 
_struct_ref_seq.pdbx_strand_id                A 
_struct_ref_seq.seq_align_beg                 1 
_struct_ref_seq.pdbx_seq_align_beg_ins_code   ? 
_struct_ref_seq.seq_align_end                 147 
_struct_ref_seq.pdbx_seq_align_end_ins_code   ? 
_struct_ref_seq.pdbx_db_accession             P49789 
_struct_ref_seq.db_align_beg                  1 
_struct_ref_seq.pdbx_db_align_beg_ins_code    ? 
_struct_ref_seq.db_align_end                  147 
_struct_ref_seq.pdbx_db_align_end_ins_code    ? 
_struct_ref_seq.pdbx_auth_seq_align_beg       1 
_struct_ref_seq.pdbx_auth_seq_align_end       147 
# 
loop_
_struct_ref_seq_dif.align_id 
_struct_ref_seq_dif.pdbx_pdb_id_code 
_struct_ref_seq_dif.mon_id 
_struct_ref_seq_dif.pdbx_pdb_strand_id 
_struct_ref_seq_dif.seq_num 
_struct_ref_seq_dif.pdbx_pdb_ins_code 
_struct_ref_seq_dif.pdbx_seq_db_name 
_struct_ref_seq_dif.pdbx_seq_db_accession_code 
_struct_ref_seq_dif.db_mon_id 
_struct_ref_seq_dif.pdbx_seq_db_seq_num 
_struct_ref_seq_dif.details 
_struct_ref_seq_dif.pdbx_auth_seq_num 
_struct_ref_seq_dif.pdbx_ordinal 
1 5FIT MSE A 82  ? UNP P49789 MET 82  'modified residue' 82  1 
1 5FIT MSE A 135 ? UNP P49789 MET 135 'modified residue' 135 2 
# 
_pdbx_struct_assembly.id                   1 
_pdbx_struct_assembly.details              author_defined_assembly 
_pdbx_struct_assembly.method_details       ? 
_pdbx_struct_assembly.oligomeric_details   dimeric 
_pdbx_struct_assembly.oligomeric_count     2 
# 
_pdbx_struct_assembly_gen.assembly_id       1 
_pdbx_struct_assembly_gen.oper_expression   1,2 
_pdbx_struct_assembly_gen.asym_id_list      A,B,C 
# 
loop_
_pdbx_struct_oper_list.id 
_pdbx_struct_oper_list.type 
_pdbx_struct_oper_list.name 
_pdbx_struct_oper_list.symmetry_operation 
_pdbx_struct_oper_list.matrix[1][1] 
_pdbx_struct_oper_list.matrix[1][2] 
_pdbx_struct_oper_list.matrix[1][3] 
_pdbx_struct_oper_list.vector[1] 
_pdbx_struct_oper_list.matrix[2][1] 
_pdbx_struct_oper_list.matrix[2][2] 
_pdbx_struct_oper_list.matrix[2][3] 
_pdbx_struct_oper_list.vector[2] 
_pdbx_struct_oper_list.matrix[3][1] 
_pdbx_struct_oper_list.matrix[3][2] 
_pdbx_struct_oper_list.matrix[3][3] 
_pdbx_struct_oper_list.vector[3] 
1 'identity operation'         1_555  x,y,z        1.0000000000  0.0000000000 0.0000000000  0.0000000000 0.0000000000 1.0000000000  0.0000000000  0.0000000000  0.0000000000  0.0000000000  1.0000000000 0.0000000000 
2 'crystal symmetry operation' 12_555 x,x-y,-z+1/6 -0.7659924354 0.0927007815 -0.6361306109 8.1361801648 0.0927007815 -0.9632771064 -0.2519995661 21.0229589120 -0.6361306109 -0.2519995661 0.7292695418 6.0565744844 
# 
_struct_biol.id   1 
# 
loop_
_struct_conf.conf_type_id 
_struct_conf.id 
_struct_conf.pdbx_PDB_helix_id 
_struct_conf.beg_label_comp_id 
_struct_conf.beg_label_asym_id 
_struct_conf.beg_label_seq_id 
_struct_conf.pdbx_beg_PDB_ins_code 
_struct_conf.end_label_comp_id 
_struct_conf.end_label_asym_id 
_struct_conf.end_label_seq_id 
_struct_conf.pdbx_end_PDB_ins_code 
_struct_conf.beg_auth_comp_id 
_struct_conf.beg_auth_asym_id 
_struct_conf.beg_auth_seq_id 
_struct_conf.end_auth_comp_id 
_struct_conf.end_auth_asym_id 
_struct_conf.end_auth_seq_id 
_struct_conf.pdbx_PDB_helix_class 
_struct_conf.details 
_struct_conf.pdbx_PDB_helix_length 
HELX_P HELX_P1 1 PRO A 12  ? VAL A 14  ? PRO A 12  VAL A 14  5 ? 3  
HELX_P HELX_P2 2 PHE A 47  ? ASP A 49  ? PHE A 47  ASP A 49  5 ? 3  
HELX_P HELX_P3 3 PRO A 52  ? HIS A 72  ? PRO A 52  HIS A 72  1 ? 21 
HELX_P HELX_P4 4 PRO A 86  ? ALA A 88  ? PRO A 86  ALA A 88  5 ? 3  
HELX_P HELX_P5 5 GLU A 132 ? TYR A 145 ? GLU A 132 TYR A 145 5 ? 14 
# 
_struct_conf_type.id          HELX_P 
_struct_conf_type.criteria    ? 
_struct_conf_type.reference   ? 
# 
loop_
_struct_conn.id 
_struct_conn.conn_type_id 
_struct_conn.pdbx_leaving_atom_flag 
_struct_conn.pdbx_PDB_id 
_struct_conn.ptnr1_label_asym_id 
_struct_conn.ptnr1_label_comp_id 
_struct_conn.ptnr1_label_seq_id 
_struct_conn.ptnr1_label_atom_id 
_struct_conn.pdbx_ptnr1_label_alt_id 
_struct_conn.pdbx_ptnr1_PDB_ins_code 
_struct_conn.pdbx_ptnr1_standard_comp_id 
_struct_conn.ptnr1_symmetry 
_struct_conn.ptnr2_label_asym_id 
_struct_conn.ptnr2_label_comp_id 
_struct_conn.ptnr2_label_seq_id 
_struct_conn.ptnr2_label_atom_id 
_struct_conn.pdbx_ptnr2_label_alt_id 
_struct_conn.pdbx_ptnr2_PDB_ins_code 
_struct_conn.ptnr1_auth_asym_id 
_struct_conn.ptnr1_auth_comp_id 
_struct_conn.ptnr1_auth_seq_id 
_struct_conn.ptnr2_auth_asym_id 
_struct_conn.ptnr2_auth_comp_id 
_struct_conn.ptnr2_auth_seq_id 
_struct_conn.ptnr2_symmetry 
_struct_conn.pdbx_ptnr3_label_atom_id 
_struct_conn.pdbx_ptnr3_label_seq_id 
_struct_conn.pdbx_ptnr3_label_comp_id 
_struct_conn.pdbx_ptnr3_label_asym_id 
_struct_conn.pdbx_ptnr3_label_alt_id 
_struct_conn.pdbx_ptnr3_PDB_ins_code 
_struct_conn.details 
_struct_conn.pdbx_dist_value 
_struct_conn.pdbx_value_order 
_struct_conn.pdbx_role 
covale1 covale both ? A SER 81  C ? ? ? 1_555 A MSE 82  N ? ? A SER 81  A MSE 82  1_555 ? ? ? ? ? ? ? 1.319 ? ? 
covale2 covale both ? A MSE 82  C ? ? ? 1_555 A GLN 83  N ? ? A MSE 82  A GLN 83  1_555 ? ? ? ? ? ? ? 1.325 ? ? 
covale3 covale both ? A GLU 134 C ? ? ? 1_555 A MSE 135 N ? ? A GLU 134 A MSE 135 1_555 ? ? ? ? ? ? ? 1.332 ? ? 
covale4 covale both ? A MSE 135 C ? ? ? 1_555 A ALA 136 N ? ? A MSE 135 A ALA 136 1_555 ? ? ? ? ? ? ? 1.321 ? ? 
# 
_struct_conn_type.id          covale 
_struct_conn_type.criteria    ? 
_struct_conn_type.reference   ? 
# 
loop_
_pdbx_modification_feature.ordinal 
_pdbx_modification_feature.label_comp_id 
_pdbx_modification_feature.label_asym_id 
_pdbx_modification_feature.label_seq_id 
_pdbx_modification_feature.label_alt_id 
_pdbx_modification_feature.modified_residue_label_comp_id 
_pdbx_modification_feature.modified_residue_label_asym_id 
_pdbx_modification_feature.modified_residue_label_seq_id 
_pdbx_modification_feature.modified_residue_label_alt_id 
_pdbx_modification_feature.auth_comp_id 
_pdbx_modification_feature.auth_asym_id 
_pdbx_modification_feature.auth_seq_id 
_pdbx_modification_feature.PDB_ins_code 
_pdbx_modification_feature.symmetry 
_pdbx_modification_feature.modified_residue_auth_comp_id 
_pdbx_modification_feature.modified_residue_auth_asym_id 
_pdbx_modification_feature.modified_residue_auth_seq_id 
_pdbx_modification_feature.modified_residue_PDB_ins_code 
_pdbx_modification_feature.modified_residue_symmetry 
_pdbx_modification_feature.comp_id_linking_atom 
_pdbx_modification_feature.modified_residue_id_linking_atom 
_pdbx_modification_feature.modified_residue_id 
_pdbx_modification_feature.ref_pcm_id 
_pdbx_modification_feature.ref_comp_id 
_pdbx_modification_feature.type 
_pdbx_modification_feature.category 
1 MSE A 82  ? . . . . MSE A 82  ? 1_555 . . . . . . . MET 1 MSE Selenomethionine 'Named protein modification' 
2 MSE A 135 ? . . . . MSE A 135 ? 1_555 . . . . . . . MET 1 MSE Selenomethionine 'Named protein modification' 
# 
loop_
_struct_sheet.id 
_struct_sheet.type 
_struct_sheet.number_strands 
_struct_sheet.details 
A ? 2 ? 
B ? 5 ? 
# 
loop_
_struct_sheet_order.sheet_id 
_struct_sheet_order.range_id_1 
_struct_sheet_order.range_id_2 
_struct_sheet_order.offset 
_struct_sheet_order.sense 
A 1 2 ? anti-parallel 
B 1 2 ? anti-parallel 
B 2 3 ? anti-parallel 
B 3 4 ? anti-parallel 
B 4 5 ? anti-parallel 
# 
loop_
_struct_sheet_range.sheet_id 
_struct_sheet_range.id 
_struct_sheet_range.beg_label_comp_id 
_struct_sheet_range.beg_label_asym_id 
_struct_sheet_range.beg_label_seq_id 
_struct_sheet_range.pdbx_beg_PDB_ins_code 
_struct_sheet_range.end_label_comp_id 
_struct_sheet_range.end_label_asym_id 
_struct_sheet_range.end_label_seq_id 
_struct_sheet_range.pdbx_end_PDB_ins_code 
_struct_sheet_range.beg_auth_comp_id 
_struct_sheet_range.beg_auth_asym_id 
_struct_sheet_range.beg_auth_seq_id 
_struct_sheet_range.end_auth_comp_id 
_struct_sheet_range.end_auth_asym_id 
_struct_sheet_range.end_auth_seq_id 
A 1 PHE A 3  ? PHE A 5   ? PHE A 3  PHE A 5   
A 2 HIS A 8  ? ILE A 10  ? HIS A 8  ILE A 10  
B 1 SER A 77 ? SER A 81  ? SER A 77 SER A 81  
B 2 HIS A 96 ? ARG A 102 ? HIS A 96 ARG A 102 
B 3 VAL A 36 ? PRO A 40  ? VAL A 36 PRO A 40  
B 4 SER A 22 ? VAL A 26  ? SER A 22 VAL A 26  
B 5 VAL A 15 ? LYS A 18  ? VAL A 15 LYS A 18  
# 
loop_
_pdbx_struct_sheet_hbond.sheet_id 
_pdbx_struct_sheet_hbond.range_id_1 
_pdbx_struct_sheet_hbond.range_id_2 
_pdbx_struct_sheet_hbond.range_1_label_atom_id 
_pdbx_struct_sheet_hbond.range_1_label_comp_id 
_pdbx_struct_sheet_hbond.range_1_label_asym_id 
_pdbx_struct_sheet_hbond.range_1_label_seq_id 
_pdbx_struct_sheet_hbond.range_1_PDB_ins_code 
_pdbx_struct_sheet_hbond.range_1_auth_atom_id 
_pdbx_struct_sheet_hbond.range_1_auth_comp_id 
_pdbx_struct_sheet_hbond.range_1_auth_asym_id 
_pdbx_struct_sheet_hbond.range_1_auth_seq_id 
_pdbx_struct_sheet_hbond.range_2_label_atom_id 
_pdbx_struct_sheet_hbond.range_2_label_comp_id 
_pdbx_struct_sheet_hbond.range_2_label_asym_id 
_pdbx_struct_sheet_hbond.range_2_label_seq_id 
_pdbx_struct_sheet_hbond.range_2_PDB_ins_code 
_pdbx_struct_sheet_hbond.range_2_auth_atom_id 
_pdbx_struct_sheet_hbond.range_2_auth_comp_id 
_pdbx_struct_sheet_hbond.range_2_auth_asym_id 
_pdbx_struct_sheet_hbond.range_2_auth_seq_id 
A 1 2 O PHE A 3  ? O PHE A 3  N ILE A 10  ? N ILE A 10  
B 1 2 O SER A 77 ? O SER A 77 N ARG A 102 ? N ARG A 102 
B 2 3 O VAL A 97 ? O VAL A 97 N VAL A 38  ? N VAL A 38  
B 3 4 O LEU A 37 ? O LEU A 37 N LEU A 25  ? N LEU A 25  
B 4 5 O ALA A 24 ? O ALA A 24 N LEU A 17  ? N LEU A 17  
# 
loop_
_struct_site.id 
_struct_site.pdbx_evidence_code 
_struct_site.pdbx_auth_asym_id 
_struct_site.pdbx_auth_comp_id 
_struct_site.pdbx_auth_seq_id 
_struct_site.pdbx_auth_ins_code 
_struct_site.pdbx_num_residues 
_struct_site.details 
HNE Unknown  ? ?   ?   ? 3  'HISTIDINE TRIAD FOR WHICH THIS FAMILY WAS NAMED.' 
AVE Unknown  ? ?   ?   ? 1  
'ACTIVE SITE HISTIDINE RESPONSIBLE FOR FORMING THE TRANSIENT NUCLEOTIDYL PHOSPHOHISTIDYL ENZYME INTERMEDIATE DURING CATALYSIS.' 
AC1 Software A AP2 200 ? 16 'BINDING SITE FOR RESIDUE AP2 A 200' 
# 
loop_
_struct_site_gen.id 
_struct_site_gen.site_id 
_struct_site_gen.pdbx_num_res 
_struct_site_gen.label_comp_id 
_struct_site_gen.label_asym_id 
_struct_site_gen.label_seq_id 
_struct_site_gen.pdbx_auth_ins_code 
_struct_site_gen.auth_comp_id 
_struct_site_gen.auth_asym_id 
_struct_site_gen.auth_seq_id 
_struct_site_gen.label_atom_id 
_struct_site_gen.label_alt_id 
_struct_site_gen.symmetry 
_struct_site_gen.details 
1  HNE 3  HIS A 35 ? HIS A 35  . ? 1_555 ? 
2  HNE 3  HIS A 96 ? HIS A 96  . ? 1_555 ? 
3  HNE 3  HIS A 98 ? HIS A 98  . ? 1_555 ? 
4  AVE 1  HIS A 96 ? HIS A 96  . ? 1_555 ? 
5  AC1 16 HIS A 8  ? HIS A 8   . ? 1_555 ? 
6  AC1 16 LEU A 25 ? LEU A 25  . ? 1_555 ? 
7  AC1 16 VAL A 26 ? VAL A 26  . ? 1_555 ? 
8  AC1 16 ASN A 27 ? ASN A 27  . ? 1_555 ? 
9  AC1 16 ARG A 28 ? ARG A 28  . ? 1_555 ? 
10 AC1 16 LYS A 29 ? LYS A 29  . ? 1_555 ? 
11 AC1 16 HIS A 35 ? HIS A 35  . ? 1_555 ? 
12 AC1 16 LEU A 37 ? LEU A 37  . ? 1_555 ? 
13 AC1 16 GLN A 83 ? GLN A 83  . ? 1_555 ? 
14 AC1 16 GLY A 89 ? GLY A 89  . ? 1_555 ? 
15 AC1 16 THR A 91 ? THR A 91  . ? 1_555 ? 
16 AC1 16 VAL A 92 ? VAL A 92  . ? 1_555 ? 
17 AC1 16 HIS A 96 ? HIS A 96  . ? 1_555 ? 
18 AC1 16 HIS A 98 ? HIS A 98  . ? 1_555 ? 
19 AC1 16 HOH C .  ? HOH A 249 . ? 1_555 ? 
20 AC1 16 HOH C .  ? HOH A 254 . ? 1_555 ? 
# 
_pdbx_entry_details.entry_id                   5FIT 
_pdbx_entry_details.compound_details           ? 
_pdbx_entry_details.source_details             ? 
_pdbx_entry_details.nonpolymer_details         ? 
_pdbx_entry_details.sequence_details           ? 
_pdbx_entry_details.has_ligand_of_interest     ? 
_pdbx_entry_details.has_protein_modification   Y 
# 
loop_
_pdbx_validate_rmsd_bond.id 
_pdbx_validate_rmsd_bond.PDB_model_num 
_pdbx_validate_rmsd_bond.auth_atom_id_1 
_pdbx_validate_rmsd_bond.auth_asym_id_1 
_pdbx_validate_rmsd_bond.auth_comp_id_1 
_pdbx_validate_rmsd_bond.auth_seq_id_1 
_pdbx_validate_rmsd_bond.PDB_ins_code_1 
_pdbx_validate_rmsd_bond.label_alt_id_1 
_pdbx_validate_rmsd_bond.auth_atom_id_2 
_pdbx_validate_rmsd_bond.auth_asym_id_2 
_pdbx_validate_rmsd_bond.auth_comp_id_2 
_pdbx_validate_rmsd_bond.auth_seq_id_2 
_pdbx_validate_rmsd_bond.PDB_ins_code_2 
_pdbx_validate_rmsd_bond.label_alt_id_2 
_pdbx_validate_rmsd_bond.bond_value 
_pdbx_validate_rmsd_bond.bond_target_value 
_pdbx_validate_rmsd_bond.bond_deviation 
_pdbx_validate_rmsd_bond.bond_standard_deviation 
_pdbx_validate_rmsd_bond.linker_flag 
1 1 CB A CYS 39 ? ? SG A CYS 39 ? ? 1.707 1.812 -0.105 0.016 N 
2 1 SE A MSE 82 ? ? CE A MSE 82 ? ? 1.576 1.950 -0.374 0.059 N 
# 
loop_
_pdbx_validate_torsion.id 
_pdbx_validate_torsion.PDB_model_num 
_pdbx_validate_torsion.auth_comp_id 
_pdbx_validate_torsion.auth_asym_id 
_pdbx_validate_torsion.auth_seq_id 
_pdbx_validate_torsion.PDB_ins_code 
_pdbx_validate_torsion.label_alt_id 
_pdbx_validate_torsion.phi 
_pdbx_validate_torsion.psi 
1 1 THR A 19 ? ? -106.83 -164.94 
2 1 THR A 91 ? ? -90.45  -61.99  
# 
loop_
_pdbx_struct_mod_residue.id 
_pdbx_struct_mod_residue.label_asym_id 
_pdbx_struct_mod_residue.label_comp_id 
_pdbx_struct_mod_residue.label_seq_id 
_pdbx_struct_mod_residue.auth_asym_id 
_pdbx_struct_mod_residue.auth_comp_id 
_pdbx_struct_mod_residue.auth_seq_id 
_pdbx_struct_mod_residue.PDB_ins_code 
_pdbx_struct_mod_residue.parent_comp_id 
_pdbx_struct_mod_residue.details 
1 A MSE 82  A MSE 82  ? MET SELENOMETHIONINE 
2 A MSE 135 A MSE 135 ? MET SELENOMETHIONINE 
# 
loop_
_pdbx_unobs_or_zero_occ_residues.id 
_pdbx_unobs_or_zero_occ_residues.PDB_model_num 
_pdbx_unobs_or_zero_occ_residues.polymer_flag 
_pdbx_unobs_or_zero_occ_residues.occupancy_flag 
_pdbx_unobs_or_zero_occ_residues.auth_asym_id 
_pdbx_unobs_or_zero_occ_residues.auth_comp_id 
_pdbx_unobs_or_zero_occ_residues.auth_seq_id 
_pdbx_unobs_or_zero_occ_residues.PDB_ins_code 
_pdbx_unobs_or_zero_occ_residues.label_asym_id 
_pdbx_unobs_or_zero_occ_residues.label_comp_id 
_pdbx_unobs_or_zero_occ_residues.label_seq_id 
1  1 Y 1 A MET 1   ? A MET 1   
2  1 Y 1 A PHE 107 ? A PHE 107 
3  1 Y 1 A HIS 108 ? A HIS 108 
4  1 Y 1 A ARG 109 ? A ARG 109 
5  1 Y 1 A ASN 110 ? A ASN 110 
6  1 Y 1 A ASP 111 ? A ASP 111 
7  1 Y 1 A SER 112 ? A SER 112 
8  1 Y 1 A ILE 113 ? A ILE 113 
9  1 Y 1 A TYR 114 ? A TYR 114 
10 1 Y 1 A GLU 115 ? A GLU 115 
11 1 Y 1 A GLU 116 ? A GLU 116 
12 1 Y 1 A LEU 117 ? A LEU 117 
13 1 Y 1 A GLN 118 ? A GLN 118 
14 1 Y 1 A LYS 119 ? A LYS 119 
15 1 Y 1 A HIS 120 ? A HIS 120 
16 1 Y 1 A ASP 121 ? A ASP 121 
17 1 Y 1 A LYS 122 ? A LYS 122 
18 1 Y 1 A GLU 123 ? A GLU 123 
19 1 Y 1 A ASP 124 ? A ASP 124 
20 1 Y 1 A PHE 125 ? A PHE 125 
21 1 Y 1 A PRO 126 ? A PRO 126 
# 
loop_
_chem_comp_atom.comp_id 
_chem_comp_atom.atom_id 
_chem_comp_atom.type_symbol 
_chem_comp_atom.pdbx_aromatic_flag 
_chem_comp_atom.pdbx_stereo_config 
_chem_comp_atom.pdbx_ordinal 
ALA N      N  N N 1   
ALA CA     C  N S 2   
ALA C      C  N N 3   
ALA O      O  N N 4   
ALA CB     C  N N 5   
ALA OXT    O  N N 6   
ALA H      H  N N 7   
ALA H2     H  N N 8   
ALA HA     H  N N 9   
ALA HB1    H  N N 10  
ALA HB2    H  N N 11  
ALA HB3    H  N N 12  
ALA HXT    H  N N 13  
AP2 PB     P  N N 14  
AP2 O1B    O  N N 15  
AP2 O2B    O  N N 16  
AP2 O3B    O  N N 17  
AP2 C3A    C  N N 18  
AP2 PA     P  N R 19  
AP2 O1A    O  N N 20  
AP2 O2A    O  N N 21  
AP2 "O5'"  O  N N 22  
AP2 "C5'"  C  N N 23  
AP2 "C4'"  C  N R 24  
AP2 "O4'"  O  N N 25  
AP2 "C3'"  C  N S 26  
AP2 "O3'"  O  N N 27  
AP2 "C2'"  C  N R 28  
AP2 "O2'"  O  N N 29  
AP2 "C1'"  C  N R 30  
AP2 N9     N  Y N 31  
AP2 C8     C  Y N 32  
AP2 N7     N  Y N 33  
AP2 C5     C  Y N 34  
AP2 C6     C  Y N 35  
AP2 N6     N  N N 36  
AP2 N1     N  Y N 37  
AP2 C2     C  Y N 38  
AP2 N3     N  Y N 39  
AP2 C4     C  Y N 40  
AP2 HOB2   H  N N 41  
AP2 HOB3   H  N N 42  
AP2 H3A1   H  N N 43  
AP2 H3A2   H  N N 44  
AP2 HOA2   H  N N 45  
AP2 "H5'1" H  N N 46  
AP2 "H5'2" H  N N 47  
AP2 "H4'"  H  N N 48  
AP2 "H3'"  H  N N 49  
AP2 "HO3'" H  N N 50  
AP2 "H2'"  H  N N 51  
AP2 "HO2'" H  N N 52  
AP2 "H1'"  H  N N 53  
AP2 H8     H  N N 54  
AP2 HN61   H  N N 55  
AP2 HN62   H  N N 56  
AP2 H2     H  N N 57  
ARG N      N  N N 58  
ARG CA     C  N S 59  
ARG C      C  N N 60  
ARG O      O  N N 61  
ARG CB     C  N N 62  
ARG CG     C  N N 63  
ARG CD     C  N N 64  
ARG NE     N  N N 65  
ARG CZ     C  N N 66  
ARG NH1    N  N N 67  
ARG NH2    N  N N 68  
ARG OXT    O  N N 69  
ARG H      H  N N 70  
ARG H2     H  N N 71  
ARG HA     H  N N 72  
ARG HB2    H  N N 73  
ARG HB3    H  N N 74  
ARG HG2    H  N N 75  
ARG HG3    H  N N 76  
ARG HD2    H  N N 77  
ARG HD3    H  N N 78  
ARG HE     H  N N 79  
ARG HH11   H  N N 80  
ARG HH12   H  N N 81  
ARG HH21   H  N N 82  
ARG HH22   H  N N 83  
ARG HXT    H  N N 84  
ASN N      N  N N 85  
ASN CA     C  N S 86  
ASN C      C  N N 87  
ASN O      O  N N 88  
ASN CB     C  N N 89  
ASN CG     C  N N 90  
ASN OD1    O  N N 91  
ASN ND2    N  N N 92  
ASN OXT    O  N N 93  
ASN H      H  N N 94  
ASN H2     H  N N 95  
ASN HA     H  N N 96  
ASN HB2    H  N N 97  
ASN HB3    H  N N 98  
ASN HD21   H  N N 99  
ASN HD22   H  N N 100 
ASN HXT    H  N N 101 
ASP N      N  N N 102 
ASP CA     C  N S 103 
ASP C      C  N N 104 
ASP O      O  N N 105 
ASP CB     C  N N 106 
ASP CG     C  N N 107 
ASP OD1    O  N N 108 
ASP OD2    O  N N 109 
ASP OXT    O  N N 110 
ASP H      H  N N 111 
ASP H2     H  N N 112 
ASP HA     H  N N 113 
ASP HB2    H  N N 114 
ASP HB3    H  N N 115 
ASP HD2    H  N N 116 
ASP HXT    H  N N 117 
CYS N      N  N N 118 
CYS CA     C  N R 119 
CYS C      C  N N 120 
CYS O      O  N N 121 
CYS CB     C  N N 122 
CYS SG     S  N N 123 
CYS OXT    O  N N 124 
CYS H      H  N N 125 
CYS H2     H  N N 126 
CYS HA     H  N N 127 
CYS HB2    H  N N 128 
CYS HB3    H  N N 129 
CYS HG     H  N N 130 
CYS HXT    H  N N 131 
GLN N      N  N N 132 
GLN CA     C  N S 133 
GLN C      C  N N 134 
GLN O      O  N N 135 
GLN CB     C  N N 136 
GLN CG     C  N N 137 
GLN CD     C  N N 138 
GLN OE1    O  N N 139 
GLN NE2    N  N N 140 
GLN OXT    O  N N 141 
GLN H      H  N N 142 
GLN H2     H  N N 143 
GLN HA     H  N N 144 
GLN HB2    H  N N 145 
GLN HB3    H  N N 146 
GLN HG2    H  N N 147 
GLN HG3    H  N N 148 
GLN HE21   H  N N 149 
GLN HE22   H  N N 150 
GLN HXT    H  N N 151 
GLU N      N  N N 152 
GLU CA     C  N S 153 
GLU C      C  N N 154 
GLU O      O  N N 155 
GLU CB     C  N N 156 
GLU CG     C  N N 157 
GLU CD     C  N N 158 
GLU OE1    O  N N 159 
GLU OE2    O  N N 160 
GLU OXT    O  N N 161 
GLU H      H  N N 162 
GLU H2     H  N N 163 
GLU HA     H  N N 164 
GLU HB2    H  N N 165 
GLU HB3    H  N N 166 
GLU HG2    H  N N 167 
GLU HG3    H  N N 168 
GLU HE2    H  N N 169 
GLU HXT    H  N N 170 
GLY N      N  N N 171 
GLY CA     C  N N 172 
GLY C      C  N N 173 
GLY O      O  N N 174 
GLY OXT    O  N N 175 
GLY H      H  N N 176 
GLY H2     H  N N 177 
GLY HA2    H  N N 178 
GLY HA3    H  N N 179 
GLY HXT    H  N N 180 
HIS N      N  N N 181 
HIS CA     C  N S 182 
HIS C      C  N N 183 
HIS O      O  N N 184 
HIS CB     C  N N 185 
HIS CG     C  Y N 186 
HIS ND1    N  Y N 187 
HIS CD2    C  Y N 188 
HIS CE1    C  Y N 189 
HIS NE2    N  Y N 190 
HIS OXT    O  N N 191 
HIS H      H  N N 192 
HIS H2     H  N N 193 
HIS HA     H  N N 194 
HIS HB2    H  N N 195 
HIS HB3    H  N N 196 
HIS HD1    H  N N 197 
HIS HD2    H  N N 198 
HIS HE1    H  N N 199 
HIS HE2    H  N N 200 
HIS HXT    H  N N 201 
HOH O      O  N N 202 
HOH H1     H  N N 203 
HOH H2     H  N N 204 
ILE N      N  N N 205 
ILE CA     C  N S 206 
ILE C      C  N N 207 
ILE O      O  N N 208 
ILE CB     C  N S 209 
ILE CG1    C  N N 210 
ILE CG2    C  N N 211 
ILE CD1    C  N N 212 
ILE OXT    O  N N 213 
ILE H      H  N N 214 
ILE H2     H  N N 215 
ILE HA     H  N N 216 
ILE HB     H  N N 217 
ILE HG12   H  N N 218 
ILE HG13   H  N N 219 
ILE HG21   H  N N 220 
ILE HG22   H  N N 221 
ILE HG23   H  N N 222 
ILE HD11   H  N N 223 
ILE HD12   H  N N 224 
ILE HD13   H  N N 225 
ILE HXT    H  N N 226 
LEU N      N  N N 227 
LEU CA     C  N S 228 
LEU C      C  N N 229 
LEU O      O  N N 230 
LEU CB     C  N N 231 
LEU CG     C  N N 232 
LEU CD1    C  N N 233 
LEU CD2    C  N N 234 
LEU OXT    O  N N 235 
LEU H      H  N N 236 
LEU H2     H  N N 237 
LEU HA     H  N N 238 
LEU HB2    H  N N 239 
LEU HB3    H  N N 240 
LEU HG     H  N N 241 
LEU HD11   H  N N 242 
LEU HD12   H  N N 243 
LEU HD13   H  N N 244 
LEU HD21   H  N N 245 
LEU HD22   H  N N 246 
LEU HD23   H  N N 247 
LEU HXT    H  N N 248 
LYS N      N  N N 249 
LYS CA     C  N S 250 
LYS C      C  N N 251 
LYS O      O  N N 252 
LYS CB     C  N N 253 
LYS CG     C  N N 254 
LYS CD     C  N N 255 
LYS CE     C  N N 256 
LYS NZ     N  N N 257 
LYS OXT    O  N N 258 
LYS H      H  N N 259 
LYS H2     H  N N 260 
LYS HA     H  N N 261 
LYS HB2    H  N N 262 
LYS HB3    H  N N 263 
LYS HG2    H  N N 264 
LYS HG3    H  N N 265 
LYS HD2    H  N N 266 
LYS HD3    H  N N 267 
LYS HE2    H  N N 268 
LYS HE3    H  N N 269 
LYS HZ1    H  N N 270 
LYS HZ2    H  N N 271 
LYS HZ3    H  N N 272 
LYS HXT    H  N N 273 
MET N      N  N N 274 
MET CA     C  N S 275 
MET C      C  N N 276 
MET O      O  N N 277 
MET CB     C  N N 278 
MET CG     C  N N 279 
MET SD     S  N N 280 
MET CE     C  N N 281 
MET OXT    O  N N 282 
MET H      H  N N 283 
MET H2     H  N N 284 
MET HA     H  N N 285 
MET HB2    H  N N 286 
MET HB3    H  N N 287 
MET HG2    H  N N 288 
MET HG3    H  N N 289 
MET HE1    H  N N 290 
MET HE2    H  N N 291 
MET HE3    H  N N 292 
MET HXT    H  N N 293 
MSE N      N  N N 294 
MSE CA     C  N S 295 
MSE C      C  N N 296 
MSE O      O  N N 297 
MSE OXT    O  N N 298 
MSE CB     C  N N 299 
MSE CG     C  N N 300 
MSE SE     SE N N 301 
MSE CE     C  N N 302 
MSE H      H  N N 303 
MSE H2     H  N N 304 
MSE HA     H  N N 305 
MSE HXT    H  N N 306 
MSE HB2    H  N N 307 
MSE HB3    H  N N 308 
MSE HG2    H  N N 309 
MSE HG3    H  N N 310 
MSE HE1    H  N N 311 
MSE HE2    H  N N 312 
MSE HE3    H  N N 313 
PHE N      N  N N 314 
PHE CA     C  N S 315 
PHE C      C  N N 316 
PHE O      O  N N 317 
PHE CB     C  N N 318 
PHE CG     C  Y N 319 
PHE CD1    C  Y N 320 
PHE CD2    C  Y N 321 
PHE CE1    C  Y N 322 
PHE CE2    C  Y N 323 
PHE CZ     C  Y N 324 
PHE OXT    O  N N 325 
PHE H      H  N N 326 
PHE H2     H  N N 327 
PHE HA     H  N N 328 
PHE HB2    H  N N 329 
PHE HB3    H  N N 330 
PHE HD1    H  N N 331 
PHE HD2    H  N N 332 
PHE HE1    H  N N 333 
PHE HE2    H  N N 334 
PHE HZ     H  N N 335 
PHE HXT    H  N N 336 
PRO N      N  N N 337 
PRO CA     C  N S 338 
PRO C      C  N N 339 
PRO O      O  N N 340 
PRO CB     C  N N 341 
PRO CG     C  N N 342 
PRO CD     C  N N 343 
PRO OXT    O  N N 344 
PRO H      H  N N 345 
PRO HA     H  N N 346 
PRO HB2    H  N N 347 
PRO HB3    H  N N 348 
PRO HG2    H  N N 349 
PRO HG3    H  N N 350 
PRO HD2    H  N N 351 
PRO HD3    H  N N 352 
PRO HXT    H  N N 353 
SER N      N  N N 354 
SER CA     C  N S 355 
SER C      C  N N 356 
SER O      O  N N 357 
SER CB     C  N N 358 
SER OG     O  N N 359 
SER OXT    O  N N 360 
SER H      H  N N 361 
SER H2     H  N N 362 
SER HA     H  N N 363 
SER HB2    H  N N 364 
SER HB3    H  N N 365 
SER HG     H  N N 366 
SER HXT    H  N N 367 
THR N      N  N N 368 
THR CA     C  N S 369 
THR C      C  N N 370 
THR O      O  N N 371 
THR CB     C  N R 372 
THR OG1    O  N N 373 
THR CG2    C  N N 374 
THR OXT    O  N N 375 
THR H      H  N N 376 
THR H2     H  N N 377 
THR HA     H  N N 378 
THR HB     H  N N 379 
THR HG1    H  N N 380 
THR HG21   H  N N 381 
THR HG22   H  N N 382 
THR HG23   H  N N 383 
THR HXT    H  N N 384 
TRP N      N  N N 385 
TRP CA     C  N S 386 
TRP C      C  N N 387 
TRP O      O  N N 388 
TRP CB     C  N N 389 
TRP CG     C  Y N 390 
TRP CD1    C  Y N 391 
TRP CD2    C  Y N 392 
TRP NE1    N  Y N 393 
TRP CE2    C  Y N 394 
TRP CE3    C  Y N 395 
TRP CZ2    C  Y N 396 
TRP CZ3    C  Y N 397 
TRP CH2    C  Y N 398 
TRP OXT    O  N N 399 
TRP H      H  N N 400 
TRP H2     H  N N 401 
TRP HA     H  N N 402 
TRP HB2    H  N N 403 
TRP HB3    H  N N 404 
TRP HD1    H  N N 405 
TRP HE1    H  N N 406 
TRP HE3    H  N N 407 
TRP HZ2    H  N N 408 
TRP HZ3    H  N N 409 
TRP HH2    H  N N 410 
TRP HXT    H  N N 411 
TYR N      N  N N 412 
TYR CA     C  N S 413 
TYR C      C  N N 414 
TYR O      O  N N 415 
TYR CB     C  N N 416 
TYR CG     C  Y N 417 
TYR CD1    C  Y N 418 
TYR CD2    C  Y N 419 
TYR CE1    C  Y N 420 
TYR CE2    C  Y N 421 
TYR CZ     C  Y N 422 
TYR OH     O  N N 423 
TYR OXT    O  N N 424 
TYR H      H  N N 425 
TYR H2     H  N N 426 
TYR HA     H  N N 427 
TYR HB2    H  N N 428 
TYR HB3    H  N N 429 
TYR HD1    H  N N 430 
TYR HD2    H  N N 431 
TYR HE1    H  N N 432 
TYR HE2    H  N N 433 
TYR HH     H  N N 434 
TYR HXT    H  N N 435 
VAL N      N  N N 436 
VAL CA     C  N S 437 
VAL C      C  N N 438 
VAL O      O  N N 439 
VAL CB     C  N N 440 
VAL CG1    C  N N 441 
VAL CG2    C  N N 442 
VAL OXT    O  N N 443 
VAL H      H  N N 444 
VAL H2     H  N N 445 
VAL HA     H  N N 446 
VAL HB     H  N N 447 
VAL HG11   H  N N 448 
VAL HG12   H  N N 449 
VAL HG13   H  N N 450 
VAL HG21   H  N N 451 
VAL HG22   H  N N 452 
VAL HG23   H  N N 453 
VAL HXT    H  N N 454 
# 
loop_
_chem_comp_bond.comp_id 
_chem_comp_bond.atom_id_1 
_chem_comp_bond.atom_id_2 
_chem_comp_bond.value_order 
_chem_comp_bond.pdbx_aromatic_flag 
_chem_comp_bond.pdbx_stereo_config 
_chem_comp_bond.pdbx_ordinal 
ALA N     CA     sing N N 1   
ALA N     H      sing N N 2   
ALA N     H2     sing N N 3   
ALA CA    C      sing N N 4   
ALA CA    CB     sing N N 5   
ALA CA    HA     sing N N 6   
ALA C     O      doub N N 7   
ALA C     OXT    sing N N 8   
ALA CB    HB1    sing N N 9   
ALA CB    HB2    sing N N 10  
ALA CB    HB3    sing N N 11  
ALA OXT   HXT    sing N N 12  
AP2 PB    O1B    doub N N 13  
AP2 PB    O2B    sing N N 14  
AP2 PB    O3B    sing N N 15  
AP2 PB    C3A    sing N N 16  
AP2 O2B   HOB2   sing N N 17  
AP2 O3B   HOB3   sing N N 18  
AP2 C3A   PA     sing N N 19  
AP2 C3A   H3A1   sing N N 20  
AP2 C3A   H3A2   sing N N 21  
AP2 PA    O1A    doub N N 22  
AP2 PA    O2A    sing N N 23  
AP2 PA    "O5'"  sing N N 24  
AP2 O2A   HOA2   sing N N 25  
AP2 "O5'" "C5'"  sing N N 26  
AP2 "C5'" "C4'"  sing N N 27  
AP2 "C5'" "H5'1" sing N N 28  
AP2 "C5'" "H5'2" sing N N 29  
AP2 "C4'" "O4'"  sing N N 30  
AP2 "C4'" "C3'"  sing N N 31  
AP2 "C4'" "H4'"  sing N N 32  
AP2 "O4'" "C1'"  sing N N 33  
AP2 "C3'" "O3'"  sing N N 34  
AP2 "C3'" "C2'"  sing N N 35  
AP2 "C3'" "H3'"  sing N N 36  
AP2 "O3'" "HO3'" sing N N 37  
AP2 "C2'" "O2'"  sing N N 38  
AP2 "C2'" "C1'"  sing N N 39  
AP2 "C2'" "H2'"  sing N N 40  
AP2 "O2'" "HO2'" sing N N 41  
AP2 "C1'" N9     sing N N 42  
AP2 "C1'" "H1'"  sing N N 43  
AP2 N9    C8     sing Y N 44  
AP2 N9    C4     sing Y N 45  
AP2 C8    N7     doub Y N 46  
AP2 C8    H8     sing N N 47  
AP2 N7    C5     sing Y N 48  
AP2 C5    C6     sing Y N 49  
AP2 C5    C4     doub Y N 50  
AP2 C6    N6     sing N N 51  
AP2 C6    N1     doub Y N 52  
AP2 N6    HN61   sing N N 53  
AP2 N6    HN62   sing N N 54  
AP2 N1    C2     sing Y N 55  
AP2 C2    N3     doub Y N 56  
AP2 C2    H2     sing N N 57  
AP2 N3    C4     sing Y N 58  
ARG N     CA     sing N N 59  
ARG N     H      sing N N 60  
ARG N     H2     sing N N 61  
ARG CA    C      sing N N 62  
ARG CA    CB     sing N N 63  
ARG CA    HA     sing N N 64  
ARG C     O      doub N N 65  
ARG C     OXT    sing N N 66  
ARG CB    CG     sing N N 67  
ARG CB    HB2    sing N N 68  
ARG CB    HB3    sing N N 69  
ARG CG    CD     sing N N 70  
ARG CG    HG2    sing N N 71  
ARG CG    HG3    sing N N 72  
ARG CD    NE     sing N N 73  
ARG CD    HD2    sing N N 74  
ARG CD    HD3    sing N N 75  
ARG NE    CZ     sing N N 76  
ARG NE    HE     sing N N 77  
ARG CZ    NH1    sing N N 78  
ARG CZ    NH2    doub N N 79  
ARG NH1   HH11   sing N N 80  
ARG NH1   HH12   sing N N 81  
ARG NH2   HH21   sing N N 82  
ARG NH2   HH22   sing N N 83  
ARG OXT   HXT    sing N N 84  
ASN N     CA     sing N N 85  
ASN N     H      sing N N 86  
ASN N     H2     sing N N 87  
ASN CA    C      sing N N 88  
ASN CA    CB     sing N N 89  
ASN CA    HA     sing N N 90  
ASN C     O      doub N N 91  
ASN C     OXT    sing N N 92  
ASN CB    CG     sing N N 93  
ASN CB    HB2    sing N N 94  
ASN CB    HB3    sing N N 95  
ASN CG    OD1    doub N N 96  
ASN CG    ND2    sing N N 97  
ASN ND2   HD21   sing N N 98  
ASN ND2   HD22   sing N N 99  
ASN OXT   HXT    sing N N 100 
ASP N     CA     sing N N 101 
ASP N     H      sing N N 102 
ASP N     H2     sing N N 103 
ASP CA    C      sing N N 104 
ASP CA    CB     sing N N 105 
ASP CA    HA     sing N N 106 
ASP C     O      doub N N 107 
ASP C     OXT    sing N N 108 
ASP CB    CG     sing N N 109 
ASP CB    HB2    sing N N 110 
ASP CB    HB3    sing N N 111 
ASP CG    OD1    doub N N 112 
ASP CG    OD2    sing N N 113 
ASP OD2   HD2    sing N N 114 
ASP OXT   HXT    sing N N 115 
CYS N     CA     sing N N 116 
CYS N     H      sing N N 117 
CYS N     H2     sing N N 118 
CYS CA    C      sing N N 119 
CYS CA    CB     sing N N 120 
CYS CA    HA     sing N N 121 
CYS C     O      doub N N 122 
CYS C     OXT    sing N N 123 
CYS CB    SG     sing N N 124 
CYS CB    HB2    sing N N 125 
CYS CB    HB3    sing N N 126 
CYS SG    HG     sing N N 127 
CYS OXT   HXT    sing N N 128 
GLN N     CA     sing N N 129 
GLN N     H      sing N N 130 
GLN N     H2     sing N N 131 
GLN CA    C      sing N N 132 
GLN CA    CB     sing N N 133 
GLN CA    HA     sing N N 134 
GLN C     O      doub N N 135 
GLN C     OXT    sing N N 136 
GLN CB    CG     sing N N 137 
GLN CB    HB2    sing N N 138 
GLN CB    HB3    sing N N 139 
GLN CG    CD     sing N N 140 
GLN CG    HG2    sing N N 141 
GLN CG    HG3    sing N N 142 
GLN CD    OE1    doub N N 143 
GLN CD    NE2    sing N N 144 
GLN NE2   HE21   sing N N 145 
GLN NE2   HE22   sing N N 146 
GLN OXT   HXT    sing N N 147 
GLU N     CA     sing N N 148 
GLU N     H      sing N N 149 
GLU N     H2     sing N N 150 
GLU CA    C      sing N N 151 
GLU CA    CB     sing N N 152 
GLU CA    HA     sing N N 153 
GLU C     O      doub N N 154 
GLU C     OXT    sing N N 155 
GLU CB    CG     sing N N 156 
GLU CB    HB2    sing N N 157 
GLU CB    HB3    sing N N 158 
GLU CG    CD     sing N N 159 
GLU CG    HG2    sing N N 160 
GLU CG    HG3    sing N N 161 
GLU CD    OE1    doub N N 162 
GLU CD    OE2    sing N N 163 
GLU OE2   HE2    sing N N 164 
GLU OXT   HXT    sing N N 165 
GLY N     CA     sing N N 166 
GLY N     H      sing N N 167 
GLY N     H2     sing N N 168 
GLY CA    C      sing N N 169 
GLY CA    HA2    sing N N 170 
GLY CA    HA3    sing N N 171 
GLY C     O      doub N N 172 
GLY C     OXT    sing N N 173 
GLY OXT   HXT    sing N N 174 
HIS N     CA     sing N N 175 
HIS N     H      sing N N 176 
HIS N     H2     sing N N 177 
HIS CA    C      sing N N 178 
HIS CA    CB     sing N N 179 
HIS CA    HA     sing N N 180 
HIS C     O      doub N N 181 
HIS C     OXT    sing N N 182 
HIS CB    CG     sing N N 183 
HIS CB    HB2    sing N N 184 
HIS CB    HB3    sing N N 185 
HIS CG    ND1    sing Y N 186 
HIS CG    CD2    doub Y N 187 
HIS ND1   CE1    doub Y N 188 
HIS ND1   HD1    sing N N 189 
HIS CD2   NE2    sing Y N 190 
HIS CD2   HD2    sing N N 191 
HIS CE1   NE2    sing Y N 192 
HIS CE1   HE1    sing N N 193 
HIS NE2   HE2    sing N N 194 
HIS OXT   HXT    sing N N 195 
HOH O     H1     sing N N 196 
HOH O     H2     sing N N 197 
ILE N     CA     sing N N 198 
ILE N     H      sing N N 199 
ILE N     H2     sing N N 200 
ILE CA    C      sing N N 201 
ILE CA    CB     sing N N 202 
ILE CA    HA     sing N N 203 
ILE C     O      doub N N 204 
ILE C     OXT    sing N N 205 
ILE CB    CG1    sing N N 206 
ILE CB    CG2    sing N N 207 
ILE CB    HB     sing N N 208 
ILE CG1   CD1    sing N N 209 
ILE CG1   HG12   sing N N 210 
ILE CG1   HG13   sing N N 211 
ILE CG2   HG21   sing N N 212 
ILE CG2   HG22   sing N N 213 
ILE CG2   HG23   sing N N 214 
ILE CD1   HD11   sing N N 215 
ILE CD1   HD12   sing N N 216 
ILE CD1   HD13   sing N N 217 
ILE OXT   HXT    sing N N 218 
LEU N     CA     sing N N 219 
LEU N     H      sing N N 220 
LEU N     H2     sing N N 221 
LEU CA    C      sing N N 222 
LEU CA    CB     sing N N 223 
LEU CA    HA     sing N N 224 
LEU C     O      doub N N 225 
LEU C     OXT    sing N N 226 
LEU CB    CG     sing N N 227 
LEU CB    HB2    sing N N 228 
LEU CB    HB3    sing N N 229 
LEU CG    CD1    sing N N 230 
LEU CG    CD2    sing N N 231 
LEU CG    HG     sing N N 232 
LEU CD1   HD11   sing N N 233 
LEU CD1   HD12   sing N N 234 
LEU CD1   HD13   sing N N 235 
LEU CD2   HD21   sing N N 236 
LEU CD2   HD22   sing N N 237 
LEU CD2   HD23   sing N N 238 
LEU OXT   HXT    sing N N 239 
LYS N     CA     sing N N 240 
LYS N     H      sing N N 241 
LYS N     H2     sing N N 242 
LYS CA    C      sing N N 243 
LYS CA    CB     sing N N 244 
LYS CA    HA     sing N N 245 
LYS C     O      doub N N 246 
LYS C     OXT    sing N N 247 
LYS CB    CG     sing N N 248 
LYS CB    HB2    sing N N 249 
LYS CB    HB3    sing N N 250 
LYS CG    CD     sing N N 251 
LYS CG    HG2    sing N N 252 
LYS CG    HG3    sing N N 253 
LYS CD    CE     sing N N 254 
LYS CD    HD2    sing N N 255 
LYS CD    HD3    sing N N 256 
LYS CE    NZ     sing N N 257 
LYS CE    HE2    sing N N 258 
LYS CE    HE3    sing N N 259 
LYS NZ    HZ1    sing N N 260 
LYS NZ    HZ2    sing N N 261 
LYS NZ    HZ3    sing N N 262 
LYS OXT   HXT    sing N N 263 
MET N     CA     sing N N 264 
MET N     H      sing N N 265 
MET N     H2     sing N N 266 
MET CA    C      sing N N 267 
MET CA    CB     sing N N 268 
MET CA    HA     sing N N 269 
MET C     O      doub N N 270 
MET C     OXT    sing N N 271 
MET CB    CG     sing N N 272 
MET CB    HB2    sing N N 273 
MET CB    HB3    sing N N 274 
MET CG    SD     sing N N 275 
MET CG    HG2    sing N N 276 
MET CG    HG3    sing N N 277 
MET SD    CE     sing N N 278 
MET CE    HE1    sing N N 279 
MET CE    HE2    sing N N 280 
MET CE    HE3    sing N N 281 
MET OXT   HXT    sing N N 282 
MSE N     CA     sing N N 283 
MSE N     H      sing N N 284 
MSE N     H2     sing N N 285 
MSE CA    C      sing N N 286 
MSE CA    CB     sing N N 287 
MSE CA    HA     sing N N 288 
MSE C     O      doub N N 289 
MSE C     OXT    sing N N 290 
MSE OXT   HXT    sing N N 291 
MSE CB    CG     sing N N 292 
MSE CB    HB2    sing N N 293 
MSE CB    HB3    sing N N 294 
MSE CG    SE     sing N N 295 
MSE CG    HG2    sing N N 296 
MSE CG    HG3    sing N N 297 
MSE SE    CE     sing N N 298 
MSE CE    HE1    sing N N 299 
MSE CE    HE2    sing N N 300 
MSE CE    HE3    sing N N 301 
PHE N     CA     sing N N 302 
PHE N     H      sing N N 303 
PHE N     H2     sing N N 304 
PHE CA    C      sing N N 305 
PHE CA    CB     sing N N 306 
PHE CA    HA     sing N N 307 
PHE C     O      doub N N 308 
PHE C     OXT    sing N N 309 
PHE CB    CG     sing N N 310 
PHE CB    HB2    sing N N 311 
PHE CB    HB3    sing N N 312 
PHE CG    CD1    doub Y N 313 
PHE CG    CD2    sing Y N 314 
PHE CD1   CE1    sing Y N 315 
PHE CD1   HD1    sing N N 316 
PHE CD2   CE2    doub Y N 317 
PHE CD2   HD2    sing N N 318 
PHE CE1   CZ     doub Y N 319 
PHE CE1   HE1    sing N N 320 
PHE CE2   CZ     sing Y N 321 
PHE CE2   HE2    sing N N 322 
PHE CZ    HZ     sing N N 323 
PHE OXT   HXT    sing N N 324 
PRO N     CA     sing N N 325 
PRO N     CD     sing N N 326 
PRO N     H      sing N N 327 
PRO CA    C      sing N N 328 
PRO CA    CB     sing N N 329 
PRO CA    HA     sing N N 330 
PRO C     O      doub N N 331 
PRO C     OXT    sing N N 332 
PRO CB    CG     sing N N 333 
PRO CB    HB2    sing N N 334 
PRO CB    HB3    sing N N 335 
PRO CG    CD     sing N N 336 
PRO CG    HG2    sing N N 337 
PRO CG    HG3    sing N N 338 
PRO CD    HD2    sing N N 339 
PRO CD    HD3    sing N N 340 
PRO OXT   HXT    sing N N 341 
SER N     CA     sing N N 342 
SER N     H      sing N N 343 
SER N     H2     sing N N 344 
SER CA    C      sing N N 345 
SER CA    CB     sing N N 346 
SER CA    HA     sing N N 347 
SER C     O      doub N N 348 
SER C     OXT    sing N N 349 
SER CB    OG     sing N N 350 
SER CB    HB2    sing N N 351 
SER CB    HB3    sing N N 352 
SER OG    HG     sing N N 353 
SER OXT   HXT    sing N N 354 
THR N     CA     sing N N 355 
THR N     H      sing N N 356 
THR N     H2     sing N N 357 
THR CA    C      sing N N 358 
THR CA    CB     sing N N 359 
THR CA    HA     sing N N 360 
THR C     O      doub N N 361 
THR C     OXT    sing N N 362 
THR CB    OG1    sing N N 363 
THR CB    CG2    sing N N 364 
THR CB    HB     sing N N 365 
THR OG1   HG1    sing N N 366 
THR CG2   HG21   sing N N 367 
THR CG2   HG22   sing N N 368 
THR CG2   HG23   sing N N 369 
THR OXT   HXT    sing N N 370 
TRP N     CA     sing N N 371 
TRP N     H      sing N N 372 
TRP N     H2     sing N N 373 
TRP CA    C      sing N N 374 
TRP CA    CB     sing N N 375 
TRP CA    HA     sing N N 376 
TRP C     O      doub N N 377 
TRP C     OXT    sing N N 378 
TRP CB    CG     sing N N 379 
TRP CB    HB2    sing N N 380 
TRP CB    HB3    sing N N 381 
TRP CG    CD1    doub Y N 382 
TRP CG    CD2    sing Y N 383 
TRP CD1   NE1    sing Y N 384 
TRP CD1   HD1    sing N N 385 
TRP CD2   CE2    doub Y N 386 
TRP CD2   CE3    sing Y N 387 
TRP NE1   CE2    sing Y N 388 
TRP NE1   HE1    sing N N 389 
TRP CE2   CZ2    sing Y N 390 
TRP CE3   CZ3    doub Y N 391 
TRP CE3   HE3    sing N N 392 
TRP CZ2   CH2    doub Y N 393 
TRP CZ2   HZ2    sing N N 394 
TRP CZ3   CH2    sing Y N 395 
TRP CZ3   HZ3    sing N N 396 
TRP CH2   HH2    sing N N 397 
TRP OXT   HXT    sing N N 398 
TYR N     CA     sing N N 399 
TYR N     H      sing N N 400 
TYR N     H2     sing N N 401 
TYR CA    C      sing N N 402 
TYR CA    CB     sing N N 403 
TYR CA    HA     sing N N 404 
TYR C     O      doub N N 405 
TYR C     OXT    sing N N 406 
TYR CB    CG     sing N N 407 
TYR CB    HB2    sing N N 408 
TYR CB    HB3    sing N N 409 
TYR CG    CD1    doub Y N 410 
TYR CG    CD2    sing Y N 411 
TYR CD1   CE1    sing Y N 412 
TYR CD1   HD1    sing N N 413 
TYR CD2   CE2    doub Y N 414 
TYR CD2   HD2    sing N N 415 
TYR CE1   CZ     doub Y N 416 
TYR CE1   HE1    sing N N 417 
TYR CE2   CZ     sing Y N 418 
TYR CE2   HE2    sing N N 419 
TYR CZ    OH     sing N N 420 
TYR OH    HH     sing N N 421 
TYR OXT   HXT    sing N N 422 
VAL N     CA     sing N N 423 
VAL N     H      sing N N 424 
VAL N     H2     sing N N 425 
VAL CA    C      sing N N 426 
VAL CA    CB     sing N N 427 
VAL CA    HA     sing N N 428 
VAL C     O      doub N N 429 
VAL C     OXT    sing N N 430 
VAL CB    CG1    sing N N 431 
VAL CB    CG2    sing N N 432 
VAL CB    HB     sing N N 433 
VAL CG1   HG11   sing N N 434 
VAL CG1   HG12   sing N N 435 
VAL CG1   HG13   sing N N 436 
VAL CG2   HG21   sing N N 437 
VAL CG2   HG22   sing N N 438 
VAL CG2   HG23   sing N N 439 
VAL OXT   HXT    sing N N 440 
# 
_atom_sites.entry_id                    5FIT 
_atom_sites.fract_transf_matrix[1][1]   -0.00779962 
_atom_sites.fract_transf_matrix[1][2]   -0.00308979 
_atom_sites.fract_transf_matrix[1][3]   0.02120250 
_atom_sites.fract_transf_matrix[2][1]   -0.01931442 
_atom_sites.fract_transf_matrix[2][2]   -0.01161414 
_atom_sites.fract_transf_matrix[2][3]   0.00346352 
_atom_sites.fract_transf_matrix[3][1]   0.00195544 
_atom_sites.fract_transf_matrix[3][2]   -0.00317539 
_atom_sites.fract_transf_matrix[3][3]   0.00025659 
_atom_sites.fract_transf_vector[1]      0.555433 
_atom_sites.fract_transf_vector[2]      0.467883 
_atom_sites.fract_transf_vector[3]      0.107979 
# 
loop_
_atom_type.symbol 
C  
N  
O  
P  
S  
SE 
# 
loop_
_atom_site.group_PDB 
_atom_site.id 
_atom_site.type_symbol 
_atom_site.label_atom_id 
_atom_site.label_alt_id 
_atom_site.label_comp_id 
_atom_site.label_asym_id 
_atom_site.label_entity_id 
_atom_site.label_seq_id 
_atom_site.pdbx_PDB_ins_code 
_atom_site.Cartn_x 
_atom_site.Cartn_y 
_atom_site.Cartn_z 
_atom_site.occupancy 
_atom_site.B_iso_or_equiv 
_atom_site.pdbx_formal_charge 
_atom_site.auth_seq_id 
_atom_site.auth_comp_id 
_atom_site.auth_asym_id 
_atom_site.auth_atom_id 
_atom_site.pdbx_PDB_model_num 
ATOM   1    N  N     . SER A 1 2   ? -12.893 -8.282  0.495   1.00 47.40 ? 2   SER A N     1 
ATOM   2    C  CA    . SER A 1 2   ? -13.787 -7.586  1.448   1.00 47.25 ? 2   SER A CA    1 
ATOM   3    C  C     . SER A 1 2   ? -13.141 -6.292  2.036   1.00 46.63 ? 2   SER A C     1 
ATOM   4    O  O     . SER A 1 2   ? -13.287 -5.983  3.259   1.00 49.27 ? 2   SER A O     1 
ATOM   5    C  CB    . SER A 1 2   ? -14.301 -8.568  2.564   1.00 49.07 ? 2   SER A CB    1 
ATOM   6    O  OG    . SER A 1 2   ? -13.388 -9.602  2.958   1.00 42.82 ? 2   SER A OG    1 
ATOM   7    N  N     . PHE A 1 3   ? -12.461 -5.538  1.150   1.00 42.01 ? 3   PHE A N     1 
ATOM   8    C  CA    . PHE A 1 3   ? -11.800 -4.271  1.509   1.00 33.88 ? 3   PHE A CA    1 
ATOM   9    C  C     . PHE A 1 3   ? -12.160 -3.301  0.407   1.00 31.94 ? 3   PHE A C     1 
ATOM   10   O  O     . PHE A 1 3   ? -12.050 -3.655  -0.761  1.00 31.66 ? 3   PHE A O     1 
ATOM   11   C  CB    . PHE A 1 3   ? -10.275 -4.440  1.522   1.00 30.11 ? 3   PHE A CB    1 
ATOM   12   C  CG    . PHE A 1 3   ? -9.766  -5.268  2.652   1.00 20.89 ? 3   PHE A CG    1 
ATOM   13   C  CD1   . PHE A 1 3   ? -9.655  -6.619  2.525   1.00 23.02 ? 3   PHE A CD1   1 
ATOM   14   C  CD2   . PHE A 1 3   ? -9.442  -4.692  3.844   1.00 22.83 ? 3   PHE A CD2   1 
ATOM   15   C  CE1   . PHE A 1 3   ? -9.233  -7.365  3.573   1.00 27.80 ? 3   PHE A CE1   1 
ATOM   16   C  CE2   . PHE A 1 3   ? -9.018  -5.440  4.900   1.00 27.06 ? 3   PHE A CE2   1 
ATOM   17   C  CZ    . PHE A 1 3   ? -8.913  -6.764  4.763   1.00 34.34 ? 3   PHE A CZ    1 
ATOM   18   N  N     . ARG A 1 4   ? -12.629 -2.101  0.737   1.00 31.41 ? 4   ARG A N     1 
ATOM   19   C  CA    . ARG A 1 4   ? -12.985 -1.153  -0.326  1.00 30.05 ? 4   ARG A CA    1 
ATOM   20   C  C     . ARG A 1 4   ? -11.761 -0.344  -0.608  1.00 29.02 ? 4   ARG A C     1 
ATOM   21   O  O     . ARG A 1 4   ? -11.090 0.071   0.343   1.00 30.35 ? 4   ARG A O     1 
ATOM   22   C  CB    . ARG A 1 4   ? -14.022 -0.093  0.104   1.00 31.11 ? 4   ARG A CB    1 
ATOM   23   C  CG    . ARG A 1 4   ? -15.343 -0.545  0.615   1.00 38.45 ? 4   ARG A CG    1 
ATOM   24   C  CD    . ARG A 1 4   ? -16.164 0.711   0.921   1.00 46.33 ? 4   ARG A CD    1 
ATOM   25   N  NE    . ARG A 1 4   ? -16.132 1.667   -0.198  1.00 43.53 ? 4   ARG A NE    1 
ATOM   26   C  CZ    . ARG A 1 4   ? -16.861 2.782   -0.273  1.00 42.77 ? 4   ARG A CZ    1 
ATOM   27   N  NH1   . ARG A 1 4   ? -17.703 3.112   0.710   1.00 40.98 ? 4   ARG A NH1   1 
ATOM   28   N  NH2   . ARG A 1 4   ? -16.762 3.571   -1.342  1.00 44.31 ? 4   ARG A NH2   1 
ATOM   29   N  N     . PHE A 1 5   ? -11.574 0.008   -1.878  1.00 25.69 ? 5   PHE A N     1 
ATOM   30   C  CA    . PHE A 1 5   ? -10.497 0.842   -2.290  1.00 23.20 ? 5   PHE A CA    1 
ATOM   31   C  C     . PHE A 1 5   ? -11.077 1.720   -3.352  1.00 24.78 ? 5   PHE A C     1 
ATOM   32   O  O     . PHE A 1 5   ? -11.081 1.406   -4.522  1.00 26.83 ? 5   PHE A O     1 
ATOM   33   C  CB    . PHE A 1 5   ? -9.300  0.055   -2.785  1.00 24.21 ? 5   PHE A CB    1 
ATOM   34   C  CG    . PHE A 1 5   ? -8.116  0.914   -3.149  1.00 21.99 ? 5   PHE A CG    1 
ATOM   35   C  CD1   . PHE A 1 5   ? -7.719  1.970   -2.331  1.00 28.44 ? 5   PHE A CD1   1 
ATOM   36   C  CD2   . PHE A 1 5   ? -7.452  0.736   -4.361  1.00 21.15 ? 5   PHE A CD2   1 
ATOM   37   C  CE1   . PHE A 1 5   ? -6.675  2.832   -2.741  1.00 27.04 ? 5   PHE A CE1   1 
ATOM   38   C  CE2   . PHE A 1 5   ? -6.393  1.635   -4.753  1.00 28.73 ? 5   PHE A CE2   1 
ATOM   39   C  CZ    . PHE A 1 5   ? -6.026  2.645   -3.960  1.00 28.82 ? 5   PHE A CZ    1 
ATOM   40   N  N     . GLY A 1 6   ? -11.585 2.850   -2.921  1.00 29.18 ? 6   GLY A N     1 
ATOM   41   C  CA    . GLY A 1 6   ? -12.169 3.769   -3.864  1.00 34.04 ? 6   GLY A CA    1 
ATOM   42   C  C     . GLY A 1 6   ? -13.462 3.050   -4.131  1.00 37.40 ? 6   GLY A C     1 
ATOM   43   O  O     . GLY A 1 6   ? -14.185 2.727   -3.153  1.00 38.57 ? 6   GLY A O     1 
ATOM   44   N  N     . GLN A 1 7   ? -13.730 2.772   -5.414  1.00 39.33 ? 7   GLN A N     1 
ATOM   45   C  CA    . GLN A 1 7   ? -14.947 2.040   -5.799  1.00 41.19 ? 7   GLN A CA    1 
ATOM   46   C  C     . GLN A 1 7   ? -14.662 0.572   -6.232  1.00 41.14 ? 7   GLN A C     1 
ATOM   47   O  O     . GLN A 1 7   ? -15.498 -0.070  -6.851  1.00 46.16 ? 7   GLN A O     1 
ATOM   48   C  CB    . GLN A 1 7   ? -15.767 2.799   -6.874  1.00 42.97 ? 7   GLN A CB    1 
ATOM   49   C  CG    . GLN A 1 7   ? -16.464 4.139   -6.408  1.00 49.18 ? 7   GLN A CG    1 
ATOM   50   C  CD    . GLN A 1 7   ? -17.543 3.977   -5.308  1.00 51.83 ? 7   GLN A CD    1 
ATOM   51   O  OE1   . GLN A 1 7   ? -18.085 2.888   -5.082  1.00 56.01 ? 7   GLN A OE1   1 
ATOM   52   N  NE2   . GLN A 1 7   ? -17.870 5.086   -4.639  1.00 55.85 ? 7   GLN A NE2   1 
ATOM   53   N  N     . HIS A 1 8   ? -13.506 0.034   -5.865  1.00 38.20 ? 8   HIS A N     1 
ATOM   54   C  CA    . HIS A 1 8   ? -13.188 -1.330  -6.218  1.00 36.20 ? 8   HIS A CA    1 
ATOM   55   C  C     . HIS A 1 8   ? -13.300 -2.121  -4.914  1.00 34.09 ? 8   HIS A C     1 
ATOM   56   O  O     . HIS A 1 8   ? -13.137 -1.558  -3.833  1.00 33.24 ? 8   HIS A O     1 
ATOM   57   C  CB    . HIS A 1 8   ? -11.724 -1.490  -6.670  1.00 41.96 ? 8   HIS A CB    1 
ATOM   58   C  CG    . HIS A 1 8   ? -11.138 -0.328  -7.425  1.00 52.99 ? 8   HIS A CG    1 
ATOM   59   N  ND1   . HIS A 1 8   ? -10.305 -0.510  -8.507  1.00 60.80 ? 8   HIS A ND1   1 
ATOM   60   C  CD2   . HIS A 1 8   ? -11.158 1.011   -7.197  1.00 58.45 ? 8   HIS A CD2   1 
ATOM   61   C  CE1   . HIS A 1 8   ? -9.827  0.651   -8.910  1.00 59.68 ? 8   HIS A CE1   1 
ATOM   62   N  NE2   . HIS A 1 8   ? -10.335 1.591   -8.131  1.00 57.74 ? 8   HIS A NE2   1 
ATOM   63   N  N     . LEU A 1 9   ? -13.612 -3.411  -4.997  1.00 33.06 ? 9   LEU A N     1 
ATOM   64   C  CA    . LEU A 1 9   ? -13.613 -4.264  -3.813  1.00 33.53 ? 9   LEU A CA    1 
ATOM   65   C  C     . LEU A 1 9   ? -12.322 -5.044  -4.029  1.00 32.04 ? 9   LEU A C     1 
ATOM   66   O  O     . LEU A 1 9   ? -11.989 -5.387  -5.165  1.00 29.65 ? 9   LEU A O     1 
ATOM   67   C  CB    . LEU A 1 9   ? -14.835 -5.171  -3.733  1.00 40.39 ? 9   LEU A CB    1 
ATOM   68   C  CG    . LEU A 1 9   ? -15.924 -4.379  -3.012  1.00 42.25 ? 9   LEU A CG    1 
ATOM   69   C  CD1   . LEU A 1 9   ? -17.253 -4.658  -3.629  1.00 47.19 ? 9   LEU A CD1   1 
ATOM   70   C  CD2   . LEU A 1 9   ? -15.941 -4.737  -1.537  1.00 32.31 ? 9   LEU A CD2   1 
ATOM   71   N  N     . ILE A 1 10  ? -11.518 -5.124  -2.976  1.00 28.90 ? 10  ILE A N     1 
ATOM   72   C  CA    . ILE A 1 10  ? -10.235 -5.786  -3.027  1.00 26.72 ? 10  ILE A CA    1 
ATOM   73   C  C     . ILE A 1 10  ? -10.339 -7.151  -2.372  1.00 25.71 ? 10  ILE A C     1 
ATOM   74   O  O     . ILE A 1 10  ? -10.916 -7.290  -1.270  1.00 27.83 ? 10  ILE A O     1 
ATOM   75   C  CB    . ILE A 1 10  ? -9.175  -4.961  -2.283  1.00 27.85 ? 10  ILE A CB    1 
ATOM   76   C  CG1   . ILE A 1 10  ? -9.010  -3.566  -2.911  1.00 25.38 ? 10  ILE A CG1   1 
ATOM   77   C  CG2   . ILE A 1 10  ? -7.875  -5.774  -2.181  1.00 30.73 ? 10  ILE A CG2   1 
ATOM   78   C  CD1   . ILE A 1 10  ? -8.727  -3.535  -4.410  1.00 25.68 ? 10  ILE A CD1   1 
ATOM   79   N  N     . LYS A 1 11  ? -9.868  -8.178  -3.078  1.00 27.45 ? 11  LYS A N     1 
ATOM   80   C  CA    . LYS A 1 11  ? -9.933  -9.528  -2.542  1.00 27.72 ? 11  LYS A CA    1 
ATOM   81   C  C     . LYS A 1 11  ? -8.879  -9.608  -1.466  1.00 26.82 ? 11  LYS A C     1 
ATOM   82   O  O     . LYS A 1 11  ? -7.780  -9.099  -1.633  1.00 28.02 ? 11  LYS A O     1 
ATOM   83   C  CB    . LYS A 1 11  ? -9.632  -10.523 -3.622  1.00 33.10 ? 11  LYS A CB    1 
ATOM   84   C  CG    . LYS A 1 11  ? -10.755 -10.723 -4.591  1.00 43.70 ? 11  LYS A CG    1 
ATOM   85   C  CD    . LYS A 1 11  ? -10.183 -11.318 -5.869  1.00 57.50 ? 11  LYS A CD    1 
ATOM   86   C  CE    . LYS A 1 11  ? -11.258 -11.599 -6.921  1.00 66.32 ? 11  LYS A CE    1 
ATOM   87   N  NZ    . LYS A 1 11  ? -10.684 -12.246 -8.177  1.00 77.94 ? 11  LYS A NZ    1 
ATOM   88   N  N     . PRO A 1 12  ? -9.202  -10.234 -0.341  1.00 26.60 ? 12  PRO A N     1 
ATOM   89   C  CA    . PRO A 1 12  ? -8.351  -10.427 0.835   1.00 26.14 ? 12  PRO A CA    1 
ATOM   90   C  C     . PRO A 1 12  ? -7.046  -11.085 0.494   1.00 27.27 ? 12  PRO A C     1 
ATOM   91   O  O     . PRO A 1 12  ? -6.056  -10.886 1.174   1.00 29.37 ? 12  PRO A O     1 
ATOM   92   C  CB    . PRO A 1 12  ? -9.160  -11.342 1.709   1.00 27.04 ? 12  PRO A CB    1 
ATOM   93   C  CG    . PRO A 1 12  ? -10.558 -11.058 1.330   1.00 36.19 ? 12  PRO A CG    1 
ATOM   94   C  CD    . PRO A 1 12  ? -10.517 -10.859 -0.165  1.00 26.77 ? 12  PRO A CD    1 
ATOM   95   N  N     . SER A 1 13  ? -7.037  -11.881 -0.563  1.00 26.20 ? 13  SER A N     1 
ATOM   96   C  CA    . SER A 1 13  ? -5.830  -12.571 -0.954  1.00 25.19 ? 13  SER A CA    1 
ATOM   97   C  C     . SER A 1 13  ? -4.655  -11.671 -1.351  1.00 26.43 ? 13  SER A C     1 
ATOM   98   O  O     . SER A 1 13  ? -3.507  -12.102 -1.326  1.00 25.61 ? 13  SER A O     1 
ATOM   99   C  CB    . SER A 1 13  ? -6.202  -13.471 -2.098  1.00 27.45 ? 13  SER A CB    1 
ATOM   100  O  OG    . SER A 1 13  ? -6.782  -12.699 -3.117  1.00 28.30 ? 13  SER A OG    1 
ATOM   101  N  N     . VAL A 1 14  ? -4.957  -10.454 -1.791  1.00 27.15 ? 14  VAL A N     1 
ATOM   102  C  CA    . VAL A 1 14  ? -3.943  -9.506  -2.202  1.00 24.49 ? 14  VAL A CA    1 
ATOM   103  C  C     . VAL A 1 14  ? -3.676  -8.445  -1.124  1.00 22.98 ? 14  VAL A C     1 
ATOM   104  O  O     . VAL A 1 14  ? -2.837  -7.568  -1.312  1.00 21.33 ? 14  VAL A O     1 
ATOM   105  C  CB    . VAL A 1 14  ? -4.270  -8.865  -3.553  1.00 24.15 ? 14  VAL A CB    1 
ATOM   106  C  CG1   . VAL A 1 14  ? -4.624  -9.944  -4.538  1.00 21.89 ? 14  VAL A CG1   1 
ATOM   107  C  CG2   . VAL A 1 14  ? -5.397  -7.822  -3.440  1.00 28.04 ? 14  VAL A CG2   1 
ATOM   108  N  N     . VAL A 1 15  ? -4.359  -8.558  0.009   1.00 20.81 ? 15  VAL A N     1 
ATOM   109  C  CA    . VAL A 1 15  ? -4.184  -7.664  1.134   1.00 21.65 ? 15  VAL A CA    1 
ATOM   110  C  C     . VAL A 1 15  ? -3.221  -8.431  2.069   1.00 24.47 ? 15  VAL A C     1 
ATOM   111  O  O     . VAL A 1 15  ? -3.505  -9.569  2.358   1.00 25.83 ? 15  VAL A O     1 
ATOM   112  C  CB    . VAL A 1 15  ? -5.536  -7.454  1.806   1.00 15.85 ? 15  VAL A CB    1 
ATOM   113  C  CG1   . VAL A 1 15  ? -5.378  -6.809  3.170   1.00 11.67 ? 15  VAL A CG1   1 
ATOM   114  C  CG2   . VAL A 1 15  ? -6.411  -6.618  0.923   1.00 16.93 ? 15  VAL A CG2   1 
ATOM   115  N  N     . PHE A 1 16  ? -2.096  -7.859  2.522   1.00 22.79 ? 16  PHE A N     1 
ATOM   116  C  CA    . PHE A 1 16  ? -1.148  -8.569  3.430   1.00 20.44 ? 16  PHE A CA    1 
ATOM   117  C  C     . PHE A 1 16  ? -1.022  -8.050  4.886   1.00 22.38 ? 16  PHE A C     1 
ATOM   118  O  O     . PHE A 1 16  ? -0.271  -8.594  5.689   1.00 22.59 ? 16  PHE A O     1 
ATOM   119  C  CB    . PHE A 1 16  ? 0.212   -8.583  2.808   1.00 15.79 ? 16  PHE A CB    1 
ATOM   120  C  CG    . PHE A 1 16  ? 0.720   -7.243  2.551   1.00 18.39 ? 16  PHE A CG    1 
ATOM   121  C  CD1   . PHE A 1 16  ? 1.505   -6.605  3.498   1.00 16.04 ? 16  PHE A CD1   1 
ATOM   122  C  CD2   . PHE A 1 16  ? 0.519   -6.634  1.323   1.00 16.07 ? 16  PHE A CD2   1 
ATOM   123  C  CE1   . PHE A 1 16  ? 2.093   -5.373  3.193   1.00 16.46 ? 16  PHE A CE1   1 
ATOM   124  C  CE2   . PHE A 1 16  ? 1.112   -5.412  1.031   1.00 12.26 ? 16  PHE A CE2   1 
ATOM   125  C  CZ    . PHE A 1 16  ? 1.898   -4.790  1.972   1.00 12.67 ? 16  PHE A CZ    1 
ATOM   126  N  N     . LEU A 1 17  ? -1.770  -7.009  5.219   1.00 23.83 ? 17  LEU A N     1 
ATOM   127  C  CA    . LEU A 1 17  ? -1.808  -6.420  6.557   1.00 21.68 ? 17  LEU A CA    1 
ATOM   128  C  C     . LEU A 1 17  ? -3.103  -5.644  6.732   1.00 23.06 ? 17  LEU A C     1 
ATOM   129  O  O     . LEU A 1 17  ? -3.539  -4.918  5.846   1.00 23.03 ? 17  LEU A O     1 
ATOM   130  C  CB    . LEU A 1 17  ? -0.624  -5.468  6.800   1.00 16.43 ? 17  LEU A CB    1 
ATOM   131  C  CG    . LEU A 1 17  ? -0.485  -4.831  8.193   1.00 13.99 ? 17  LEU A CG    1 
ATOM   132  C  CD1   . LEU A 1 17  ? -0.322  -5.903  9.297   1.00 15.03 ? 17  LEU A CD1   1 
ATOM   133  C  CD2   . LEU A 1 17  ? 0.722   -3.958  8.133   1.00 15.62 ? 17  LEU A CD2   1 
ATOM   134  N  N     . LYS A 1 18  ? -3.712  -5.805  7.891   1.00 25.52 ? 18  LYS A N     1 
ATOM   135  C  CA    . LYS A 1 18  ? -4.920  -5.095  8.222   1.00 28.24 ? 18  LYS A CA    1 
ATOM   136  C  C     . LYS A 1 18  ? -4.888  -4.795  9.697   1.00 28.74 ? 18  LYS A C     1 
ATOM   137  O  O     . LYS A 1 18  ? -4.736  -5.690  10.509  1.00 29.83 ? 18  LYS A O     1 
ATOM   138  C  CB    . LYS A 1 18  ? -6.125  -5.950  7.946   1.00 31.13 ? 18  LYS A CB    1 
ATOM   139  C  CG    . LYS A 1 18  ? -7.436  -5.287  8.356   1.00 30.75 ? 18  LYS A CG    1 
ATOM   140  C  CD    . LYS A 1 18  ? -8.448  -6.358  8.501   1.00 43.26 ? 18  LYS A CD    1 
ATOM   141  C  CE    . LYS A 1 18  ? -9.715  -5.835  9.095   1.00 52.84 ? 18  LYS A CE    1 
ATOM   142  N  NZ    . LYS A 1 18  ? -10.463 -4.978  8.134   1.00 58.54 ? 18  LYS A NZ    1 
ATOM   143  N  N     . THR A 1 19  ? -4.971  -3.535  10.045  1.00 28.43 ? 19  THR A N     1 
ATOM   144  C  CA    . THR A 1 19  ? -4.971  -3.170  11.433  1.00 28.87 ? 19  THR A CA    1 
ATOM   145  C  C     . THR A 1 19  ? -6.399  -2.749  11.772  1.00 29.64 ? 19  THR A C     1 
ATOM   146  O  O     . THR A 1 19  ? -7.329  -2.961  10.987  1.00 31.34 ? 19  THR A O     1 
ATOM   147  C  CB    . THR A 1 19  ? -4.066  -2.005  11.629  1.00 25.22 ? 19  THR A CB    1 
ATOM   148  O  OG1   . THR A 1 19  ? -4.523  -0.934  10.796  1.00 30.23 ? 19  THR A OG1   1 
ATOM   149  C  CG2   . THR A 1 19  ? -2.694  -2.376  11.226  1.00 20.95 ? 19  THR A CG2   1 
ATOM   150  N  N     . GLU A 1 20  ? -6.543  -2.085  12.915  1.00 31.77 ? 20  GLU A N     1 
ATOM   151  C  CA    . GLU A 1 20  ? -7.826  -1.586  13.351  1.00 34.38 ? 20  GLU A CA    1 
ATOM   152  C  C     . GLU A 1 20  ? -8.345  -0.459  12.465  1.00 32.29 ? 20  GLU A C     1 
ATOM   153  O  O     . GLU A 1 20  ? -9.570  -0.322  12.295  1.00 34.24 ? 20  GLU A O     1 
ATOM   154  C  CB    . GLU A 1 20  ? -7.814  -1.161  14.848  1.00 40.53 ? 20  GLU A CB    1 
ATOM   155  C  CG    . GLU A 1 20  ? -6.983  0.118   15.239  1.00 54.93 ? 20  GLU A CG    1 
ATOM   156  C  CD    . GLU A 1 20  ? -7.517  0.883   16.505  1.00 62.62 ? 20  GLU A CD    1 
ATOM   157  O  OE1   . GLU A 1 20  ? -8.319  0.325   17.300  1.00 63.18 ? 20  GLU A OE1   1 
ATOM   158  O  OE2   . GLU A 1 20  ? -7.129  2.068   16.685  1.00 64.49 ? 20  GLU A OE2   1 
ATOM   159  N  N     . LEU A 1 21  ? -7.459  0.323   11.838  1.00 28.93 ? 21  LEU A N     1 
ATOM   160  C  CA    . LEU A 1 21  ? -7.958  1.423   11.001  1.00 23.04 ? 21  LEU A CA    1 
ATOM   161  C  C     . LEU A 1 21  ? -7.449  1.477   9.626   1.00 21.58 ? 21  LEU A C     1 
ATOM   162  O  O     . LEU A 1 21  ? -8.047  2.201   8.820   1.00 19.86 ? 21  LEU A O     1 
ATOM   163  C  CB    . LEU A 1 21  ? -7.750  2.792   11.658  1.00 20.09 ? 21  LEU A CB    1 
ATOM   164  C  CG    . LEU A 1 21  ? -8.468  2.945   13.021  1.00 17.53 ? 21  LEU A CG    1 
ATOM   165  C  CD1   . LEU A 1 21  ? -7.763  3.931   13.945  1.00 20.81 ? 21  LEU A CD1   1 
ATOM   166  C  CD2   . LEU A 1 21  ? -9.853  3.416   12.765  1.00 16.22 ? 21  LEU A CD2   1 
ATOM   167  N  N     . SER A 1 22  ? -6.449  0.633   9.324   1.00 21.05 ? 22  SER A N     1 
ATOM   168  C  CA    . SER A 1 22  ? -5.816  0.598   8.005   1.00 21.72 ? 22  SER A CA    1 
ATOM   169  C  C     . SER A 1 22  ? -5.572  -0.781  7.419   1.00 21.51 ? 22  SER A C     1 
ATOM   170  O  O     . SER A 1 22  ? -5.763  -1.786  8.082   1.00 23.22 ? 22  SER A O     1 
ATOM   171  C  CB    . SER A 1 22  ? -4.473  1.300   8.097   1.00 24.05 ? 22  SER A CB    1 
ATOM   172  O  OG    . SER A 1 22  ? -4.570  2.364   9.021   1.00 28.54 ? 22  SER A OG    1 
ATOM   173  N  N     . PHE A 1 23  ? -5.143  -0.805  6.160   1.00 21.84 ? 23  PHE A N     1 
ATOM   174  C  CA    . PHE A 1 23  ? -4.847  -2.045  5.458   1.00 21.64 ? 23  PHE A CA    1 
ATOM   175  C  C     . PHE A 1 23  ? -3.842  -1.722  4.378   1.00 21.66 ? 23  PHE A C     1 
ATOM   176  O  O     . PHE A 1 23  ? -3.774  -0.572  3.943   1.00 18.18 ? 23  PHE A O     1 
ATOM   177  C  CB    . PHE A 1 23  ? -6.127  -2.759  4.872   1.00 21.38 ? 23  PHE A CB    1 
ATOM   178  C  CG    . PHE A 1 23  ? -6.676  -2.185  3.517   1.00 17.65 ? 23  PHE A CG    1 
ATOM   179  C  CD1   . PHE A 1 23  ? -7.445  -1.012  3.474   1.00 19.49 ? 23  PHE A CD1   1 
ATOM   180  C  CD2   . PHE A 1 23  ? -6.532  -2.886  2.330   1.00 16.08 ? 23  PHE A CD2   1 
ATOM   181  C  CE1   . PHE A 1 23  ? -8.043  -0.584  2.282   1.00 16.40 ? 23  PHE A CE1   1 
ATOM   182  C  CE2   . PHE A 1 23  ? -7.140  -2.430  1.138   1.00 18.46 ? 23  PHE A CE2   1 
ATOM   183  C  CZ    . PHE A 1 23  ? -7.887  -1.289  1.138   1.00 17.76 ? 23  PHE A CZ    1 
ATOM   184  N  N     . ALA A 1 24  ? -3.070  -2.741  3.991   1.00 21.34 ? 24  ALA A N     1 
ATOM   185  C  CA    . ALA A 1 24  ? -2.047  -2.644  2.970   1.00 19.02 ? 24  ALA A CA    1 
ATOM   186  C  C     . ALA A 1 24  ? -2.286  -3.735  1.898   1.00 21.28 ? 24  ALA A C     1 
ATOM   187  O  O     . ALA A 1 24  ? -2.568  -4.870  2.236   1.00 19.65 ? 24  ALA A O     1 
ATOM   188  C  CB    . ALA A 1 24  ? -0.687  -2.816  3.628   1.00 17.30 ? 24  ALA A CB    1 
ATOM   189  N  N     . LEU A 1 25  ? -2.101  -3.400  0.622   1.00 21.64 ? 25  LEU A N     1 
ATOM   190  C  CA    . LEU A 1 25  ? -2.339  -4.334  -0.487  1.00 21.59 ? 25  LEU A CA    1 
ATOM   191  C  C     . LEU A 1 25  ? -1.223  -4.297  -1.495  1.00 20.26 ? 25  LEU A C     1 
ATOM   192  O  O     . LEU A 1 25  ? -0.437  -3.350  -1.507  1.00 20.37 ? 25  LEU A O     1 
ATOM   193  C  CB    . LEU A 1 25  ? -3.619  -3.918  -1.251  1.00 26.35 ? 25  LEU A CB    1 
ATOM   194  C  CG    . LEU A 1 25  ? -3.649  -2.497  -1.891  1.00 24.75 ? 25  LEU A CG    1 
ATOM   195  C  CD1   . LEU A 1 25  ? -4.298  -2.423  -3.285  1.00 26.98 ? 25  LEU A CD1   1 
ATOM   196  C  CD2   . LEU A 1 25  ? -4.382  -1.567  -0.962  1.00 27.51 ? 25  LEU A CD2   1 
ATOM   197  N  N     . VAL A 1 26  ? -1.131  -5.323  -2.339  1.00 20.45 ? 26  VAL A N     1 
ATOM   198  C  CA    . VAL A 1 26  ? -0.121  -5.284  -3.394  1.00 19.16 ? 26  VAL A CA    1 
ATOM   199  C  C     . VAL A 1 26  ? -0.738  -4.596  -4.603  1.00 21.95 ? 26  VAL A C     1 
ATOM   200  O  O     . VAL A 1 26  ? -1.939  -4.367  -4.637  1.00 24.24 ? 26  VAL A O     1 
ATOM   201  C  CB    . VAL A 1 26  ? 0.502   -6.663  -3.757  1.00 21.47 ? 26  VAL A CB    1 
ATOM   202  C  CG1   . VAL A 1 26  ? 1.112   -7.303  -2.512  1.00 16.09 ? 26  VAL A CG1   1 
ATOM   203  C  CG2   . VAL A 1 26  ? -0.493  -7.587  -4.313  1.00 13.08 ? 26  VAL A CG2   1 
ATOM   204  N  N     . ASN A 1 27  ? 0.100   -4.128  -5.511  1.00 25.23 ? 27  ASN A N     1 
ATOM   205  C  CA    . ASN A 1 27  ? -0.367  -3.437  -6.692  1.00 27.08 ? 27  ASN A CA    1 
ATOM   206  C  C     . ASN A 1 27  ? -0.482  -4.333  -7.874  1.00 31.62 ? 27  ASN A C     1 
ATOM   207  O  O     . ASN A 1 27  ? 0.395   -5.204  -8.074  1.00 32.06 ? 27  ASN A O     1 
ATOM   208  C  CB    . ASN A 1 27  ? 0.633   -2.408  -7.098  1.00 25.00 ? 27  ASN A CB    1 
ATOM   209  C  CG    . ASN A 1 27  ? 0.272   -1.098  -6.663  1.00 29.48 ? 27  ASN A CG    1 
ATOM   210  O  OD1   . ASN A 1 27  ? 0.308   -0.153  -7.445  1.00 33.01 ? 27  ASN A OD1   1 
ATOM   211  N  ND2   . ASN A 1 27  ? -0.013  -0.967  -5.394  1.00 48.01 ? 27  ASN A ND2   1 
ATOM   212  N  N     . ARG A 1 28  ? -1.465  -4.029  -8.731  1.00 35.15 ? 28  ARG A N     1 
ATOM   213  C  CA    . ARG A 1 28  ? -1.682  -4.796  -9.950  1.00 37.38 ? 28  ARG A CA    1 
ATOM   214  C  C     . ARG A 1 28  ? -0.630  -4.297  -10.904 1.00 39.58 ? 28  ARG A C     1 
ATOM   215  O  O     . ARG A 1 28  ? -0.121  -5.061  -11.730 1.00 42.96 ? 28  ARG A O     1 
ATOM   216  C  CB    . ARG A 1 28  ? -3.062  -4.485  -10.538 1.00 45.37 ? 28  ARG A CB    1 
ATOM   217  C  CG    . ARG A 1 28  ? -3.221  -4.811  -12.051 1.00 49.11 ? 28  ARG A CG    1 
ATOM   218  C  CD    . ARG A 1 28  ? -3.211  -6.334  -12.404 1.00 50.24 ? 28  ARG A CD    1 
ATOM   219  N  NE    . ARG A 1 28  ? -4.539  -6.933  -12.170 1.00 57.60 ? 28  ARG A NE    1 
ATOM   220  C  CZ    . ARG A 1 28  ? -4.865  -8.228  -12.320 1.00 51.84 ? 28  ARG A CZ    1 
ATOM   221  N  NH1   . ARG A 1 28  ? -3.963  -9.130  -12.713 1.00 49.93 ? 28  ARG A NH1   1 
ATOM   222  N  NH2   . ARG A 1 28  ? -6.124  -8.625  -12.080 1.00 54.03 ? 28  ARG A NH2   1 
ATOM   223  N  N     . LYS A 1 29  ? -0.250  -3.035  -10.714 1.00 39.66 ? 29  LYS A N     1 
ATOM   224  C  CA    . LYS A 1 29  ? 0.719   -2.387  -11.583 1.00 40.25 ? 29  LYS A CA    1 
ATOM   225  C  C     . LYS A 1 29  ? 1.915   -1.775  -10.815 1.00 37.30 ? 29  LYS A C     1 
ATOM   226  O  O     . LYS A 1 29  ? 2.103   -0.529  -10.750 1.00 38.20 ? 29  LYS A O     1 
ATOM   227  C  CB    . LYS A 1 29  ? -0.049  -1.313  -12.358 1.00 47.62 ? 29  LYS A CB    1 
ATOM   228  C  CG    . LYS A 1 29  ? 0.437   -1.104  -13.804 1.00 57.03 ? 29  LYS A CG    1 
ATOM   229  C  CD    . LYS A 1 29  ? -0.582  -0.327  -14.693 1.00 56.11 ? 29  LYS A CD    1 
ATOM   230  C  CE    . LYS A 1 29  ? -1.791  -1.193  -15.068 1.00 54.47 ? 29  LYS A CE    1 
ATOM   231  N  NZ    . LYS A 1 29  ? -1.396  -2.427  -15.834 1.00 55.18 ? 29  LYS A NZ    1 
ATOM   232  N  N     . PRO A 1 30  ? 2.803   -2.638  -10.297 1.00 33.42 ? 30  PRO A N     1 
ATOM   233  C  CA    . PRO A 1 30  ? 3.931   -2.090  -9.555  1.00 30.75 ? 30  PRO A CA    1 
ATOM   234  C  C     . PRO A 1 30  ? 4.806   -1.254  -10.415 1.00 31.56 ? 30  PRO A C     1 
ATOM   235  O  O     . PRO A 1 30  ? 5.092   -1.631  -11.515 1.00 36.78 ? 30  PRO A O     1 
ATOM   236  C  CB    . PRO A 1 30  ? 4.682   -3.333  -9.063  1.00 26.01 ? 30  PRO A CB    1 
ATOM   237  C  CG    . PRO A 1 30  ? 3.710   -4.441  -9.183  1.00 26.79 ? 30  PRO A CG    1 
ATOM   238  C  CD    . PRO A 1 30  ? 2.914   -4.101  -10.417 1.00 31.68 ? 30  PRO A CD    1 
ATOM   239  N  N     . VAL A 1 31  ? 5.230   -0.116  -9.908  1.00 31.16 ? 31  VAL A N     1 
ATOM   240  C  CA    . VAL A 1 31  ? 6.147   0.768   -10.606 1.00 29.59 ? 31  VAL A CA    1 
ATOM   241  C  C     . VAL A 1 31  ? 7.524   0.101   -10.493 1.00 31.20 ? 31  VAL A C     1 
ATOM   242  O  O     . VAL A 1 31  ? 8.242   -0.003  -11.477 1.00 34.62 ? 31  VAL A O     1 
ATOM   243  C  CB    . VAL A 1 31  ? 6.120   2.137   -9.923  1.00 26.18 ? 31  VAL A CB    1 
ATOM   244  C  CG1   . VAL A 1 31  ? 7.336   2.990   -10.223 1.00 26.25 ? 31  VAL A CG1   1 
ATOM   245  C  CG2   . VAL A 1 31  ? 4.896   2.856   -10.357 1.00 27.11 ? 31  VAL A CG2   1 
ATOM   246  N  N     . VAL A 1 32  ? 7.883   -0.330  -9.291  1.00 27.82 ? 32  VAL A N     1 
ATOM   247  C  CA    . VAL A 1 32  ? 9.138   -1.014  -9.023  1.00 25.32 ? 32  VAL A CA    1 
ATOM   248  C  C     . VAL A 1 32  ? 8.722   -2.239  -8.224  1.00 27.53 ? 32  VAL A C     1 
ATOM   249  O  O     . VAL A 1 32  ? 7.555   -2.359  -7.802  1.00 27.85 ? 32  VAL A O     1 
ATOM   250  C  CB    . VAL A 1 32  ? 10.131  -0.207  -8.150  1.00 25.43 ? 32  VAL A CB    1 
ATOM   251  C  CG1   . VAL A 1 32  ? 10.705  0.987   -8.894  1.00 21.53 ? 32  VAL A CG1   1 
ATOM   252  C  CG2   . VAL A 1 32  ? 9.448   0.194   -6.872  1.00 20.35 ? 32  VAL A CG2   1 
ATOM   253  N  N     . PRO A 1 33  ? 9.625   -3.223  -8.111  1.00 26.92 ? 33  PRO A N     1 
ATOM   254  C  CA    . PRO A 1 33  ? 9.333   -4.436  -7.360  1.00 25.73 ? 33  PRO A CA    1 
ATOM   255  C  C     . PRO A 1 33  ? 9.058   -4.079  -5.935  1.00 22.51 ? 33  PRO A C     1 
ATOM   256  O  O     . PRO A 1 33  ? 9.840   -3.370  -5.322  1.00 25.73 ? 33  PRO A O     1 
ATOM   257  C  CB    . PRO A 1 33  ? 10.645  -5.218  -7.467  1.00 27.75 ? 33  PRO A CB    1 
ATOM   258  C  CG    . PRO A 1 33  ? 11.162  -4.833  -8.818  1.00 28.12 ? 33  PRO A CG    1 
ATOM   259  C  CD    . PRO A 1 33  ? 10.940  -3.344  -8.782  1.00 30.03 ? 33  PRO A CD    1 
ATOM   260  N  N     . GLY A 1 34  ? 7.942   -4.564  -5.430  1.00 20.98 ? 34  GLY A N     1 
ATOM   261  C  CA    . GLY A 1 34  ? 7.573   -4.288  -4.063  1.00 20.78 ? 34  GLY A CA    1 
ATOM   262  C  C     . GLY A 1 34  ? 6.737   -3.060  -3.874  1.00 21.19 ? 34  GLY A C     1 
ATOM   263  O  O     . GLY A 1 34  ? 6.483   -2.677  -2.749  1.00 19.62 ? 34  GLY A O     1 
ATOM   264  N  N     . HIS A 1 35  ? 6.346   -2.408  -4.965  1.00 20.25 ? 35  HIS A N     1 
ATOM   265  C  CA    . HIS A 1 35  ? 5.499   -1.241  -4.859  1.00 19.68 ? 35  HIS A CA    1 
ATOM   266  C  C     . HIS A 1 35  ? 4.174   -1.659  -4.211  1.00 21.85 ? 35  HIS A C     1 
ATOM   267  O  O     . HIS A 1 35  ? 3.464   -2.447  -4.783  1.00 23.14 ? 35  HIS A O     1 
ATOM   268  C  CB    . HIS A 1 35  ? 5.263   -0.652  -6.255  1.00 18.28 ? 35  HIS A CB    1 
ATOM   269  C  CG    . HIS A 1 35  ? 4.353   0.537   -6.278  1.00 17.28 ? 35  HIS A CG    1 
ATOM   270  N  ND1   . HIS A 1 35  ? 3.765   1.009   -7.428  1.00 23.53 ? 35  HIS A ND1   1 
ATOM   271  C  CD2   . HIS A 1 35  ? 3.901   1.329   -5.281  1.00 18.50 ? 35  HIS A CD2   1 
ATOM   272  C  CE1   . HIS A 1 35  ? 2.984   2.032   -7.149  1.00 27.71 ? 35  HIS A CE1   1 
ATOM   273  N  NE2   . HIS A 1 35  ? 3.054   2.246   -5.847  1.00 23.03 ? 35  HIS A NE2   1 
ATOM   274  N  N     . VAL A 1 36  ? 3.889   -1.217  -2.986  1.00 21.98 ? 36  VAL A N     1 
ATOM   275  C  CA    . VAL A 1 36  ? 2.657   -1.572  -2.288  1.00 19.54 ? 36  VAL A CA    1 
ATOM   276  C  C     . VAL A 1 36  ? 1.897   -0.329  -1.852  1.00 18.87 ? 36  VAL A C     1 
ATOM   277  O  O     . VAL A 1 36  ? 2.429   0.760   -1.930  1.00 18.01 ? 36  VAL A O     1 
ATOM   278  C  CB    . VAL A 1 36  ? 2.899   -2.519  -1.078  1.00 22.40 ? 36  VAL A CB    1 
ATOM   279  C  CG1   . VAL A 1 36  ? 3.409   -3.888  -1.559  1.00 17.54 ? 36  VAL A CG1   1 
ATOM   280  C  CG2   . VAL A 1 36  ? 3.844   -1.865  -0.039  1.00 18.97 ? 36  VAL A CG2   1 
ATOM   281  N  N     . LEU A 1 37  ? 0.627   -0.482  -1.479  1.00 17.58 ? 37  LEU A N     1 
ATOM   282  C  CA    . LEU A 1 37  ? -0.206  0.626   -1.059  1.00 19.75 ? 37  LEU A CA    1 
ATOM   283  C  C     . LEU A 1 37  ? -0.702  0.375   0.377   1.00 21.53 ? 37  LEU A C     1 
ATOM   284  O  O     . LEU A 1 37  ? -0.961  -0.772  0.755   1.00 20.09 ? 37  LEU A O     1 
ATOM   285  C  CB    . LEU A 1 37  ? -1.407  0.798   -2.013  1.00 20.80 ? 37  LEU A CB    1 
ATOM   286  C  CG    . LEU A 1 37  ? -1.209  1.105   -3.499  1.00 14.46 ? 37  LEU A CG    1 
ATOM   287  C  CD1   . LEU A 1 37  ? -2.564  1.210   -4.135  1.00 17.54 ? 37  LEU A CD1   1 
ATOM   288  C  CD2   . LEU A 1 37  ? -0.551  2.447   -3.628  1.00 19.31 ? 37  LEU A CD2   1 
ATOM   289  N  N     . VAL A 1 38  ? -0.748  1.461   1.178   1.00 20.33 ? 38  VAL A N     1 
ATOM   290  C  CA    . VAL A 1 38  ? -1.224  1.463   2.556   1.00 15.53 ? 38  VAL A CA    1 
ATOM   291  C  C     . VAL A 1 38  ? -2.371  2.480   2.586   1.00 17.27 ? 38  VAL A C     1 
ATOM   292  O  O     . VAL A 1 38  ? -2.165  3.634   2.308   1.00 16.65 ? 38  VAL A O     1 
ATOM   293  C  CB    . VAL A 1 38  ? -0.086  1.821   3.543   1.00 9.83  ? 38  VAL A CB    1 
ATOM   294  C  CG1   . VAL A 1 38  ? -0.568  1.694   4.964   1.00 10.27 ? 38  VAL A CG1   1 
ATOM   295  C  CG2   . VAL A 1 38  ? 1.053   0.883   3.343   1.00 11.54 ? 38  VAL A CG2   1 
ATOM   296  N  N     . CYS A 1 39  ? -3.596  2.001   2.799   1.00 19.47 ? 39  CYS A N     1 
ATOM   297  C  CA    . CYS A 1 39  ? -4.803  2.828   2.825   1.00 22.15 ? 39  CYS A CA    1 
ATOM   298  C  C     . CYS A 1 39  ? -5.579  2.741   4.123   1.00 23.75 ? 39  CYS A C     1 
ATOM   299  O  O     . CYS A 1 39  ? -5.486  1.747   4.850   1.00 24.44 ? 39  CYS A O     1 
ATOM   300  C  CB    . CYS A 1 39  ? -5.811  2.337   1.798   1.00 20.74 ? 39  CYS A CB    1 
ATOM   301  S  SG    . CYS A 1 39  ? -5.142  1.711   0.357   1.00 29.62 ? 39  CYS A SG    1 
ATOM   302  N  N     . PRO A 1 40  ? -6.344  3.793   4.443   1.00 23.31 ? 40  PRO A N     1 
ATOM   303  C  CA    . PRO A 1 40  ? -7.107  3.668   5.668   1.00 24.72 ? 40  PRO A CA    1 
ATOM   304  C  C     . PRO A 1 40  ? -8.277  2.760   5.268   1.00 23.76 ? 40  PRO A C     1 
ATOM   305  O  O     . PRO A 1 40  ? -8.614  2.632   4.059   1.00 23.62 ? 40  PRO A O     1 
ATOM   306  C  CB    . PRO A 1 40  ? -7.576  5.119   5.925   1.00 25.61 ? 40  PRO A CB    1 
ATOM   307  C  CG    . PRO A 1 40  ? -7.689  5.737   4.518   1.00 24.83 ? 40  PRO A CG    1 
ATOM   308  C  CD    . PRO A 1 40  ? -6.469  5.145   3.843   1.00 25.76 ? 40  PRO A CD    1 
ATOM   309  N  N     . LEU A 1 41  ? -8.866  2.089   6.240   1.00 23.32 ? 41  LEU A N     1 
ATOM   310  C  CA    . LEU A 1 41  ? -10.017 1.244   5.909   1.00 24.65 ? 41  LEU A CA    1 
ATOM   311  C  C     . LEU A 1 41  ? -11.234 2.091   5.408   1.00 23.77 ? 41  LEU A C     1 
ATOM   312  O  O     . LEU A 1 41  ? -11.916 1.712   4.461   1.00 27.71 ? 41  LEU A O     1 
ATOM   313  C  CB    . LEU A 1 41  ? -10.385 0.332   7.112   1.00 23.89 ? 41  LEU A CB    1 
ATOM   314  C  CG    . LEU A 1 41  ? -9.512  -0.891  7.387   1.00 22.59 ? 41  LEU A CG    1 
ATOM   315  C  CD1   . LEU A 1 41  ? -9.826  -1.461  8.726   1.00 23.16 ? 41  LEU A CD1   1 
ATOM   316  C  CD2   . LEU A 1 41  ? -9.732  -1.898  6.298   1.00 21.88 ? 41  LEU A CD2   1 
ATOM   317  N  N     . ARG A 1 42  ? -11.446 3.259   6.018   1.00 25.76 ? 42  ARG A N     1 
ATOM   318  C  CA    . ARG A 1 42  ? -12.535 4.164   5.708   1.00 23.88 ? 42  ARG A CA    1 
ATOM   319  C  C     . ARG A 1 42  ? -12.186 4.836   4.456   1.00 25.79 ? 42  ARG A C     1 
ATOM   320  O  O     . ARG A 1 42  ? -11.107 5.357   4.305   1.00 25.99 ? 42  ARG A O     1 
ATOM   321  C  CB    . ARG A 1 42  ? -12.706 5.192   6.816   1.00 26.42 ? 42  ARG A CB    1 
ATOM   322  C  CG    . ARG A 1 42  ? -13.993 5.972   6.694   1.00 29.89 ? 42  ARG A CG    1 
ATOM   323  C  CD    . ARG A 1 42  ? -14.328 6.755   7.953   1.00 29.92 ? 42  ARG A CD    1 
ATOM   324  N  NE    . ARG A 1 42  ? -13.369 7.816   8.271   1.00 35.52 ? 42  ARG A NE    1 
ATOM   325  C  CZ    . ARG A 1 42  ? -13.485 9.064   7.839   1.00 36.28 ? 42  ARG A CZ    1 
ATOM   326  N  NH1   . ARG A 1 42  ? -14.510 9.410   7.075   1.00 37.02 ? 42  ARG A NH1   1 
ATOM   327  N  NH2   . ARG A 1 42  ? -12.601 9.976   8.194   1.00 31.67 ? 42  ARG A NH2   1 
ATOM   328  N  N     . PRO A 1 43  ? -13.104 4.859   3.515   1.00 30.52 ? 43  PRO A N     1 
ATOM   329  C  CA    . PRO A 1 43  ? -12.796 5.512   2.246   1.00 32.22 ? 43  PRO A CA    1 
ATOM   330  C  C     . PRO A 1 43  ? -13.009 7.026   2.226   1.00 36.07 ? 43  PRO A C     1 
ATOM   331  O  O     . PRO A 1 43  ? -14.144 7.498   2.148   1.00 40.81 ? 43  PRO A O     1 
ATOM   332  C  CB    . PRO A 1 43  ? -13.672 4.752   1.263   1.00 26.77 ? 43  PRO A CB    1 
ATOM   333  C  CG    . PRO A 1 43  ? -14.943 4.508   2.120   1.00 34.81 ? 43  PRO A CG    1 
ATOM   334  C  CD    . PRO A 1 43  ? -14.455 4.268   3.536   1.00 28.26 ? 43  PRO A CD    1 
ATOM   335  N  N     . VAL A 1 44  ? -11.941 7.787   2.438   1.00 35.13 ? 44  VAL A N     1 
ATOM   336  C  CA    . VAL A 1 44  ? -12.043 9.229   2.360   1.00 31.33 ? 44  VAL A CA    1 
ATOM   337  C  C     . VAL A 1 44  ? -11.175 9.528   1.172   1.00 31.55 ? 44  VAL A C     1 
ATOM   338  O  O     . VAL A 1 44  ? -10.226 8.791   0.915   1.00 32.39 ? 44  VAL A O     1 
ATOM   339  C  CB    . VAL A 1 44  ? -11.519 9.915   3.598   1.00 29.37 ? 44  VAL A CB    1 
ATOM   340  C  CG1   . VAL A 1 44  ? -12.222 9.396   4.823   1.00 29.47 ? 44  VAL A CG1   1 
ATOM   341  C  CG2   . VAL A 1 44  ? -10.060 9.669   3.742   1.00 34.92 ? 44  VAL A CG2   1 
ATOM   342  N  N     . GLU A 1 45  ? -11.539 10.544  0.400   1.00 30.72 ? 45  GLU A N     1 
ATOM   343  C  CA    . GLU A 1 45  ? -10.764 10.942  -0.775  1.00 31.74 ? 45  GLU A CA    1 
ATOM   344  C  C     . GLU A 1 45  ? -9.506  11.789  -0.506  1.00 29.18 ? 45  GLU A C     1 
ATOM   345  O  O     . GLU A 1 45  ? -8.450  11.549  -1.129  1.00 30.30 ? 45  GLU A O     1 
ATOM   346  C  CB    . GLU A 1 45  ? -11.625 11.720  -1.752  1.00 34.27 ? 45  GLU A CB    1 
ATOM   347  C  CG    . GLU A 1 45  ? -10.779 12.325  -2.884  1.00 39.94 ? 45  GLU A CG    1 
ATOM   348  C  CD    . GLU A 1 45  ? -11.566 13.270  -3.751  1.00 47.66 ? 45  GLU A CD    1 
ATOM   349  O  OE1   . GLU A 1 45  ? -12.800 13.380  -3.503  1.00 45.28 ? 45  GLU A OE1   1 
ATOM   350  O  OE2   . GLU A 1 45  ? -10.939 13.885  -4.676  1.00 52.40 ? 45  GLU A OE2   1 
ATOM   351  N  N     . ARG A 1 46  ? -9.662  12.799  0.360   1.00 26.58 ? 46  ARG A N     1 
ATOM   352  C  CA    . ARG A 1 46  ? -8.624  13.715  0.763   1.00 20.50 ? 46  ARG A CA    1 
ATOM   353  C  C     . ARG A 1 46  ? -8.112  13.429  2.156   1.00 21.13 ? 46  ARG A C     1 
ATOM   354  O  O     . ARG A 1 46  ? -8.831  13.024  3.048   1.00 21.71 ? 46  ARG A O     1 
ATOM   355  C  CB    . ARG A 1 46  ? -9.103  15.145  0.650   1.00 19.72 ? 46  ARG A CB    1 
ATOM   356  C  CG    . ARG A 1 46  ? -9.671  15.512  -0.708  1.00 21.95 ? 46  ARG A CG    1 
ATOM   357  C  CD    . ARG A 1 46  ? -8.672  15.448  -1.766  1.00 17.35 ? 46  ARG A CD    1 
ATOM   358  N  NE    . ARG A 1 46  ? -7.461  16.148  -1.360  1.00 24.32 ? 46  ARG A NE    1 
ATOM   359  C  CZ    . ARG A 1 46  ? -7.210  17.431  -1.574  1.00 21.59 ? 46  ARG A CZ    1 
ATOM   360  N  NH1   . ARG A 1 46  ? -8.089  18.167  -2.207  1.00 27.18 ? 46  ARG A NH1   1 
ATOM   361  N  NH2   . ARG A 1 46  ? -6.090  17.980  -1.136  1.00 19.72 ? 46  ARG A NH2   1 
ATOM   362  N  N     . PHE A 1 47  ? -6.817  13.667  2.332   1.00 20.82 ? 47  PHE A N     1 
ATOM   363  C  CA    . PHE A 1 47  ? -6.123  13.415  3.580   1.00 17.62 ? 47  PHE A CA    1 
ATOM   364  C  C     . PHE A 1 47  ? -6.699  14.265  4.670   1.00 19.50 ? 47  PHE A C     1 
ATOM   365  O  O     . PHE A 1 47  ? -6.754  13.849  5.830   1.00 20.27 ? 47  PHE A O     1 
ATOM   366  C  CB    . PHE A 1 47  ? -4.645  13.753  3.372   1.00 17.55 ? 47  PHE A CB    1 
ATOM   367  C  CG    . PHE A 1 47  ? -3.737  13.393  4.528   1.00 22.48 ? 47  PHE A CG    1 
ATOM   368  C  CD1   . PHE A 1 47  ? -3.868  12.174  5.197   1.00 19.66 ? 47  PHE A CD1   1 
ATOM   369  C  CD2   . PHE A 1 47  ? -2.715  14.252  4.914   1.00 13.30 ? 47  PHE A CD2   1 
ATOM   370  C  CE1   . PHE A 1 47  ? -3.022  11.847  6.179   1.00 16.20 ? 47  PHE A CE1   1 
ATOM   371  C  CE2   . PHE A 1 47  ? -1.848  13.888  5.939   1.00 18.00 ? 47  PHE A CE2   1 
ATOM   372  C  CZ    . PHE A 1 47  ? -1.993  12.718  6.549   1.00 17.00 ? 47  PHE A CZ    1 
ATOM   373  N  N     . HIS A 1 48  ? -7.160  15.468  4.342   1.00 23.05 ? 48  HIS A N     1 
ATOM   374  C  CA    . HIS A 1 48  ? -7.653  16.285  5.439   1.00 26.26 ? 48  HIS A CA    1 
ATOM   375  C  C     . HIS A 1 48  ? -8.868  15.720  6.020   1.00 26.15 ? 48  HIS A C     1 
ATOM   376  O  O     . HIS A 1 48  ? -9.246  16.144  7.074   1.00 27.10 ? 48  HIS A O     1 
ATOM   377  C  CB    . HIS A 1 48  ? -7.936  17.719  5.062   1.00 29.89 ? 48  HIS A CB    1 
ATOM   378  C  CG    . HIS A 1 48  ? -9.153  17.874  4.222   1.00 36.53 ? 48  HIS A CG    1 
ATOM   379  N  ND1   . HIS A 1 48  ? -9.117  17.806  2.843   1.00 40.30 ? 48  HIS A ND1   1 
ATOM   380  C  CD2   . HIS A 1 48  ? -10.446 18.070  4.561   1.00 34.81 ? 48  HIS A CD2   1 
ATOM   381  C  CE1   . HIS A 1 48  ? -10.339 17.948  2.365   1.00 40.80 ? 48  HIS A CE1   1 
ATOM   382  N  NE2   . HIS A 1 48  ? -11.162 18.107  3.387   1.00 43.00 ? 48  HIS A NE2   1 
ATOM   383  N  N     . ASP A 1 49  ? -9.472  14.754  5.331   1.00 27.12 ? 49  ASP A N     1 
ATOM   384  C  CA    . ASP A 1 49  ? -10.703 14.081  5.797   1.00 29.78 ? 49  ASP A CA    1 
ATOM   385  C  C     . ASP A 1 49  ? -10.482 13.012  6.875   1.00 28.91 ? 49  ASP A C     1 
ATOM   386  O  O     . ASP A 1 49  ? -11.414 12.561  7.522   1.00 29.75 ? 49  ASP A O     1 
ATOM   387  C  CB    . ASP A 1 49  ? -11.477 13.446  4.619   1.00 29.80 ? 49  ASP A CB    1 
ATOM   388  C  CG    . ASP A 1 49  ? -12.109 14.485  3.668   1.00 35.79 ? 49  ASP A CG    1 
ATOM   389  O  OD1   . ASP A 1 49  ? -12.400 15.633  4.093   1.00 32.72 ? 49  ASP A OD1   1 
ATOM   390  O  OD2   . ASP A 1 49  ? -12.316 14.131  2.464   1.00 35.06 ? 49  ASP A OD2   1 
ATOM   391  N  N     . LEU A 1 50  ? -9.263  12.540  7.026   1.00 26.54 ? 50  LEU A N     1 
ATOM   392  C  CA    . LEU A 1 50  ? -9.029  11.530  8.009   1.00 23.08 ? 50  LEU A CA    1 
ATOM   393  C  C     . LEU A 1 50  ? -9.018  12.144  9.366   1.00 22.89 ? 50  LEU A C     1 
ATOM   394  O  O     . LEU A 1 50  ? -8.605  13.281  9.530   1.00 24.40 ? 50  LEU A O     1 
ATOM   395  C  CB    . LEU A 1 50  ? -7.692  10.833  7.744   1.00 23.31 ? 50  LEU A CB    1 
ATOM   396  C  CG    . LEU A 1 50  ? -7.553  9.997   6.466   1.00 22.09 ? 50  LEU A CG    1 
ATOM   397  C  CD1   . LEU A 1 50  ? -6.154  9.373   6.388   1.00 20.62 ? 50  LEU A CD1   1 
ATOM   398  C  CD2   . LEU A 1 50  ? -8.609  8.915   6.499   1.00 27.74 ? 50  LEU A CD2   1 
ATOM   399  N  N     . ARG A 1 51  ? -9.455  11.379  10.342  1.00 23.23 ? 51  ARG A N     1 
ATOM   400  C  CA    . ARG A 1 51  ? -9.445  11.820  11.712  1.00 26.57 ? 51  ARG A CA    1 
ATOM   401  C  C     . ARG A 1 51  ? -8.004  11.627  12.263  1.00 27.58 ? 51  ARG A C     1 
ATOM   402  O  O     . ARG A 1 51  ? -7.204  10.880  11.703  1.00 28.11 ? 51  ARG A O     1 
ATOM   403  C  CB    . ARG A 1 51  ? -10.448 11.000  12.534  1.00 29.32 ? 51  ARG A CB    1 
ATOM   404  C  CG    . ARG A 1 51  ? -11.824 10.850  11.905  1.00 33.89 ? 51  ARG A CG    1 
ATOM   405  C  CD    . ARG A 1 51  ? -12.714 10.019  12.800  1.00 40.65 ? 51  ARG A CD    1 
ATOM   406  N  NE    . ARG A 1 51  ? -12.023 8.839   13.360  1.00 47.43 ? 51  ARG A NE    1 
ATOM   407  C  CZ    . ARG A 1 51  ? -12.249 7.577   12.976  1.00 55.47 ? 51  ARG A CZ    1 
ATOM   408  N  NH1   . ARG A 1 51  ? -13.110 7.307   11.984  1.00 63.00 ? 51  ARG A NH1   1 
ATOM   409  N  NH2   . ARG A 1 51  ? -11.598 6.574   13.555  1.00 46.74 ? 51  ARG A NH2   1 
ATOM   410  N  N     . PRO A 1 52  ? -7.686  12.246  13.399  1.00 28.42 ? 52  PRO A N     1 
ATOM   411  C  CA    . PRO A 1 52  ? -6.365  12.130  13.994  1.00 27.15 ? 52  PRO A CA    1 
ATOM   412  C  C     . PRO A 1 52  ? -5.884  10.710  14.222  1.00 27.02 ? 52  PRO A C     1 
ATOM   413  O  O     . PRO A 1 52  ? -4.681  10.432  14.037  1.00 25.79 ? 52  PRO A O     1 
ATOM   414  C  CB    . PRO A 1 52  ? -6.532  12.859  15.328  1.00 30.55 ? 52  PRO A CB    1 
ATOM   415  C  CG    . PRO A 1 52  ? -7.557  13.865  15.039  1.00 33.53 ? 52  PRO A CG    1 
ATOM   416  C  CD    . PRO A 1 52  ? -8.548  13.102  14.237  1.00 33.23 ? 52  PRO A CD    1 
ATOM   417  N  N     . ASP A 1 53  ? -6.778  9.829   14.687  1.00 25.06 ? 53  ASP A N     1 
ATOM   418  C  CA    . ASP A 1 53  ? -6.403  8.454   14.967  1.00 23.63 ? 53  ASP A CA    1 
ATOM   419  C  C     . ASP A 1 53  ? -6.157  7.634   13.716  1.00 22.77 ? 53  ASP A C     1 
ATOM   420  O  O     . ASP A 1 53  ? -5.296  6.773   13.739  1.00 22.21 ? 53  ASP A O     1 
ATOM   421  C  CB    . ASP A 1 53  ? -7.366  7.774   15.961  1.00 21.07 ? 53  ASP A CB    1 
ATOM   422  C  CG    . ASP A 1 53  ? -8.760  7.501   15.378  1.00 37.93 ? 53  ASP A CG    1 
ATOM   423  O  OD1   . ASP A 1 53  ? -9.321  8.359   14.649  1.00 37.27 ? 53  ASP A OD1   1 
ATOM   424  O  OD2   . ASP A 1 53  ? -9.322  6.415   15.698  1.00 45.91 ? 53  ASP A OD2   1 
ATOM   425  N  N     . GLU A 1 54  ? -6.871  7.939   12.630  1.00 21.58 ? 54  GLU A N     1 
ATOM   426  C  CA    . GLU A 1 54  ? -6.690  7.275   11.354  1.00 20.89 ? 54  GLU A CA    1 
ATOM   427  C  C     . GLU A 1 54  ? -5.360  7.695   10.766  1.00 24.13 ? 54  GLU A C     1 
ATOM   428  O  O     . GLU A 1 54  ? -4.695  6.912   10.099  1.00 24.10 ? 54  GLU A O     1 
ATOM   429  C  CB    . GLU A 1 54  ? -7.789  7.666   10.385  1.00 18.95 ? 54  GLU A CB    1 
ATOM   430  C  CG    . GLU A 1 54  ? -9.141  7.112   10.772  1.00 22.94 ? 54  GLU A CG    1 
ATOM   431  C  CD    . GLU A 1 54  ? -10.204 7.427   9.763   1.00 27.59 ? 54  GLU A CD    1 
ATOM   432  O  OE1   . GLU A 1 54  ? -10.365 8.613   9.459   1.00 29.39 ? 54  GLU A OE1   1 
ATOM   433  O  OE2   . GLU A 1 54  ? -10.884 6.500   9.263   1.00 27.99 ? 54  GLU A OE2   1 
ATOM   434  N  N     . VAL A 1 55  ? -5.005  8.969   10.948  1.00 22.97 ? 55  VAL A N     1 
ATOM   435  C  CA    . VAL A 1 55  ? -3.741  9.512   10.479  1.00 19.66 ? 55  VAL A CA    1 
ATOM   436  C  C     . VAL A 1 55  ? -2.584  8.822   11.213  1.00 20.43 ? 55  VAL A C     1 
ATOM   437  O  O     . VAL A 1 55  ? -1.601  8.406   10.604  1.00 23.42 ? 55  VAL A O     1 
ATOM   438  C  CB    . VAL A 1 55  ? -3.643  11.002  10.748  1.00 16.90 ? 55  VAL A CB    1 
ATOM   439  C  CG1   . VAL A 1 55  ? -2.330  11.548  10.215  1.00 16.50 ? 55  VAL A CG1   1 
ATOM   440  C  CG2   . VAL A 1 55  ? -4.759  11.749  10.115  1.00 10.75 ? 55  VAL A CG2   1 
ATOM   441  N  N     . ALA A 1 56  ? -2.672  8.714   12.527  1.00 18.91 ? 56  ALA A N     1 
ATOM   442  C  CA    . ALA A 1 56  ? -1.598  8.061   13.284  1.00 19.38 ? 56  ALA A CA    1 
ATOM   443  C  C     . ALA A 1 56  ? -1.389  6.618   12.828  1.00 20.23 ? 56  ALA A C     1 
ATOM   444  O  O     . ALA A 1 56  ? -0.285  6.174   12.528  1.00 23.19 ? 56  ALA A O     1 
ATOM   445  C  CB    . ALA A 1 56  ? -1.939  8.088   14.703  1.00 17.42 ? 56  ALA A CB    1 
ATOM   446  N  N     . ASP A 1 57  ? -2.485  5.883   12.745  1.00 23.32 ? 57  ASP A N     1 
ATOM   447  C  CA    . ASP A 1 57  ? -2.492  4.483   12.323  1.00 24.23 ? 57  ASP A CA    1 
ATOM   448  C  C     . ASP A 1 57  ? -2.029  4.305   10.842  1.00 24.30 ? 57  ASP A C     1 
ATOM   449  O  O     . ASP A 1 57  ? -1.214  3.401   10.532  1.00 26.18 ? 57  ASP A O     1 
ATOM   450  C  CB    . ASP A 1 57  ? -3.910  3.860   12.587  1.00 22.36 ? 57  ASP A CB    1 
ATOM   451  C  CG    . ASP A 1 57  ? -3.912  2.296   12.595  1.00 23.84 ? 57  ASP A CG    1 
ATOM   452  O  OD1   . ASP A 1 57  ? -3.694  1.662   13.662  1.00 25.98 ? 57  ASP A OD1   1 
ATOM   453  O  OD2   . ASP A 1 57  ? -4.119  1.712   11.509  1.00 23.12 ? 57  ASP A OD2   1 
ATOM   454  N  N     . LEU A 1 58  ? -2.540  5.125   9.920   1.00 19.18 ? 58  LEU A N     1 
ATOM   455  C  CA    . LEU A 1 58  ? -2.119  4.996   8.528   1.00 18.01 ? 58  LEU A CA    1 
ATOM   456  C  C     . LEU A 1 58  ? -0.610  5.026   8.424   1.00 19.09 ? 58  LEU A C     1 
ATOM   457  O  O     . LEU A 1 58  ? 0.007   4.185   7.743   1.00 20.41 ? 58  LEU A O     1 
ATOM   458  C  CB    . LEU A 1 58  ? -2.699  6.123   7.651   1.00 16.97 ? 58  LEU A CB    1 
ATOM   459  C  CG    . LEU A 1 58  ? -2.288  6.116   6.175   1.00 15.47 ? 58  LEU A CG    1 
ATOM   460  C  CD1   . LEU A 1 58  ? -2.710  4.856   5.549   1.00 16.44 ? 58  LEU A CD1   1 
ATOM   461  C  CD2   . LEU A 1 58  ? -2.865  7.293   5.411   1.00 18.81 ? 58  LEU A CD2   1 
ATOM   462  N  N     . PHE A 1 59  ? -0.012  5.973   9.136   1.00 17.69 ? 59  PHE A N     1 
ATOM   463  C  CA    . PHE A 1 59  ? 1.427   6.139   9.071   1.00 16.26 ? 59  PHE A CA    1 
ATOM   464  C  C     . PHE A 1 59  ? 2.244   5.259   9.977   1.00 15.50 ? 59  PHE A C     1 
ATOM   465  O  O     . PHE A 1 59  ? 3.385   4.928   9.665   1.00 13.76 ? 59  PHE A O     1 
ATOM   466  C  CB    . PHE A 1 59  ? 1.833   7.615   9.021   1.00 16.89 ? 59  PHE A CB    1 
ATOM   467  C  CG    . PHE A 1 59  ? 1.498   8.280   7.703   1.00 17.19 ? 59  PHE A CG    1 
ATOM   468  C  CD1   . PHE A 1 59  ? 2.366   8.173   6.612   1.00 17.89 ? 59  PHE A CD1   1 
ATOM   469  C  CD2   . PHE A 1 59  ? 0.285   8.954   7.522   1.00 14.29 ? 59  PHE A CD2   1 
ATOM   470  C  CE1   . PHE A 1 59  ? 2.033   8.721   5.371   1.00 12.71 ? 59  PHE A CE1   1 
ATOM   471  C  CE2   . PHE A 1 59  ? -0.048  9.495   6.265   1.00 9.32  ? 59  PHE A CE2   1 
ATOM   472  C  CZ    . PHE A 1 59  ? 0.835   9.371   5.209   1.00 14.27 ? 59  PHE A CZ    1 
ATOM   473  N  N     . GLN A 1 60  ? 1.652   4.737   11.029  1.00 16.68 ? 60  GLN A N     1 
ATOM   474  C  CA    . GLN A 1 60  ? 2.413   3.745   11.805  1.00 18.66 ? 60  GLN A CA    1 
ATOM   475  C  C     . GLN A 1 60  ? 2.395   2.405   11.007  1.00 19.99 ? 60  GLN A C     1 
ATOM   476  O  O     . GLN A 1 60  ? 3.333   1.640   11.029  1.00 22.73 ? 60  GLN A O     1 
ATOM   477  C  CB    . GLN A 1 60  ? 1.805   3.564   13.190  1.00 19.90 ? 60  GLN A CB    1 
ATOM   478  C  CG    . GLN A 1 60  ? 1.941   4.810   14.041  1.00 23.86 ? 60  GLN A CG    1 
ATOM   479  C  CD    . GLN A 1 60  ? 1.160   4.749   15.334  1.00 22.73 ? 60  GLN A CD    1 
ATOM   480  O  OE1   . GLN A 1 60  ? 0.147   4.065   15.446  1.00 24.16 ? 60  GLN A OE1   1 
ATOM   481  N  NE2   . GLN A 1 60  ? 1.590   5.525   16.301  1.00 24.83 ? 60  GLN A NE2   1 
ATOM   482  N  N     . THR A 1 61  ? 1.308   2.121   10.308  1.00 19.79 ? 61  THR A N     1 
ATOM   483  C  CA    . THR A 1 61  ? 1.217   0.924   9.478   1.00 19.43 ? 61  THR A CA    1 
ATOM   484  C  C     . THR A 1 61  ? 2.170   1.053   8.308   1.00 17.13 ? 61  THR A C     1 
ATOM   485  O  O     . THR A 1 61  ? 2.818   0.102   7.920   1.00 18.69 ? 61  THR A O     1 
ATOM   486  C  CB    . THR A 1 61  ? -0.229  0.743   8.987   1.00 20.49 ? 61  THR A CB    1 
ATOM   487  O  OG1   . THR A 1 61  ? -1.071  0.685   10.129  1.00 23.42 ? 61  THR A OG1   1 
ATOM   488  C  CG2   . THR A 1 61  ? -0.398  -0.525  8.182   1.00 22.02 ? 61  THR A CG2   1 
ATOM   489  N  N     . THR A 1 62  ? 2.232   2.245   7.730   1.00 15.21 ? 62  THR A N     1 
ATOM   490  C  CA    . THR A 1 62  ? 3.143   2.543   6.599   1.00 14.73 ? 62  THR A CA    1 
ATOM   491  C  C     . THR A 1 62  ? 4.580   2.293   6.980   1.00 16.09 ? 62  THR A C     1 
ATOM   492  O  O     . THR A 1 62  ? 5.361   1.799   6.164   1.00 16.82 ? 62  THR A O     1 
ATOM   493  C  CB    . THR A 1 62  ? 2.950   3.968   6.115   1.00 11.64 ? 62  THR A CB    1 
ATOM   494  O  OG1   . THR A 1 62  ? 1.613   4.101   5.669   1.00 16.73 ? 62  THR A OG1   1 
ATOM   495  C  CG2   . THR A 1 62  ? 3.877   4.359   5.034   1.00 8.51  ? 62  THR A CG2   1 
ATOM   496  N  N     . GLN A 1 63  ? 4.936   2.667   8.204   1.00 15.92 ? 63  GLN A N     1 
ATOM   497  C  CA    . GLN A 1 63  ? 6.270   2.457   8.743   1.00 15.16 ? 63  GLN A CA    1 
ATOM   498  C  C     . GLN A 1 63  ? 6.589   0.985   8.771   1.00 16.31 ? 63  GLN A C     1 
ATOM   499  O  O     . GLN A 1 63  ? 7.658   0.577   8.340   1.00 16.05 ? 63  GLN A O     1 
ATOM   500  C  CB    . GLN A 1 63  ? 6.375   3.021   10.172  1.00 16.28 ? 63  GLN A CB    1 
ATOM   501  C  CG    . GLN A 1 63  ? 7.830   3.112   10.677  1.00 15.01 ? 63  GLN A CG    1 
ATOM   502  C  CD    . GLN A 1 63  ? 7.915   3.430   12.120  1.00 19.67 ? 63  GLN A CD    1 
ATOM   503  O  OE1   . GLN A 1 63  ? 7.103   2.967   12.922  1.00 22.20 ? 63  GLN A OE1   1 
ATOM   504  N  NE2   . GLN A 1 63  ? 8.894   4.231   12.485  1.00 20.26 ? 63  GLN A NE2   1 
ATOM   505  N  N     . ARG A 1 64  ? 5.677   0.202   9.323   1.00 17.83 ? 64  ARG A N     1 
ATOM   506  C  CA    . ARG A 1 64  ? 5.818   -1.255  9.390   1.00 19.34 ? 64  ARG A CA    1 
ATOM   507  C  C     . ARG A 1 64  ? 5.880   -1.935  8.035   1.00 20.71 ? 64  ARG A C     1 
ATOM   508  O  O     . ARG A 1 64  ? 6.610   -2.879  7.842   1.00 20.88 ? 64  ARG A O     1 
ATOM   509  C  CB    . ARG A 1 64  ? 4.640   -1.854  10.114  1.00 20.59 ? 64  ARG A CB    1 
ATOM   510  C  CG    . ARG A 1 64  ? 4.595   -1.508  11.577  1.00 23.05 ? 64  ARG A CG    1 
ATOM   511  C  CD    . ARG A 1 64  ? 3.248   -1.885  12.137  1.00 33.92 ? 64  ARG A CD    1 
ATOM   512  N  NE    . ARG A 1 64  ? 3.113   -3.332  12.177  1.00 33.77 ? 64  ARG A NE    1 
ATOM   513  C  CZ    . ARG A 1 64  ? 1.959   -3.947  12.364  1.00 30.41 ? 64  ARG A CZ    1 
ATOM   514  N  NH1   . ARG A 1 64  ? 0.845   -3.223  12.520  1.00 26.96 ? 64  ARG A NH1   1 
ATOM   515  N  NH2   . ARG A 1 64  ? 1.932   -5.276  12.441  1.00 28.80 ? 64  ARG A NH2   1 
ATOM   516  N  N     . VAL A 1 65  ? 4.988   -1.540  7.143   1.00 22.41 ? 65  VAL A N     1 
ATOM   517  C  CA    . VAL A 1 65  ? 4.968   -2.072  5.800   1.00 20.11 ? 65  VAL A CA    1 
ATOM   518  C  C     . VAL A 1 65  ? 6.283   -1.714  5.105   1.00 22.08 ? 65  VAL A C     1 
ATOM   519  O  O     . VAL A 1 65  ? 6.969   -2.598  4.590   1.00 25.17 ? 65  VAL A O     1 
ATOM   520  C  CB    . VAL A 1 65  ? 3.755   -1.536  5.068   1.00 17.56 ? 65  VAL A CB    1 
ATOM   521  C  CG1   . VAL A 1 65  ? 3.865   -1.739  3.534   1.00 11.05 ? 65  VAL A CG1   1 
ATOM   522  C  CG2   . VAL A 1 65  ? 2.479   -2.127  5.717   1.00 14.28 ? 65  VAL A CG2   1 
ATOM   523  N  N     . GLY A 1 66  ? 6.717   -0.461  5.186   1.00 21.14 ? 66  GLY A N     1 
ATOM   524  C  CA    . GLY A 1 66  ? 7.967   -0.084  4.538   1.00 20.14 ? 66  GLY A CA    1 
ATOM   525  C  C     . GLY A 1 66  ? 9.167   -0.926  4.922   1.00 20.36 ? 66  GLY A C     1 
ATOM   526  O  O     . GLY A 1 66  ? 9.979   -1.293  4.115   1.00 22.15 ? 66  GLY A O     1 
ATOM   527  N  N     . THR A 1 67  ? 9.298   -1.216  6.192   1.00 21.75 ? 67  THR A N     1 
ATOM   528  C  CA    . THR A 1 67  ? 10.404  -1.996  6.685   1.00 22.37 ? 67  THR A CA    1 
ATOM   529  C  C     . THR A 1 67  ? 10.413  -3.373  6.062   1.00 23.15 ? 67  THR A C     1 
ATOM   530  O  O     . THR A 1 67  ? 11.463  -3.888  5.640   1.00 24.50 ? 67  THR A O     1 
ATOM   531  C  CB    . THR A 1 67  ? 10.283  -2.073  8.215   1.00 23.07 ? 67  THR A CB    1 
ATOM   532  O  OG1   . THR A 1 67  ? 10.622  -0.783  8.733   1.00 24.38 ? 67  THR A OG1   1 
ATOM   533  C  CG2   . THR A 1 67  ? 11.209  -3.135  8.804   1.00 21.69 ? 67  THR A CG2   1 
ATOM   534  N  N     . VAL A 1 68  ? 9.226   -3.959  5.991   1.00 24.02 ? 68  VAL A N     1 
ATOM   535  C  CA    . VAL A 1 68  ? 9.055   -5.285  5.430   1.00 22.60 ? 68  VAL A CA    1 
ATOM   536  C  C     . VAL A 1 68  ? 9.356   -5.399  3.968   1.00 22.41 ? 68  VAL A C     1 
ATOM   537  O  O     . VAL A 1 68  ? 10.052  -6.332  3.568   1.00 27.05 ? 68  VAL A O     1 
ATOM   538  C  CB    . VAL A 1 68  ? 7.693   -5.784  5.694   1.00 20.27 ? 68  VAL A CB    1 
ATOM   539  C  CG1   . VAL A 1 68  ? 7.413   -7.010  4.875   1.00 17.53 ? 68  VAL A CG1   1 
ATOM   540  C  CG2   . VAL A 1 68  ? 7.597   -6.104  7.152   1.00 18.11 ? 68  VAL A CG2   1 
ATOM   541  N  N     . VAL A 1 69  ? 8.843   -4.464  3.165   1.00 22.37 ? 69  VAL A N     1 
ATOM   542  C  CA    . VAL A 1 69  ? 9.062   -4.492  1.723   1.00 20.35 ? 69  VAL A CA    1 
ATOM   543  C  C     . VAL A 1 69  ? 10.464  -4.104  1.306   1.00 21.92 ? 69  VAL A C     1 
ATOM   544  O  O     . VAL A 1 69  ? 10.976  -4.595  0.281   1.00 24.98 ? 69  VAL A O     1 
ATOM   545  C  CB    . VAL A 1 69  ? 8.005   -3.694  0.946   1.00 14.47 ? 69  VAL A CB    1 
ATOM   546  C  CG1   . VAL A 1 69  ? 6.608   -4.195  1.331   1.00 18.71 ? 69  VAL A CG1   1 
ATOM   547  C  CG2   . VAL A 1 69  ? 8.132   -2.217  1.179   1.00 10.45 ? 69  VAL A CG2   1 
ATOM   548  N  N     . GLU A 1 70  ? 11.124  -3.269  2.112   1.00 22.67 ? 70  GLU A N     1 
ATOM   549  C  CA    . GLU A 1 70  ? 12.483  -2.861  1.810   1.00 21.47 ? 70  GLU A CA    1 
ATOM   550  C  C     . GLU A 1 70  ? 13.405  -4.068  2.043   1.00 24.56 ? 70  GLU A C     1 
ATOM   551  O  O     . GLU A 1 70  ? 14.369  -4.274  1.281   1.00 24.60 ? 70  GLU A O     1 
ATOM   552  C  CB    . GLU A 1 70  ? 12.882  -1.686  2.680   1.00 22.21 ? 70  GLU A CB    1 
ATOM   553  C  CG    . GLU A 1 70  ? 14.300  -1.244  2.479   1.00 30.60 ? 70  GLU A CG    1 
ATOM   554  C  CD    . GLU A 1 70  ? 14.750  -0.158  3.484   1.00 39.07 ? 70  GLU A CD    1 
ATOM   555  O  OE1   . GLU A 1 70  ? 14.226  -0.083  4.618   1.00 46.90 ? 70  GLU A OE1   1 
ATOM   556  O  OE2   . GLU A 1 70  ? 15.634  0.645   3.134   1.00 40.88 ? 70  GLU A OE2   1 
ATOM   557  N  N     . LYS A 1 71  ? 13.066  -4.886  3.045   1.00 25.36 ? 71  LYS A N     1 
ATOM   558  C  CA    . LYS A 1 71  ? 13.795  -6.108  3.422   1.00 26.76 ? 71  LYS A CA    1 
ATOM   559  C  C     . LYS A 1 71  ? 13.566  -7.219  2.382   1.00 24.62 ? 71  LYS A C     1 
ATOM   560  O  O     . LYS A 1 71  ? 14.469  -7.717  1.701   1.00 27.00 ? 71  LYS A O     1 
ATOM   561  C  CB    . LYS A 1 71  ? 13.266  -6.556  4.788   1.00 27.20 ? 71  LYS A CB    1 
ATOM   562  C  CG    . LYS A 1 71  ? 14.016  -7.686  5.416   1.00 38.63 ? 71  LYS A CG    1 
ATOM   563  C  CD    . LYS A 1 71  ? 13.244  -8.306  6.612   1.00 52.11 ? 71  LYS A CD    1 
ATOM   564  C  CE    . LYS A 1 71  ? 13.006  -7.300  7.764   1.00 49.15 ? 71  LYS A CE    1 
ATOM   565  N  NZ    . LYS A 1 71  ? 12.080  -7.847  8.799   1.00 49.60 ? 71  LYS A NZ    1 
ATOM   566  N  N     . HIS A 1 72  ? 12.303  -7.547  2.222   1.00 26.80 ? 72  HIS A N     1 
ATOM   567  C  CA    . HIS A 1 72  ? 11.890  -8.560  1.311   1.00 24.90 ? 72  HIS A CA    1 
ATOM   568  C  C     . HIS A 1 72  ? 12.292  -8.351  -0.134  1.00 24.76 ? 72  HIS A C     1 
ATOM   569  O  O     . HIS A 1 72  ? 12.649  -9.317  -0.814  1.00 23.91 ? 72  HIS A O     1 
ATOM   570  C  CB    . HIS A 1 72  ? 10.394  -8.747  1.403   1.00 24.91 ? 72  HIS A CB    1 
ATOM   571  C  CG    . HIS A 1 72  ? 9.901   -9.885  0.569   1.00 29.58 ? 72  HIS A CG    1 
ATOM   572  N  ND1   . HIS A 1 72  ? 10.449  -11.149 0.644   1.00 30.36 ? 72  HIS A ND1   1 
ATOM   573  C  CD2   . HIS A 1 72  ? 8.940   -9.944  -0.371  1.00 25.89 ? 72  HIS A CD2   1 
ATOM   574  C  CE1   . HIS A 1 72  ? 9.841   -11.935 -0.214  1.00 20.98 ? 72  HIS A CE1   1 
ATOM   575  N  NE2   . HIS A 1 72  ? 8.922   -11.231 -0.843  1.00 23.67 ? 72  HIS A NE2   1 
ATOM   576  N  N     . PHE A 1 73  ? 12.158  -7.134  -0.635  1.00 23.96 ? 73  PHE A N     1 
ATOM   577  C  CA    . PHE A 1 73  ? 12.506  -6.859  -2.017  1.00 22.53 ? 73  PHE A CA    1 
ATOM   578  C  C     . PHE A 1 73  ? 13.905  -6.279  -2.190  1.00 23.74 ? 73  PHE A C     1 
ATOM   579  O  O     . PHE A 1 73  ? 14.238  -5.712  -3.221  1.00 27.70 ? 73  PHE A O     1 
ATOM   580  C  CB    . PHE A 1 73  ? 11.473  -5.965  -2.652  1.00 17.93 ? 73  PHE A CB    1 
ATOM   581  C  CG    . PHE A 1 73  ? 10.134  -6.611  -2.779  1.00 20.88 ? 73  PHE A CG    1 
ATOM   582  C  CD1   . PHE A 1 73  ? 9.797   -7.316  -3.897  1.00 24.19 ? 73  PHE A CD1   1 
ATOM   583  C  CD2   . PHE A 1 73  ? 9.183   -6.470  -1.791  1.00 17.06 ? 73  PHE A CD2   1 
ATOM   584  C  CE1   . PHE A 1 73  ? 8.536   -7.844  -4.003  1.00 17.13 ? 73  PHE A CE1   1 
ATOM   585  C  CE2   . PHE A 1 73  ? 7.950   -7.009  -1.929  1.00 15.65 ? 73  PHE A CE2   1 
ATOM   586  C  CZ    . PHE A 1 73  ? 7.639   -7.682  -3.023  1.00 16.78 ? 73  PHE A CZ    1 
ATOM   587  N  N     . HIS A 1 74  ? 14.736  -6.467  -1.178  1.00 24.73 ? 74  HIS A N     1 
ATOM   588  C  CA    . HIS A 1 74  ? 16.117  -6.013  -1.201  1.00 27.65 ? 74  HIS A CA    1 
ATOM   589  C  C     . HIS A 1 74  ? 16.386  -4.594  -1.675  1.00 28.32 ? 74  HIS A C     1 
ATOM   590  O  O     . HIS A 1 74  ? 17.186  -4.354  -2.574  1.00 33.60 ? 74  HIS A O     1 
ATOM   591  C  CB    . HIS A 1 74  ? 17.007  -7.039  -1.939  1.00 33.13 ? 74  HIS A CB    1 
ATOM   592  C  CG    . HIS A 1 74  ? 17.016  -8.400  -1.298  1.00 38.79 ? 74  HIS A CG    1 
ATOM   593  N  ND1   . HIS A 1 74  ? 16.048  -9.349  -1.551  1.00 47.31 ? 74  HIS A ND1   1 
ATOM   594  C  CD2   . HIS A 1 74  ? 17.854  -8.960  -0.392  1.00 48.37 ? 74  HIS A CD2   1 
ATOM   595  C  CE1   . HIS A 1 74  ? 16.284  -10.430 -0.826  1.00 43.41 ? 74  HIS A CE1   1 
ATOM   596  N  NE2   . HIS A 1 74  ? 17.374  -10.224 -0.112  1.00 46.77 ? 74  HIS A NE2   1 
ATOM   597  N  N     . GLY A 1 75  ? 15.713  -3.639  -1.066  1.00 27.85 ? 75  GLY A N     1 
ATOM   598  C  CA    . GLY A 1 75  ? 15.977  -2.274  -1.415  1.00 23.79 ? 75  GLY A CA    1 
ATOM   599  C  C     . GLY A 1 75  ? 16.894  -1.794  -0.302  1.00 25.71 ? 75  GLY A C     1 
ATOM   600  O  O     . GLY A 1 75  ? 17.072  -2.515  0.659   1.00 25.26 ? 75  GLY A O     1 
ATOM   601  N  N     . THR A 1 76  ? 17.513  -0.627  -0.476  1.00 26.28 ? 76  THR A N     1 
ATOM   602  C  CA    . THR A 1 76  ? 18.398  0.008   0.510   1.00 29.68 ? 76  THR A CA    1 
ATOM   603  C  C     . THR A 1 76  ? 17.832  1.360   0.950   1.00 30.01 ? 76  THR A C     1 
ATOM   604  O  O     . THR A 1 76  ? 18.481  2.115   1.644   1.00 30.80 ? 76  THR A O     1 
ATOM   605  C  CB    . THR A 1 76  ? 19.833  0.235   -0.028  1.00 28.37 ? 76  THR A CB    1 
ATOM   606  O  OG1   . THR A 1 76  ? 19.781  0.705   -1.381  1.00 32.30 ? 76  THR A OG1   1 
ATOM   607  C  CG2   . THR A 1 76  ? 20.653  -1.041  0.061   1.00 37.74 ? 76  THR A CG2   1 
ATOM   608  N  N     . SER A 1 77  ? 16.633  1.660   0.481   1.00 28.84 ? 77  SER A N     1 
ATOM   609  C  CA    . SER A 1 77  ? 15.934  2.887   0.832   1.00 27.81 ? 77  SER A CA    1 
ATOM   610  C  C     . SER A 1 77  ? 14.424  2.678   0.515   1.00 26.69 ? 77  SER A C     1 
ATOM   611  O  O     . SER A 1 77  ? 14.036  1.612   0.039   1.00 26.18 ? 77  SER A O     1 
ATOM   612  C  CB    . SER A 1 77  ? 16.502  4.110   0.068   1.00 26.92 ? 77  SER A CB    1 
ATOM   613  O  OG    . SER A 1 77  ? 17.848  4.384   0.379   1.00 23.27 ? 77  SER A OG    1 
ATOM   614  N  N     . LEU A 1 78  ? 13.619  3.734   0.698   1.00 21.97 ? 78  LEU A N     1 
ATOM   615  C  CA    . LEU A 1 78  ? 12.183  3.720   0.482   1.00 20.57 ? 78  LEU A CA    1 
ATOM   616  C  C     . LEU A 1 78  ? 11.702  5.098   0.064   1.00 22.12 ? 78  LEU A C     1 
ATOM   617  O  O     . LEU A 1 78  ? 12.237  6.124   0.491   1.00 26.23 ? 78  LEU A O     1 
ATOM   618  C  CB    . LEU A 1 78  ? 11.477  3.342   1.792   1.00 17.86 ? 78  LEU A CB    1 
ATOM   619  C  CG    . LEU A 1 78  ? 11.540  1.899   2.256   1.00 19.08 ? 78  LEU A CG    1 
ATOM   620  C  CD1   . LEU A 1 78  ? 11.315  1.813   3.779   1.00 16.04 ? 78  LEU A CD1   1 
ATOM   621  C  CD2   . LEU A 1 78  ? 10.476  1.087   1.516   1.00 14.35 ? 78  LEU A CD2   1 
ATOM   622  N  N     . THR A 1 79  ? 10.678  5.135   -0.764  1.00 22.16 ? 79  THR A N     1 
ATOM   623  C  CA    . THR A 1 79  ? 10.079  6.394   -1.181  1.00 17.93 ? 79  THR A CA    1 
ATOM   624  C  C     . THR A 1 79  ? 8.652   6.286   -0.715  1.00 18.48 ? 79  THR A C     1 
ATOM   625  O  O     . THR A 1 79  ? 8.077   5.234   -0.835  1.00 17.45 ? 79  THR A O     1 
ATOM   626  C  CB    . THR A 1 79  ? 10.111  6.529   -2.694  1.00 19.91 ? 79  THR A CB    1 
ATOM   627  O  OG1   . THR A 1 79  ? 11.426  6.910   -3.095  1.00 22.60 ? 79  THR A OG1   1 
ATOM   628  C  CG2   . THR A 1 79  ? 9.136   7.548   -3.174  1.00 21.36 ? 79  THR A CG2   1 
ATOM   629  N  N     . PHE A 1 80  ? 8.147   7.286   -0.024  1.00 17.19 ? 80  PHE A N     1 
ATOM   630  C  CA    . PHE A 1 80  ? 6.763   7.282   0.422   1.00 18.12 ? 80  PHE A CA    1 
ATOM   631  C  C     . PHE A 1 80  ? 6.110   8.471   -0.294  1.00 18.20 ? 80  PHE A C     1 
ATOM   632  O  O     . PHE A 1 80  ? 6.620   9.569   -0.248  1.00 23.69 ? 80  PHE A O     1 
ATOM   633  C  CB    . PHE A 1 80  ? 6.697   7.481   1.924   1.00 18.75 ? 80  PHE A CB    1 
ATOM   634  C  CG    . PHE A 1 80  ? 7.327   6.372   2.703   1.00 21.47 ? 80  PHE A CG    1 
ATOM   635  C  CD1   . PHE A 1 80  ? 6.572   5.260   3.083   1.00 16.71 ? 80  PHE A CD1   1 
ATOM   636  C  CD2   . PHE A 1 80  ? 8.662   6.427   3.056   1.00 16.89 ? 80  PHE A CD2   1 
ATOM   637  C  CE1   . PHE A 1 80  ? 7.163   4.222   3.802   1.00 16.65 ? 80  PHE A CE1   1 
ATOM   638  C  CE2   . PHE A 1 80  ? 9.254   5.388   3.777   1.00 13.41 ? 80  PHE A CE2   1 
ATOM   639  C  CZ    . PHE A 1 80  ? 8.504   4.291   4.152   1.00 20.01 ? 80  PHE A CZ    1 
ATOM   640  N  N     . SER A 1 81  ? 4.961   8.304   -0.925  1.00 18.94 ? 81  SER A N     1 
ATOM   641  C  CA    . SER A 1 81  ? 4.387   9.415   -1.618  1.00 17.53 ? 81  SER A CA    1 
ATOM   642  C  C     . SER A 1 81  ? 2.895   9.338   -1.554  1.00 17.48 ? 81  SER A C     1 
ATOM   643  O  O     . SER A 1 81  ? 2.342   8.338   -1.945  1.00 21.92 ? 81  SER A O     1 
ATOM   644  C  CB    . SER A 1 81  ? 4.805   9.307   -3.064  1.00 24.56 ? 81  SER A CB    1 
ATOM   645  O  OG    . SER A 1 81  ? 4.714   10.556  -3.690  1.00 43.95 ? 81  SER A OG    1 
HETATM 646  N  N     . MSE A 1 82  ? 2.240   10.382  -1.084  1.00 19.47 ? 82  MSE A N     1 
HETATM 647  C  CA    . MSE A 1 82  ? 0.790   10.429  -1.046  1.00 18.37 ? 82  MSE A CA    1 
HETATM 648  C  C     . MSE A 1 82  ? 0.349   11.523  -2.026  1.00 20.25 ? 82  MSE A C     1 
HETATM 649  O  O     . MSE A 1 82  ? 0.742   12.682  -1.890  1.00 21.24 ? 82  MSE A O     1 
HETATM 650  C  CB    . MSE A 1 82  ? 0.323   10.722  0.378   1.00 14.43 ? 82  MSE A CB    1 
HETATM 651  C  CG    . MSE A 1 82  ? -1.208  10.854  0.591   1.00 15.05 ? 82  MSE A CG    1 
HETATM 652  SE SE    . MSE A 1 82  ? -1.787  10.737  2.270   1.00 37.50 ? 82  MSE A SE    1 
HETATM 653  C  CE    . MSE A 1 82  ? -0.914  11.904  2.870   1.00 26.08 ? 82  MSE A CE    1 
ATOM   654  N  N     . GLN A 1 83  ? -0.300  11.135  -3.114  1.00 21.20 ? 83  GLN A N     1 
ATOM   655  C  CA    . GLN A 1 83  ? -0.788  12.110  -4.096  1.00 19.58 ? 83  GLN A CA    1 
ATOM   656  C  C     . GLN A 1 83  ? -2.170  12.580  -3.619  1.00 19.72 ? 83  GLN A C     1 
ATOM   657  O  O     . GLN A 1 83  ? -3.174  11.963  -3.942  1.00 17.93 ? 83  GLN A O     1 
ATOM   658  C  CB    . GLN A 1 83  ? -0.880  11.431  -5.437  1.00 20.97 ? 83  GLN A CB    1 
ATOM   659  C  CG    . GLN A 1 83  ? 0.412   10.708  -5.811  1.00 26.47 ? 83  GLN A CG    1 
ATOM   660  C  CD    . GLN A 1 83  ? 0.442   10.307  -7.274  1.00 32.48 ? 83  GLN A CD    1 
ATOM   661  O  OE1   . GLN A 1 83  ? 1.017   11.024  -8.098  1.00 35.99 ? 83  GLN A OE1   1 
ATOM   662  N  NE2   . GLN A 1 83  ? -0.162  9.157   -7.616  1.00 36.47 ? 83  GLN A NE2   1 
ATOM   663  N  N     . ASP A 1 84  ? -2.231  13.655  -2.838  1.00 19.65 ? 84  ASP A N     1 
ATOM   664  C  CA    . ASP A 1 84  ? -3.491  14.038  -2.254  1.00 19.16 ? 84  ASP A CA    1 
ATOM   665  C  C     . ASP A 1 84  ? -4.354  14.961  -3.061  1.00 22.01 ? 84  ASP A C     1 
ATOM   666  O  O     . ASP A 1 84  ? -4.264  16.177  -2.925  1.00 22.14 ? 84  ASP A O     1 
ATOM   667  C  CB    . ASP A 1 84  ? -3.234  14.674  -0.900  1.00 18.20 ? 84  ASP A CB    1 
ATOM   668  C  CG    . ASP A 1 84  ? -4.486  15.014  -0.182  1.00 22.72 ? 84  ASP A CG    1 
ATOM   669  O  OD1   . ASP A 1 84  ? -5.344  14.135  -0.160  1.00 29.72 ? 84  ASP A OD1   1 
ATOM   670  O  OD2   . ASP A 1 84  ? -4.623  16.121  0.379   1.00 27.73 ? 84  ASP A OD2   1 
ATOM   671  N  N     . GLY A 1 85  ? -5.220  14.416  -3.887  1.00 25.20 ? 85  GLY A N     1 
ATOM   672  C  CA    . GLY A 1 85  ? -6.087  15.289  -4.637  1.00 25.83 ? 85  GLY A CA    1 
ATOM   673  C  C     . GLY A 1 85  ? -5.807  15.129  -6.093  1.00 27.71 ? 85  GLY A C     1 
ATOM   674  O  O     . GLY A 1 85  ? -4.759  14.620  -6.456  1.00 29.18 ? 85  GLY A O     1 
ATOM   675  N  N     . PRO A 1 86  ? -6.733  15.566  -6.947  1.00 31.11 ? 86  PRO A N     1 
ATOM   676  C  CA    . PRO A 1 86  ? -6.707  15.528  -8.412  1.00 33.88 ? 86  PRO A CA    1 
ATOM   677  C  C     . PRO A 1 86  ? -5.510  16.205  -9.126  1.00 35.72 ? 86  PRO A C     1 
ATOM   678  O  O     . PRO A 1 86  ? -4.908  15.650  -10.068 1.00 38.01 ? 86  PRO A O     1 
ATOM   679  C  CB    . PRO A 1 86  ? -8.046  16.154  -8.785  1.00 35.79 ? 86  PRO A CB    1 
ATOM   680  C  CG    . PRO A 1 86  ? -8.953  15.673  -7.684  1.00 38.31 ? 86  PRO A CG    1 
ATOM   681  C  CD    . PRO A 1 86  ? -8.093  15.872  -6.453  1.00 31.38 ? 86  PRO A CD    1 
ATOM   682  N  N     . GLU A 1 87  ? -5.138  17.403  -8.688  1.00 33.74 ? 87  GLU A N     1 
ATOM   683  C  CA    . GLU A 1 87  ? -4.014  18.081  -9.330  1.00 29.91 ? 87  GLU A CA    1 
ATOM   684  C  C     . GLU A 1 87  ? -2.702  17.523  -8.912  1.00 27.89 ? 87  GLU A C     1 
ATOM   685  O  O     . GLU A 1 87  ? -1.692  18.035  -9.318  1.00 26.48 ? 87  GLU A O     1 
ATOM   686  C  CB    . GLU A 1 87  ? -4.046  19.569  -9.032  1.00 24.16 ? 87  GLU A CB    1 
ATOM   687  C  CG    . GLU A 1 87  ? -5.154  20.323  -9.776  1.00 28.29 ? 87  GLU A CG    1 
ATOM   688  C  CD    . GLU A 1 87  ? -6.586  19.988  -9.303  1.00 36.16 ? 87  GLU A CD    1 
ATOM   689  O  OE1   . GLU A 1 87  ? -6.865  20.124  -8.094  1.00 44.59 ? 87  GLU A OE1   1 
ATOM   690  O  OE2   . GLU A 1 87  ? -7.446  19.580  -10.131 1.00 39.19 ? 87  GLU A OE2   1 
ATOM   691  N  N     . ALA A 1 88  ? -2.744  16.509  -8.055  1.00 29.71 ? 88  ALA A N     1 
ATOM   692  C  CA    . ALA A 1 88  ? -1.581  15.829  -7.500  1.00 29.55 ? 88  ALA A CA    1 
ATOM   693  C  C     . ALA A 1 88  ? -1.392  14.428  -8.085  1.00 32.02 ? 88  ALA A C     1 
ATOM   694  O  O     . ALA A 1 88  ? -0.461  13.708  -7.707  1.00 33.49 ? 88  ALA A O     1 
ATOM   695  C  CB    . ALA A 1 88  ? -1.705  15.773  -6.001  1.00 19.80 ? 88  ALA A CB    1 
ATOM   696  N  N     . GLY A 1 89  ? -2.292  14.050  -8.998  1.00 34.70 ? 89  GLY A N     1 
ATOM   697  C  CA    . GLY A 1 89  ? -2.231  12.740  -9.653  1.00 34.28 ? 89  GLY A CA    1 
ATOM   698  C  C     . GLY A 1 89  ? -3.177  11.655  -9.145  1.00 33.83 ? 89  GLY A C     1 
ATOM   699  O  O     . GLY A 1 89  ? -3.173  10.542  -9.639  1.00 37.83 ? 89  GLY A O     1 
ATOM   700  N  N     . GLN A 1 90  ? -4.007  11.982  -8.177  1.00 32.55 ? 90  GLN A N     1 
ATOM   701  C  CA    . GLN A 1 90  ? -4.886  11.006  -7.617  1.00 36.06 ? 90  GLN A CA    1 
ATOM   702  C  C     . GLN A 1 90  ? -5.901  10.526  -8.615  1.00 42.47 ? 90  GLN A C     1 
ATOM   703  O  O     . GLN A 1 90  ? -6.757  11.318  -9.040  1.00 45.62 ? 90  GLN A O     1 
ATOM   704  C  CB    . GLN A 1 90  ? -5.606  11.599  -6.419  1.00 34.85 ? 90  GLN A CB    1 
ATOM   705  C  CG    . GLN A 1 90  ? -6.331  10.576  -5.565  1.00 31.30 ? 90  GLN A CG    1 
ATOM   706  C  CD    . GLN A 1 90  ? -7.080  11.195  -4.434  1.00 31.39 ? 90  GLN A CD    1 
ATOM   707  O  OE1   . GLN A 1 90  ? -7.620  12.282  -4.562  1.00 46.29 ? 90  GLN A OE1   1 
ATOM   708  N  NE2   . GLN A 1 90  ? -7.162  10.493  -3.325  1.00 23.30 ? 90  GLN A NE2   1 
ATOM   709  N  N     . THR A 1 91  ? -5.791  9.247   -9.010  1.00 44.66 ? 91  THR A N     1 
ATOM   710  C  CA    . THR A 1 91  ? -6.728  8.576   -9.937  1.00 42.97 ? 91  THR A CA    1 
ATOM   711  C  C     . THR A 1 91  ? -7.827  7.945   -9.041  1.00 42.71 ? 91  THR A C     1 
ATOM   712  O  O     . THR A 1 91  ? -9.013  8.331   -9.119  1.00 46.00 ? 91  THR A O     1 
ATOM   713  C  CB    . THR A 1 91  ? -6.051  7.479   -10.866 1.00 38.84 ? 91  THR A CB    1 
ATOM   714  O  OG1   . THR A 1 91  ? -5.400  6.462   -10.080 1.00 45.94 ? 91  THR A OG1   1 
ATOM   715  C  CG2   . THR A 1 91  ? -5.030  8.107   -11.792 1.00 44.43 ? 91  THR A CG2   1 
ATOM   716  N  N     . VAL A 1 92  ? -7.451  7.012   -8.162  1.00 41.25 ? 92  VAL A N     1 
ATOM   717  C  CA    . VAL A 1 92  ? -8.448  6.406   -7.291  1.00 37.22 ? 92  VAL A CA    1 
ATOM   718  C  C     . VAL A 1 92  ? -8.672  7.303   -6.083  1.00 35.82 ? 92  VAL A C     1 
ATOM   719  O  O     . VAL A 1 92  ? -7.729  7.722   -5.420  1.00 36.03 ? 92  VAL A O     1 
ATOM   720  C  CB    . VAL A 1 92  ? -8.117  4.965   -6.960  1.00 33.02 ? 92  VAL A CB    1 
ATOM   721  C  CG1   . VAL A 1 92  ? -6.631  4.824   -6.756  1.00 39.22 ? 92  VAL A CG1   1 
ATOM   722  C  CG2   . VAL A 1 92  ? -8.944  4.489   -5.777  1.00 23.12 ? 92  VAL A CG2   1 
ATOM   723  N  N     . LYS A 1 93  ? -9.920  7.698   -5.886  1.00 33.14 ? 93  LYS A N     1 
ATOM   724  C  CA    . LYS A 1 93  ? -10.303 8.576   -4.821  1.00 31.08 ? 93  LYS A CA    1 
ATOM   725  C  C     . LYS A 1 93  ? -10.456 7.941   -3.441  1.00 33.32 ? 93  LYS A C     1 
ATOM   726  O  O     . LYS A 1 93  ? -11.566 7.825   -2.876  1.00 35.58 ? 93  LYS A O     1 
ATOM   727  C  CB    . LYS A 1 93  ? -11.556 9.292   -5.239  1.00 34.58 ? 93  LYS A CB    1 
ATOM   728  C  CG    . LYS A 1 93  ? -11.365 10.190  -6.463  1.00 39.99 ? 93  LYS A CG    1 
ATOM   729  C  CD    . LYS A 1 93  ? -12.719 10.875  -6.740  1.00 49.62 ? 93  LYS A CD    1 
ATOM   730  C  CE    . LYS A 1 93  ? -12.697 11.999  -7.765  1.00 50.92 ? 93  LYS A CE    1 
ATOM   731  N  NZ    . LYS A 1 93  ? -14.105 12.396  -8.149  1.00 54.78 ? 93  LYS A NZ    1 
ATOM   732  N  N     . HIS A 1 94  ? -9.326  7.513   -2.883  1.00 34.09 ? 94  HIS A N     1 
ATOM   733  C  CA    . HIS A 1 94  ? -9.278  6.898   -1.540  1.00 32.77 ? 94  HIS A CA    1 
ATOM   734  C  C     . HIS A 1 94  ? -7.865  7.215   -1.084  1.00 31.76 ? 94  HIS A C     1 
ATOM   735  O  O     . HIS A 1 94  ? -6.917  6.938   -1.813  1.00 35.15 ? 94  HIS A O     1 
ATOM   736  C  CB    . HIS A 1 94  ? -9.496  5.374   -1.639  1.00 31.21 ? 94  HIS A CB    1 
ATOM   737  C  CG    . HIS A 1 94  ? -9.721  4.688   -0.321  1.00 27.32 ? 94  HIS A CG    1 
ATOM   738  N  ND1   . HIS A 1 94  ? -8.826  4.770   0.726   1.00 33.19 ? 94  HIS A ND1   1 
ATOM   739  C  CD2   . HIS A 1 94  ? -10.706 3.864   0.091   1.00 31.67 ? 94  HIS A CD2   1 
ATOM   740  C  CE1   . HIS A 1 94  ? -9.253  4.017   1.721   1.00 31.95 ? 94  HIS A CE1   1 
ATOM   741  N  NE2   . HIS A 1 94  ? -10.390 3.454   1.366   1.00 29.10 ? 94  HIS A NE2   1 
ATOM   742  N  N     . VAL A 1 95  ? -7.727  7.878   0.057   1.00 30.02 ? 95  VAL A N     1 
ATOM   743  C  CA    . VAL A 1 95  ? -6.420  8.220   0.566   1.00 27.77 ? 95  VAL A CA    1 
ATOM   744  C  C     . VAL A 1 95  ? -5.536  6.972   0.587   1.00 28.91 ? 95  VAL A C     1 
ATOM   745  O  O     . VAL A 1 95  ? -5.977  5.887   0.965   1.00 29.06 ? 95  VAL A O     1 
ATOM   746  C  CB    . VAL A 1 95  ? -6.536  8.770   1.986   1.00 27.89 ? 95  VAL A CB    1 
ATOM   747  C  CG1   . VAL A 1 95  ? -5.175  8.973   2.592   1.00 25.82 ? 95  VAL A CG1   1 
ATOM   748  C  CG2   . VAL A 1 95  ? -7.342  10.031  2.008   1.00 23.51 ? 95  VAL A CG2   1 
ATOM   749  N  N     . HIS A 1 96  ? -4.319  7.098   0.103   1.00 26.12 ? 96  HIS A N     1 
ATOM   750  C  CA    . HIS A 1 96  ? -3.403  5.988   0.145   1.00 24.11 ? 96  HIS A CA    1 
ATOM   751  C  C     . HIS A 1 96  ? -1.960  6.451   -0.006  1.00 22.57 ? 96  HIS A C     1 
ATOM   752  O  O     . HIS A 1 96  ? -1.696  7.435   -0.692  1.00 22.17 ? 96  HIS A O     1 
ATOM   753  C  CB    . HIS A 1 96  ? -3.766  4.926   -0.909  1.00 22.13 ? 96  HIS A CB    1 
ATOM   754  C  CG    . HIS A 1 96  ? -3.754  5.414   -2.328  1.00 24.18 ? 96  HIS A CG    1 
ATOM   755  N  ND1   . HIS A 1 96  ? -4.728  6.246   -2.830  1.00 25.38 ? 96  HIS A ND1   1 
ATOM   756  C  CD2   . HIS A 1 96  ? -2.972  5.082   -3.375  1.00 16.60 ? 96  HIS A CD2   1 
ATOM   757  C  CE1   . HIS A 1 96  ? -4.562  6.386   -4.128  1.00 23.23 ? 96  HIS A CE1   1 
ATOM   758  N  NE2   . HIS A 1 96  ? -3.505  5.688   -4.485  1.00 24.54 ? 96  HIS A NE2   1 
ATOM   759  N  N     . VAL A 1 97  ? -1.047  5.687   0.587   1.00 21.97 ? 97  VAL A N     1 
ATOM   760  C  CA    . VAL A 1 97  ? 0.397   5.934   0.531   1.00 20.22 ? 97  VAL A CA    1 
ATOM   761  C  C     . VAL A 1 97  ? 1.036   4.862   -0.352  1.00 18.65 ? 97  VAL A C     1 
ATOM   762  O  O     . VAL A 1 97  ? 0.705   3.690   -0.266  1.00 20.90 ? 97  VAL A O     1 
ATOM   763  C  CB    . VAL A 1 97  ? 1.080   5.834   1.944   1.00 17.44 ? 97  VAL A CB    1 
ATOM   764  C  CG1   . VAL A 1 97  ? 2.474   6.401   1.940   1.00 18.41 ? 97  VAL A CG1   1 
ATOM   765  C  CG2   . VAL A 1 97  ? 0.268   6.558   2.977   1.00 20.32 ? 97  VAL A CG2   1 
ATOM   766  N  N     . HIS A 1 98  ? 1.863   5.302   -1.276  1.00 18.12 ? 98  HIS A N     1 
ATOM   767  C  CA    . HIS A 1 98  ? 2.579   4.407   -2.139  1.00 18.44 ? 98  HIS A CA    1 
ATOM   768  C  C     . HIS A 1 98  ? 3.841   4.173   -1.353  1.00 18.31 ? 98  HIS A C     1 
ATOM   769  O  O     . HIS A 1 98  ? 4.364   5.119   -0.832  1.00 17.39 ? 98  HIS A O     1 
ATOM   770  C  CB    . HIS A 1 98  ? 2.961   5.128   -3.443  1.00 23.70 ? 98  HIS A CB    1 
ATOM   771  C  CG    . HIS A 1 98  ? 1.792   5.502   -4.303  1.00 26.66 ? 98  HIS A CG    1 
ATOM   772  N  ND1   . HIS A 1 98  ? 1.229   4.633   -5.224  1.00 27.24 ? 98  HIS A ND1   1 
ATOM   773  C  CD2   . HIS A 1 98  ? 1.083   6.645   -4.390  1.00 27.89 ? 98  HIS A CD2   1 
ATOM   774  C  CE1   . HIS A 1 98  ? 0.228   5.234   -5.839  1.00 23.79 ? 98  HIS A CE1   1 
ATOM   775  N  NE2   . HIS A 1 98  ? 0.119   6.453   -5.352  1.00 22.45 ? 98  HIS A NE2   1 
ATOM   776  N  N     . VAL A 1 99  ? 4.292   2.937   -1.211  1.00 18.67 ? 99  VAL A N     1 
ATOM   777  C  CA    . VAL A 1 99  ? 5.560   2.645   -0.534  1.00 16.14 ? 99  VAL A CA    1 
ATOM   778  C  C     . VAL A 1 99  ? 6.416   1.908   -1.591  1.00 18.53 ? 99  VAL A C     1 
ATOM   779  O  O     . VAL A 1 99  ? 6.027   0.888   -2.104  1.00 19.71 ? 99  VAL A O     1 
ATOM   780  C  CB    . VAL A 1 99  ? 5.339   1.746   0.713   1.00 19.94 ? 99  VAL A CB    1 
ATOM   781  C  CG1   . VAL A 1 99  ? 6.673   1.340   1.336   1.00 16.81 ? 99  VAL A CG1   1 
ATOM   782  C  CG2   . VAL A 1 99  ? 4.427   2.450   1.698   1.00 13.62 ? 99  VAL A CG2   1 
ATOM   783  N  N     . LEU A 1 100 ? 7.576   2.444   -1.940  1.00 19.97 ? 100 LEU A N     1 
ATOM   784  C  CA    . LEU A 1 100 ? 8.409   1.806   -2.937  1.00 18.88 ? 100 LEU A CA    1 
ATOM   785  C  C     . LEU A 1 100 ? 9.831   1.541   -2.483  1.00 20.65 ? 100 LEU A C     1 
ATOM   786  O  O     . LEU A 1 100 ? 10.516  2.468   -2.085  1.00 21.13 ? 100 LEU A O     1 
ATOM   787  C  CB    . LEU A 1 100 ? 8.464   2.687   -4.180  1.00 23.63 ? 100 LEU A CB    1 
ATOM   788  C  CG    . LEU A 1 100 ? 7.116   3.009   -4.834  1.00 30.17 ? 100 LEU A CG    1 
ATOM   789  C  CD1   . LEU A 1 100 ? 6.659   4.345   -4.391  1.00 30.39 ? 100 LEU A CD1   1 
ATOM   790  C  CD2   . LEU A 1 100 ? 7.274   3.081   -6.323  1.00 35.28 ? 100 LEU A CD2   1 
ATOM   791  N  N     . PRO A 1 101 ? 10.295  0.267   -2.528  1.00 22.17 ? 101 PRO A N     1 
ATOM   792  C  CA    . PRO A 1 101 ? 11.643  -0.143  -2.144  1.00 22.20 ? 101 PRO A CA    1 
ATOM   793  C  C     . PRO A 1 101 ? 12.562  0.468   -3.172  1.00 22.52 ? 101 PRO A C     1 
ATOM   794  O  O     . PRO A 1 101 ? 12.327  0.342   -4.375  1.00 24.41 ? 101 PRO A O     1 
ATOM   795  C  CB    . PRO A 1 101 ? 11.605  -1.663  -2.314  1.00 20.74 ? 101 PRO A CB    1 
ATOM   796  C  CG    . PRO A 1 101 ? 10.280  -1.988  -1.970  1.00 23.57 ? 101 PRO A CG    1 
ATOM   797  C  CD    . PRO A 1 101 ? 9.475   -0.936  -2.728  1.00 20.26 ? 101 PRO A CD    1 
ATOM   798  N  N     . ARG A 1 102 ? 13.589  1.166   -2.708  1.00 23.96 ? 102 ARG A N     1 
ATOM   799  C  CA    . ARG A 1 102 ? 14.545  1.812   -3.587  1.00 23.73 ? 102 ARG A CA    1 
ATOM   800  C  C     . ARG A 1 102 ? 15.936  1.189   -3.470  1.00 25.55 ? 102 ARG A C     1 
ATOM   801  O  O     . ARG A 1 102 ? 16.386  0.842   -2.378  1.00 24.93 ? 102 ARG A O     1 
ATOM   802  C  CB    . ARG A 1 102 ? 14.609  3.308   -3.252  1.00 19.50 ? 102 ARG A CB    1 
ATOM   803  C  CG    . ARG A 1 102 ? 13.332  4.040   -3.532  1.00 18.26 ? 102 ARG A CG    1 
ATOM   804  C  CD    . ARG A 1 102 ? 12.945  3.945   -5.024  1.00 26.47 ? 102 ARG A CD    1 
ATOM   805  N  NE    . ARG A 1 102 ? 13.866  4.716   -5.857  1.00 38.09 ? 102 ARG A NE    1 
ATOM   806  C  CZ    . ARG A 1 102 ? 13.771  6.029   -6.082  1.00 42.51 ? 102 ARG A CZ    1 
ATOM   807  N  NH1   . ARG A 1 102 ? 12.785  6.742   -5.559  1.00 49.48 ? 102 ARG A NH1   1 
ATOM   808  N  NH2   . ARG A 1 102 ? 14.707  6.660   -6.781  1.00 50.00 ? 102 ARG A NH2   1 
ATOM   809  N  N     . LYS A 1 103 ? 16.611  1.046   -4.599  1.00 29.48 ? 103 LYS A N     1 
ATOM   810  C  CA    . LYS A 1 103 ? 17.968  0.541   -4.590  1.00 34.45 ? 103 LYS A CA    1 
ATOM   811  C  C     . LYS A 1 103 ? 18.840  1.370   -5.526  1.00 34.34 ? 103 LYS A C     1 
ATOM   812  O  O     . LYS A 1 103 ? 18.328  2.170   -6.317  1.00 32.09 ? 103 LYS A O     1 
ATOM   813  C  CB    . LYS A 1 103 ? 18.060  -0.956  -4.877  1.00 34.77 ? 103 LYS A CB    1 
ATOM   814  C  CG    . LYS A 1 103 ? 17.270  -1.434  -6.015  1.00 43.47 ? 103 LYS A CG    1 
ATOM   815  C  CD    . LYS A 1 103 ? 17.249  -2.957  -5.986  1.00 50.09 ? 103 LYS A CD    1 
ATOM   816  C  CE    . LYS A 1 103 ? 16.294  -3.525  -7.059  1.00 63.08 ? 103 LYS A CE    1 
ATOM   817  N  NZ    . LYS A 1 103 ? 16.376  -5.020  -7.234  1.00 67.12 ? 103 LYS A NZ    1 
ATOM   818  N  N     . ALA A 1 104 ? 20.155  1.279   -5.297  1.00 38.03 ? 104 ALA A N     1 
ATOM   819  C  CA    . ALA A 1 104 ? 21.153  2.003   -6.080  1.00 41.11 ? 104 ALA A CA    1 
ATOM   820  C  C     . ALA A 1 104 ? 20.872  1.933   -7.594  1.00 42.93 ? 104 ALA A C     1 
ATOM   821  O  O     . ALA A 1 104 ? 20.708  0.839   -8.169  1.00 43.34 ? 104 ALA A O     1 
ATOM   822  C  CB    . ALA A 1 104 ? 22.595  1.491   -5.733  1.00 43.84 ? 104 ALA A CB    1 
ATOM   823  N  N     . GLY A 1 105 ? 20.793  3.124   -8.194  1.00 44.36 ? 105 GLY A N     1 
ATOM   824  C  CA    . GLY A 1 105 ? 20.503  3.233   -9.599  1.00 46.03 ? 105 GLY A CA    1 
ATOM   825  C  C     . GLY A 1 105 ? 19.263  2.454   -10.017 1.00 47.80 ? 105 GLY A C     1 
ATOM   826  O  O     . GLY A 1 105 ? 19.354  1.259   -10.277 1.00 51.13 ? 105 GLY A O     1 
ATOM   827  N  N     . ASP A 1 106 ? 18.114  3.111   -10.080 1.00 47.64 ? 106 ASP A N     1 
ATOM   828  C  CA    . ASP A 1 106 ? 16.901  2.438   -10.497 1.00 45.80 ? 106 ASP A CA    1 
ATOM   829  C  C     . ASP A 1 106 ? 15.965  3.441   -11.153 1.00 48.27 ? 106 ASP A C     1 
ATOM   830  O  O     . ASP A 1 106 ? 15.093  2.973   -11.940 1.00 49.23 ? 106 ASP A O     1 
ATOM   831  C  CB    . ASP A 1 106 ? 16.229  1.661   -9.338  1.00 44.18 ? 106 ASP A CB    1 
ATOM   832  C  CG    . ASP A 1 106 ? 15.860  2.538   -8.118  1.00 43.97 ? 106 ASP A CG    1 
ATOM   833  O  OD1   . ASP A 1 106 ? 16.521  3.566   -7.846  1.00 49.25 ? 106 ASP A OD1   1 
ATOM   834  O  OD2   . ASP A 1 106 ? 14.937  2.142   -7.374  1.00 31.79 ? 106 ASP A OD2   1 
ATOM   835  N  N     . ALA A 1 127 ? 4.951   -5.846  -19.881 1.00 66.48 ? 127 ALA A N     1 
ATOM   836  C  CA    . ALA A 1 127 ? 5.148   -4.814  -18.812 1.00 65.62 ? 127 ALA A CA    1 
ATOM   837  C  C     . ALA A 1 127 ? 5.454   -5.546  -17.497 1.00 65.44 ? 127 ALA A C     1 
ATOM   838  O  O     . ALA A 1 127 ? 5.814   -6.735  -17.505 1.00 65.55 ? 127 ALA A O     1 
ATOM   839  C  CB    . ALA A 1 127 ? 3.859   -3.968  -18.678 1.00 61.72 ? 127 ALA A CB    1 
ATOM   840  N  N     . SER A 1 128 ? 5.306   -4.825  -16.382 1.00 65.80 ? 128 SER A N     1 
ATOM   841  C  CA    . SER A 1 128 ? 5.501   -5.382  -15.017 1.00 65.45 ? 128 SER A CA    1 
ATOM   842  C  C     . SER A 1 128 ? 4.098   -5.741  -14.397 1.00 62.85 ? 128 SER A C     1 
ATOM   843  O  O     . SER A 1 128 ? 3.936   -5.835  -13.172 1.00 61.69 ? 128 SER A O     1 
ATOM   844  C  CB    . SER A 1 128 ? 6.284   -4.381  -14.109 1.00 66.46 ? 128 SER A CB    1 
ATOM   845  O  OG    . SER A 1 128 ? 7.525   -3.924  -14.682 1.00 67.90 ? 128 SER A OG    1 
ATOM   846  N  N     . TRP A 1 129 ? 3.111   -5.917  -15.291 1.00 61.03 ? 129 TRP A N     1 
ATOM   847  C  CA    . TRP A 1 129 ? 1.716   -6.277  -14.974 1.00 57.52 ? 129 TRP A CA    1 
ATOM   848  C  C     . TRP A 1 129 ? 1.660   -7.784  -14.654 1.00 55.33 ? 129 TRP A C     1 
ATOM   849  O  O     . TRP A 1 129 ? 2.316   -8.591  -15.332 1.00 55.97 ? 129 TRP A O     1 
ATOM   850  C  CB    . TRP A 1 129 ? 0.837   -5.977  -16.196 1.00 53.97 ? 129 TRP A CB    1 
ATOM   851  C  CG    . TRP A 1 129 ? -0.601  -6.474  -16.070 1.00 54.54 ? 129 TRP A CG    1 
ATOM   852  C  CD1   . TRP A 1 129 ? -1.705  -5.704  -15.757 1.00 53.85 ? 129 TRP A CD1   1 
ATOM   853  C  CD2   . TRP A 1 129 ? -1.087  -7.820  -16.223 1.00 53.39 ? 129 TRP A CD2   1 
ATOM   854  N  NE1   . TRP A 1 129 ? -2.835  -6.497  -15.695 1.00 53.77 ? 129 TRP A NE1   1 
ATOM   855  C  CE2   . TRP A 1 129 ? -2.483  -7.802  -15.971 1.00 52.22 ? 129 TRP A CE2   1 
ATOM   856  C  CE3   . TRP A 1 129 ? -0.473  -9.050  -16.546 1.00 53.10 ? 129 TRP A CE3   1 
ATOM   857  C  CZ2   . TRP A 1 129 ? -3.285  -8.954  -16.033 1.00 56.95 ? 129 TRP A CZ2   1 
ATOM   858  C  CZ3   . TRP A 1 129 ? -1.272  -10.214 -16.610 1.00 54.41 ? 129 TRP A CZ3   1 
ATOM   859  C  CH2   . TRP A 1 129 ? -2.664  -10.154 -16.351 1.00 55.19 ? 129 TRP A CH2   1 
ATOM   860  N  N     . ARG A 1 130 ? 0.890   -8.173  -13.644 1.00 52.26 ? 130 ARG A N     1 
ATOM   861  C  CA    . ARG A 1 130 ? 0.829   -9.578  -13.299 1.00 47.80 ? 130 ARG A CA    1 
ATOM   862  C  C     . ARG A 1 130 ? -0.576  -10.012 -12.913 1.00 44.43 ? 130 ARG A C     1 
ATOM   863  O  O     . ARG A 1 130 ? -1.439  -9.164  -12.667 1.00 41.40 ? 130 ARG A O     1 
ATOM   864  C  CB    . ARG A 1 130 ? 1.834   -9.892  -12.168 1.00 50.50 ? 130 ARG A CB    1 
ATOM   865  C  CG    . ARG A 1 130 ? 1.515   -9.253  -10.787 1.00 47.35 ? 130 ARG A CG    1 
ATOM   866  C  CD    . ARG A 1 130 ? 1.886   -7.787  -10.664 1.00 44.09 ? 130 ARG A CD    1 
ATOM   867  N  NE    . ARG A 1 130 ? 1.736   -7.345  -9.274  1.00 44.21 ? 130 ARG A NE    1 
ATOM   868  C  CZ    . ARG A 1 130 ? 2.496   -7.771  -8.251  1.00 43.82 ? 130 ARG A CZ    1 
ATOM   869  N  NH1   . ARG A 1 130 ? 3.465   -8.663  -8.451  1.00 46.49 ? 130 ARG A NH1   1 
ATOM   870  N  NH2   . ARG A 1 130 ? 2.314   -7.281  -7.028  1.00 38.83 ? 130 ARG A NH2   1 
ATOM   871  N  N     . SER A 1 131 ? -0.743  -11.338 -12.799 1.00 42.08 ? 131 SER A N     1 
ATOM   872  C  CA    . SER A 1 131 ? -1.998  -12.015 -12.444 1.00 37.94 ? 131 SER A CA    1 
ATOM   873  C  C     . SER A 1 131 ? -2.501  -11.960 -11.001 1.00 35.67 ? 131 SER A C     1 
ATOM   874  O  O     . SER A 1 131 ? -1.748  -11.896 -10.054 1.00 34.41 ? 131 SER A O     1 
ATOM   875  C  CB    . SER A 1 131 ? -1.917  -13.490 -12.869 1.00 40.83 ? 131 SER A CB    1 
ATOM   876  O  OG    . SER A 1 131 ? -0.681  -14.083 -12.522 1.00 41.58 ? 131 SER A OG    1 
ATOM   877  N  N     . GLU A 1 132 ? -3.788  -12.125 -10.824 1.00 32.78 ? 132 GLU A N     1 
ATOM   878  C  CA    . GLU A 1 132 ? -4.332  -12.091 -9.475  1.00 35.93 ? 132 GLU A CA    1 
ATOM   879  C  C     . GLU A 1 132 ? -3.619  -13.118 -8.561  1.00 32.85 ? 132 GLU A C     1 
ATOM   880  O  O     . GLU A 1 132 ? -3.531  -12.954 -7.335  1.00 29.90 ? 132 GLU A O     1 
ATOM   881  C  CB    . GLU A 1 132 ? -5.853  -12.328 -9.530  1.00 38.38 ? 132 GLU A CB    1 
ATOM   882  C  CG    . GLU A 1 132 ? -6.557  -11.348 -10.516 1.00 54.83 ? 132 GLU A CG    1 
ATOM   883  C  CD    . GLU A 1 132 ? -7.091  -11.952 -11.890 1.00 63.48 ? 132 GLU A CD    1 
ATOM   884  O  OE1   . GLU A 1 132 ? -6.316  -12.361 -12.872 1.00 54.70 ? 132 GLU A OE1   1 
ATOM   885  O  OE2   . GLU A 1 132 ? -8.353  -11.945 -11.968 1.00 63.09 ? 132 GLU A OE2   1 
ATOM   886  N  N     . GLU A 1 133 ? -3.106  -14.179 -9.181  1.00 34.24 ? 133 GLU A N     1 
ATOM   887  C  CA    . GLU A 1 133 ? -2.407  -15.261 -8.475  1.00 30.33 ? 133 GLU A CA    1 
ATOM   888  C  C     . GLU A 1 133 ? -0.950  -14.900 -8.116  1.00 27.97 ? 133 GLU A C     1 
ATOM   889  O  O     . GLU A 1 133 ? -0.415  -15.434 -7.164  1.00 29.29 ? 133 GLU A O     1 
ATOM   890  C  CB    . GLU A 1 133 ? -2.461  -16.543 -9.303  1.00 30.27 ? 133 GLU A CB    1 
ATOM   891  C  CG    . GLU A 1 133 ? -1.920  -17.755 -8.583  1.00 33.98 ? 133 GLU A CG    1 
ATOM   892  C  CD    . GLU A 1 133 ? -2.074  -19.017 -9.411  1.00 37.94 ? 133 GLU A CD    1 
ATOM   893  O  OE1   . GLU A 1 133 ? -1.580  -19.047 -10.583 1.00 36.13 ? 133 GLU A OE1   1 
ATOM   894  O  OE2   . GLU A 1 133 ? -2.704  -19.957 -8.865  1.00 33.51 ? 133 GLU A OE2   1 
ATOM   895  N  N     . GLU A 1 134 ? -0.309  -14.053 -8.917  1.00 26.05 ? 134 GLU A N     1 
ATOM   896  C  CA    . GLU A 1 134 ? 1.010   -13.626 -8.608  1.00 25.95 ? 134 GLU A CA    1 
ATOM   897  C  C     . GLU A 1 134 ? 0.880   -12.578 -7.573  1.00 26.35 ? 134 GLU A C     1 
ATOM   898  O  O     . GLU A 1 134 ? 1.834   -12.356 -6.848  1.00 27.64 ? 134 GLU A O     1 
ATOM   899  C  CB    . GLU A 1 134 ? 1.712   -12.990 -9.777  1.00 27.70 ? 134 GLU A CB    1 
ATOM   900  C  CG    . GLU A 1 134 ? 2.303   -14.006 -10.704 1.00 43.05 ? 134 GLU A CG    1 
ATOM   901  C  CD    . GLU A 1 134 ? 3.556   -13.519 -11.407 1.00 49.67 ? 134 GLU A CD    1 
ATOM   902  O  OE1   . GLU A 1 134 ? 3.964   -12.367 -11.153 1.00 52.67 ? 134 GLU A OE1   1 
ATOM   903  O  OE2   . GLU A 1 134 ? 4.132   -14.293 -12.219 1.00 50.98 ? 134 GLU A OE2   1 
HETATM 904  N  N     . MSE A 1 135 ? -0.247  -11.867 -7.568  1.00 22.78 ? 135 MSE A N     1 
HETATM 905  C  CA    . MSE A 1 135 ? -0.480  -10.836 -6.580  1.00 22.00 ? 135 MSE A CA    1 
HETATM 906  C  C     . MSE A 1 135 ? -0.712  -11.477 -5.260  1.00 19.69 ? 135 MSE A C     1 
HETATM 907  O  O     . MSE A 1 135 ? -0.166  -11.044 -4.260  1.00 21.79 ? 135 MSE A O     1 
HETATM 908  C  CB    . MSE A 1 135 ? -1.665  -9.971  -6.946  1.00 25.22 ? 135 MSE A CB    1 
HETATM 909  C  CG    . MSE A 1 135 ? -1.534  -9.279  -8.311  1.00 25.93 ? 135 MSE A CG    1 
HETATM 910  SE SE    . MSE A 1 135 ? -2.825  -8.045  -8.685  1.00 36.91 ? 135 MSE A SE    1 
HETATM 911  C  CE    . MSE A 1 135 ? -4.194  -8.593  -7.917  1.00 25.81 ? 135 MSE A CE    1 
ATOM   912  N  N     . ALA A 1 136 ? -1.506  -12.532 -5.263  1.00 17.02 ? 136 ALA A N     1 
ATOM   913  C  CA    . ALA A 1 136 ? -1.810  -13.280 -4.055  1.00 16.02 ? 136 ALA A CA    1 
ATOM   914  C  C     . ALA A 1 136 ? -0.610  -14.030 -3.481  1.00 17.41 ? 136 ALA A C     1 
ATOM   915  O  O     . ALA A 1 136 ? -0.589  -14.390 -2.303  1.00 20.71 ? 136 ALA A O     1 
ATOM   916  C  CB    . ALA A 1 136 ? -2.910  -14.254 -4.321  1.00 18.51 ? 136 ALA A CB    1 
ATOM   917  N  N     . ALA A 1 137 ? 0.338   -14.385 -4.331  1.00 16.58 ? 137 ALA A N     1 
ATOM   918  C  CA    . ALA A 1 137 ? 1.514   -15.086 -3.889  1.00 15.84 ? 137 ALA A CA    1 
ATOM   919  C  C     . ALA A 1 137 ? 2.447   -14.081 -3.226  1.00 20.00 ? 137 ALA A C     1 
ATOM   920  O  O     . ALA A 1 137 ? 3.151   -14.405 -2.283  1.00 22.97 ? 137 ALA A O     1 
ATOM   921  C  CB    . ALA A 1 137 ? 2.169   -15.724 -5.058  1.00 13.90 ? 137 ALA A CB    1 
ATOM   922  N  N     . GLU A 1 138 ? 2.479   -12.860 -3.737  1.00 23.95 ? 138 GLU A N     1 
ATOM   923  C  CA    . GLU A 1 138 ? 3.305   -11.807 -3.173  1.00 23.54 ? 138 GLU A CA    1 
ATOM   924  C  C     . GLU A 1 138 ? 2.746   -11.449 -1.824  1.00 21.64 ? 138 GLU A C     1 
ATOM   925  O  O     . GLU A 1 138 ? 3.474   -11.348 -0.854  1.00 25.46 ? 138 GLU A O     1 
ATOM   926  C  CB    . GLU A 1 138 ? 3.277   -10.564 -4.051  1.00 25.75 ? 138 GLU A CB    1 
ATOM   927  C  CG    . GLU A 1 138 ? 3.997   -9.376  -3.432  1.00 26.65 ? 138 GLU A CG    1 
ATOM   928  C  CD    . GLU A 1 138 ? 4.265   -8.256  -4.413  1.00 28.47 ? 138 GLU A CD    1 
ATOM   929  O  OE1   . GLU A 1 138 ? 4.914   -8.540  -5.433  1.00 35.13 ? 138 GLU A OE1   1 
ATOM   930  O  OE2   . GLU A 1 138 ? 3.874   -7.103  -4.159  1.00 29.04 ? 138 GLU A OE2   1 
ATOM   931  N  N     . ALA A 1 139 ? 1.440   -11.273 -1.747  1.00 21.26 ? 139 ALA A N     1 
ATOM   932  C  CA    . ALA A 1 139 ? 0.814   -10.925 -0.499  1.00 19.75 ? 139 ALA A CA    1 
ATOM   933  C  C     . ALA A 1 139 ? 1.079   -11.936 0.557   1.00 22.12 ? 139 ALA A C     1 
ATOM   934  O  O     . ALA A 1 139 ? 1.120   -11.626 1.725   1.00 26.57 ? 139 ALA A O     1 
ATOM   935  C  CB    . ALA A 1 139 ? -0.699  -10.763 -0.684  1.00 20.21 ? 139 ALA A CB    1 
ATOM   936  N  N     . ALA A 1 140 ? 1.147   -13.193 0.161   1.00 22.96 ? 140 ALA A N     1 
ATOM   937  C  CA    . ALA A 1 140 ? 1.370   -14.287 1.104   1.00 19.68 ? 140 ALA A CA    1 
ATOM   938  C  C     . ALA A 1 140 ? 2.785   -14.261 1.628   1.00 20.15 ? 140 ALA A C     1 
ATOM   939  O  O     . ALA A 1 140 ? 3.034   -14.631 2.757   1.00 24.28 ? 140 ALA A O     1 
ATOM   940  C  CB    . ALA A 1 140 ? 1.089   -15.609 0.411   1.00 25.08 ? 140 ALA A CB    1 
ATOM   941  N  N     . ALA A 1 141 ? 3.719   -13.936 0.747   1.00 19.76 ? 141 ALA A N     1 
ATOM   942  C  CA    . ALA A 1 141 ? 5.081   -13.818 1.129   1.00 20.31 ? 141 ALA A CA    1 
ATOM   943  C  C     . ALA A 1 141 ? 5.120   -12.726 2.204   1.00 22.28 ? 141 ALA A C     1 
ATOM   944  O  O     . ALA A 1 141 ? 5.674   -12.941 3.291   1.00 25.21 ? 141 ALA A O     1 
ATOM   945  C  CB    . ALA A 1 141 ? 5.924   -13.395 -0.066  1.00 18.43 ? 141 ALA A CB    1 
ATOM   946  N  N     . LEU A 1 142 ? 4.599   -11.535 1.881   1.00 20.96 ? 142 LEU A N     1 
ATOM   947  C  CA    . LEU A 1 142 ? 4.569   -10.373 2.808   1.00 19.78 ? 142 LEU A CA    1 
ATOM   948  C  C     . LEU A 1 142 ? 3.872   -10.641 4.128   1.00 20.45 ? 142 LEU A C     1 
ATOM   949  O  O     . LEU A 1 142 ? 4.252   -10.135 5.155   1.00 27.22 ? 142 LEU A O     1 
ATOM   950  C  CB    . LEU A 1 142 ? 3.975   -9.119  2.136   1.00 14.47 ? 142 LEU A CB    1 
ATOM   951  C  CG    . LEU A 1 142 ? 4.806   -8.648  0.925   1.00 13.42 ? 142 LEU A CG    1 
ATOM   952  C  CD1   . LEU A 1 142 ? 4.328   -7.363  0.256   1.00 6.65  ? 142 LEU A CD1   1 
ATOM   953  C  CD2   . LEU A 1 142 ? 6.213   -8.442  1.395   1.00 12.66 ? 142 LEU A CD2   1 
ATOM   954  N  N     . ARG A 1 143 ? 2.862   -11.480 4.135   1.00 23.22 ? 143 ARG A N     1 
ATOM   955  C  CA    . ARG A 1 143 ? 2.165   -11.770 5.365   1.00 20.17 ? 143 ARG A CA    1 
ATOM   956  C  C     . ARG A 1 143 ? 3.029   -12.433 6.384   1.00 24.04 ? 143 ARG A C     1 
ATOM   957  O  O     . ARG A 1 143 ? 2.786   -12.293 7.544   1.00 27.00 ? 143 ARG A O     1 
ATOM   958  C  CB    . ARG A 1 143 ? 0.957   -12.642 5.074   1.00 23.71 ? 143 ARG A CB    1 
ATOM   959  C  CG    . ARG A 1 143 ? -0.267  -11.846 4.688   1.00 21.26 ? 143 ARG A CG    1 
ATOM   960  C  CD    . ARG A 1 143 ? -1.558  -12.602 4.706   1.00 18.97 ? 143 ARG A CD    1 
ATOM   961  N  NE    . ARG A 1 143 ? -1.720  -13.271 3.443   1.00 25.32 ? 143 ARG A NE    1 
ATOM   962  C  CZ    . ARG A 1 143 ? -2.638  -12.962 2.547   1.00 28.68 ? 143 ARG A CZ    1 
ATOM   963  N  NH1   . ARG A 1 143 ? -3.524  -12.038 2.794   1.00 36.30 ? 143 ARG A NH1   1 
ATOM   964  N  NH2   . ARG A 1 143 ? -2.696  -13.618 1.416   1.00 37.63 ? 143 ARG A NH2   1 
ATOM   965  N  N     . VAL A 1 144 ? 4.033   -13.188 5.961   1.00 24.74 ? 144 VAL A N     1 
ATOM   966  C  CA    . VAL A 1 144 ? 4.898   -13.892 6.897   1.00 25.51 ? 144 VAL A CA    1 
ATOM   967  C  C     . VAL A 1 144 ? 5.718   -12.923 7.801   1.00 27.21 ? 144 VAL A C     1 
ATOM   968  O  O     . VAL A 1 144 ? 6.207   -13.319 8.858   1.00 29.96 ? 144 VAL A O     1 
ATOM   969  C  CB    . VAL A 1 144 ? 5.869   -14.863 6.110   1.00 20.20 ? 144 VAL A CB    1 
ATOM   970  C  CG1   . VAL A 1 144 ? 6.861   -15.536 7.037   1.00 30.08 ? 144 VAL A CG1   1 
ATOM   971  C  CG2   . VAL A 1 144 ? 5.101   -15.901 5.360   1.00 18.49 ? 144 VAL A CG2   1 
ATOM   972  N  N     . TYR A 1 145 ? 5.923   -11.689 7.360   1.00 24.99 ? 145 TYR A N     1 
ATOM   973  C  CA    . TYR A 1 145 ? 6.721   -10.754 8.116   1.00 26.19 ? 145 TYR A CA    1 
ATOM   974  C  C     . TYR A 1 145 ? 5.935   -10.036 9.204   1.00 29.26 ? 145 TYR A C     1 
ATOM   975  O  O     . TYR A 1 145 ? 6.502   -9.278  9.967   1.00 31.13 ? 145 TYR A O     1 
ATOM   976  C  CB    . TYR A 1 145 ? 7.394   -9.724  7.192   1.00 24.71 ? 145 TYR A CB    1 
ATOM   977  C  CG    . TYR A 1 145 ? 8.395   -10.282 6.206   1.00 19.81 ? 145 TYR A CG    1 
ATOM   978  C  CD1   . TYR A 1 145 ? 7.981   -10.840 5.013   1.00 22.43 ? 145 TYR A CD1   1 
ATOM   979  C  CD2   . TYR A 1 145 ? 9.746   -10.233 6.454   1.00 20.13 ? 145 TYR A CD2   1 
ATOM   980  C  CE1   . TYR A 1 145 ? 8.889   -11.334 4.093   1.00 23.58 ? 145 TYR A CE1   1 
ATOM   981  C  CE2   . TYR A 1 145 ? 10.660  -10.727 5.528   1.00 22.88 ? 145 TYR A CE2   1 
ATOM   982  C  CZ    . TYR A 1 145 ? 10.217  -11.271 4.352   1.00 24.79 ? 145 TYR A CZ    1 
ATOM   983  O  OH    . TYR A 1 145 ? 11.117  -11.694 3.389   1.00 28.20 ? 145 TYR A OH    1 
ATOM   984  N  N     . PHE A 1 146 ? 4.621   -10.231 9.230   1.00 30.66 ? 146 PHE A N     1 
ATOM   985  C  CA    . PHE A 1 146 ? 3.742   -9.601  10.203  1.00 30.77 ? 146 PHE A CA    1 
ATOM   986  C  C     . PHE A 1 146 ? 3.099   -10.688 11.055  1.00 35.15 ? 146 PHE A C     1 
ATOM   987  O  O     . PHE A 1 146 ? 1.992   -10.505 11.558  1.00 36.16 ? 146 PHE A O     1 
ATOM   988  C  CB    . PHE A 1 146 ? 2.634   -8.814  9.470   1.00 24.04 ? 146 PHE A CB    1 
ATOM   989  C  CG    . PHE A 1 146 ? 3.148   -7.742  8.547   1.00 23.15 ? 146 PHE A CG    1 
ATOM   990  C  CD1   . PHE A 1 146 ? 3.422   -6.434  9.034   1.00 21.66 ? 146 PHE A CD1   1 
ATOM   991  C  CD2   . PHE A 1 146 ? 3.376   -8.017  7.198   1.00 19.45 ? 146 PHE A CD2   1 
ATOM   992  C  CE1   . PHE A 1 146 ? 3.912   -5.429  8.184   1.00 19.70 ? 146 PHE A CE1   1 
ATOM   993  C  CE2   . PHE A 1 146 ? 3.853   -7.031  6.360   1.00 19.57 ? 146 PHE A CE2   1 
ATOM   994  C  CZ    . PHE A 1 146 ? 4.119   -5.731  6.867   1.00 21.48 ? 146 PHE A CZ    1 
ATOM   995  N  N     . GLN A 1 147 ? 3.708   -11.864 11.137  1.00 40.73 ? 147 GLN A N     1 
ATOM   996  C  CA    . GLN A 1 147 ? 3.102   -12.947 11.930  1.00 46.07 ? 147 GLN A CA    1 
ATOM   997  C  C     . GLN A 1 147 ? 3.488   -12.792 13.395  1.00 50.09 ? 147 GLN A C     1 
ATOM   998  O  O     . GLN A 1 147 ? 4.562   -12.144 13.664  1.00 51.36 ? 147 GLN A O     1 
ATOM   999  C  CB    . GLN A 1 147 ? 3.544   -14.327 11.441  1.00 43.83 ? 147 GLN A CB    1 
ATOM   1000 C  CG    . GLN A 1 147 ? 2.660   -14.965 10.399  1.00 44.78 ? 147 GLN A CG    1 
ATOM   1001 C  CD    . GLN A 1 147 ? 3.353   -16.177 9.725   1.00 52.75 ? 147 GLN A CD    1 
ATOM   1002 O  OE1   . GLN A 1 147 ? 4.575   -16.346 9.794   1.00 53.67 ? 147 GLN A OE1   1 
ATOM   1003 N  NE2   . GLN A 1 147 ? 2.565   -17.012 9.061   1.00 52.95 ? 147 GLN A NE2   1 
ATOM   1004 O  OXT   . GLN A 1 147 ? 2.685   -13.323 14.225  1.00 52.45 ? 147 GLN A OXT   1 
HETATM 1005 C  C3A   . AP2 B 2 .   ? -2.438  7.609   -8.791  1.00 48.95 ? 200 AP2 A C3A   1 
HETATM 1006 P  PA    . AP2 B 2 .   ? -2.918  7.357   -7.420  1.00 42.74 ? 200 AP2 A PA    1 
HETATM 1007 O  O1A   . AP2 B 2 .   ? -2.089  8.032   -6.409  1.00 41.70 ? 200 AP2 A O1A   1 
HETATM 1008 O  O2A   . AP2 B 2 .   ? -4.339  7.262   -7.030  1.00 40.28 ? 200 AP2 A O2A   1 
HETATM 1009 O  "O5'" . AP2 B 2 .   ? -2.546  5.830   -7.119  1.00 50.73 ? 200 AP2 A "O5'" 1 
HETATM 1010 C  "C5'" . AP2 B 2 .   ? -3.058  4.761   -7.932  1.00 55.54 ? 200 AP2 A "C5'" 1 
HETATM 1011 C  "C4'" . AP2 B 2 .   ? -2.464  3.365   -7.663  1.00 53.55 ? 200 AP2 A "C4'" 1 
HETATM 1012 O  "O4'" . AP2 B 2 .   ? -3.596  2.542   -7.302  1.00 52.88 ? 200 AP2 A "O4'" 1 
HETATM 1013 C  "C3'" . AP2 B 2 .   ? -1.583  2.862   -8.826  1.00 55.34 ? 200 AP2 A "C3'" 1 
HETATM 1014 O  "O3'" . AP2 B 2 .   ? -0.306  2.409   -8.317  1.00 40.38 ? 200 AP2 A "O3'" 1 
HETATM 1015 C  "C2'" . AP2 B 2 .   ? -2.484  1.673   -9.243  1.00 65.93 ? 200 AP2 A "C2'" 1 
HETATM 1016 O  "O2'" . AP2 B 2 .   ? -1.713  0.519   -9.673  1.00 72.33 ? 200 AP2 A "O2'" 1 
HETATM 1017 C  "C1'" . AP2 B 2 .   ? -3.223  1.300   -7.939  1.00 62.65 ? 200 AP2 A "C1'" 1 
HETATM 1018 N  N9    . AP2 B 2 .   ? -4.469  0.517   -8.192  1.00 62.95 ? 200 AP2 A N9    1 
HETATM 1019 C  C8    . AP2 B 2 .   ? -5.620  0.923   -8.845  1.00 64.27 ? 200 AP2 A C8    1 
HETATM 1020 N  N7    . AP2 B 2 .   ? -6.561  0.012   -8.900  1.00 65.97 ? 200 AP2 A N7    1 
HETATM 1021 C  C5    . AP2 B 2 .   ? -5.973  -1.068  -8.239  1.00 66.09 ? 200 AP2 A C5    1 
HETATM 1022 C  C6    . AP2 B 2 .   ? -6.456  -2.370  -7.973  1.00 63.80 ? 200 AP2 A C6    1 
HETATM 1023 N  N6    . AP2 B 2 .   ? -7.678  -2.687  -8.401  1.00 59.86 ? 200 AP2 A N6    1 
HETATM 1024 N  N1    . AP2 B 2 .   ? -5.640  -3.214  -7.305  1.00 65.68 ? 200 AP2 A N1    1 
HETATM 1025 C  C2    . AP2 B 2 .   ? -4.416  -2.871  -6.911  1.00 55.73 ? 200 AP2 A C2    1 
HETATM 1026 N  N3    . AP2 B 2 .   ? -3.884  -1.668  -7.128  1.00 52.27 ? 200 AP2 A N3    1 
HETATM 1027 C  C4    . AP2 B 2 .   ? -4.694  -0.795  -7.801  1.00 64.04 ? 200 AP2 A C4    1 
HETATM 1028 O  O     . HOH C 3 .   ? 2.921   -4.932  -5.419  1.00 24.00 ? 201 HOH A O     1 
HETATM 1029 O  O     . HOH C 3 .   ? -1.372  8.407   -3.204  1.00 21.67 ? 202 HOH A O     1 
HETATM 1030 O  O     . HOH C 3 .   ? -9.974  4.171   8.754   1.00 35.23 ? 203 HOH A O     1 
HETATM 1031 O  O     . HOH C 3 .   ? -6.208  4.874   8.922   1.00 27.12 ? 204 HOH A O     1 
HETATM 1032 O  O     . HOH C 3 .   ? -4.099  9.516   -1.437  1.00 32.11 ? 205 HOH A O     1 
HETATM 1033 O  O     . HOH C 3 .   ? 1.534   -15.983 4.534   1.00 31.85 ? 206 HOH A O     1 
HETATM 1034 O  O     . HOH C 3 .   ? 0.186   -0.238  12.434  1.00 28.37 ? 207 HOH A O     1 
HETATM 1035 O  O     . HOH C 3 .   ? 9.588   2.262   7.242   1.00 22.69 ? 208 HOH A O     1 
HETATM 1036 O  O     . HOH C 3 .   ? -5.718  11.578  -0.886  1.00 30.95 ? 209 HOH A O     1 
HETATM 1037 O  O     . HOH C 3 .   ? 13.884  -3.135  6.586   1.00 35.03 ? 210 HOH A O     1 
HETATM 1038 O  O     . HOH C 3 .   ? 2.053   13.932  -6.209  1.00 28.26 ? 211 HOH A O     1 
HETATM 1039 O  O     . HOH C 3 .   ? -2.459  -14.552 -0.780  1.00 32.20 ? 212 HOH A O     1 
HETATM 1040 O  O     . HOH C 3 .   ? 17.104  -7.199  2.318   1.00 41.10 ? 213 HOH A O     1 
HETATM 1041 O  O     . HOH C 3 .   ? -1.163  -9.988  7.816   1.00 39.37 ? 214 HOH A O     1 
HETATM 1042 O  O     . HOH C 3 .   ? 5.970   -6.171  -6.405  1.00 48.99 ? 215 HOH A O     1 
HETATM 1043 O  O     . HOH C 3 .   ? 1.389   -16.148 7.079   1.00 41.52 ? 216 HOH A O     1 
HETATM 1044 O  O     . HOH C 3 .   ? -4.561  -15.325 -11.734 1.00 55.15 ? 217 HOH A O     1 
HETATM 1045 O  O     . HOH C 3 .   ? 8.543   -2.538  12.090  1.00 47.35 ? 218 HOH A O     1 
HETATM 1046 O  O     . HOH C 3 .   ? -6.124  16.883  2.231   1.00 29.41 ? 219 HOH A O     1 
HETATM 1047 O  O     . HOH C 3 .   ? 4.603   -13.041 -7.003  1.00 29.57 ? 220 HOH A O     1 
HETATM 1048 O  O     . HOH C 3 .   ? -12.055 2.662   9.844   1.00 30.25 ? 221 HOH A O     1 
HETATM 1049 O  O     . HOH C 3 .   ? -4.234  -16.777 -1.031  1.00 26.50 ? 222 HOH A O     1 
HETATM 1050 O  O     . HOH C 3 .   ? 9.587   -0.118  11.048  1.00 49.65 ? 223 HOH A O     1 
HETATM 1051 O  O     . HOH C 3 .   ? -6.100  -15.208 1.170   1.00 46.79 ? 224 HOH A O     1 
HETATM 1052 O  O     . HOH C 3 .   ? -4.240  5.132   16.052  1.00 47.00 ? 225 HOH A O     1 
HETATM 1053 O  O     . HOH C 3 .   ? -8.562  17.642  8.980   1.00 44.03 ? 226 HOH A O     1 
HETATM 1054 O  O     . HOH C 3 .   ? 13.107  -3.643  -5.720  1.00 43.42 ? 227 HOH A O     1 
HETATM 1055 O  O     . HOH C 3 .   ? 9.178   -9.718  10.824  1.00 48.51 ? 228 HOH A O     1 
HETATM 1056 O  O     . HOH C 3 .   ? 0.254   -11.982 8.865   1.00 46.32 ? 229 HOH A O     1 
HETATM 1057 O  O     . HOH C 3 .   ? 13.505  -10.838 4.351   1.00 53.71 ? 230 HOH A O     1 
HETATM 1058 O  O     . HOH C 3 .   ? 21.722  5.640   -6.926  1.00 46.93 ? 231 HOH A O     1 
HETATM 1059 O  O     . HOH C 3 .   ? 7.946   -4.096  10.086  1.00 44.07 ? 232 HOH A O     1 
HETATM 1060 O  O     . HOH C 3 .   ? -11.993 18.822  -0.302  1.00 58.22 ? 233 HOH A O     1 
HETATM 1061 O  O     . HOH C 3 .   ? 15.469  -1.260  8.939   1.00 44.23 ? 234 HOH A O     1 
HETATM 1062 O  O     . HOH C 3 .   ? 12.957  0.813   7.170   1.00 55.66 ? 235 HOH A O     1 
HETATM 1063 O  O     . HOH C 3 .   ? 0.099   -16.673 -12.535 1.00 45.79 ? 236 HOH A O     1 
HETATM 1064 O  O     . HOH C 3 .   ? -2.724  -8.356  9.350   1.00 34.90 ? 237 HOH A O     1 
HETATM 1065 O  O     . HOH C 3 .   ? 13.902  -0.128  -7.234  1.00 47.90 ? 238 HOH A O     1 
HETATM 1066 O  O     . HOH C 3 .   ? -16.570 -4.055  1.598   1.00 46.99 ? 239 HOH A O     1 
HETATM 1067 O  O     . HOH C 3 .   ? -7.303  -9.715  -7.874  1.00 59.32 ? 240 HOH A O     1 
HETATM 1068 O  O     . HOH C 3 .   ? -9.518  -14.054 -1.590  1.00 43.92 ? 241 HOH A O     1 
HETATM 1069 O  O     . HOH C 3 .   ? -8.796  -8.139  -5.579  1.00 39.69 ? 242 HOH A O     1 
HETATM 1070 O  O     . HOH C 3 .   ? -11.674 -0.729  2.873   1.00 48.18 ? 243 HOH A O     1 
HETATM 1071 O  O     . HOH C 3 .   ? -9.833  20.449  -5.765  1.00 56.59 ? 244 HOH A O     1 
HETATM 1072 O  O     . HOH C 3 .   ? -6.086  -10.650 4.109   1.00 37.83 ? 245 HOH A O     1 
HETATM 1073 O  O     . HOH C 3 .   ? -6.928  -6.255  -6.165  1.00 48.00 ? 246 HOH A O     1 
HETATM 1074 O  O     . HOH C 3 .   ? -12.242 0.438   11.417  1.00 55.85 ? 247 HOH A O     1 
HETATM 1075 O  O     . HOH C 3 .   ? 0.144   -14.876 -15.590 1.00 60.99 ? 248 HOH A O     1 
HETATM 1076 O  O     . HOH C 3 .   ? -3.589  9.154   -4.319  0.98 28.74 ? 249 HOH A O     1 
HETATM 1077 O  O     . HOH C 3 .   ? -12.896 6.085   -6.940  0.87 40.80 ? 250 HOH A O     1 
HETATM 1078 O  O     . HOH C 3 .   ? -11.811 3.668   -8.916  1.00 52.25 ? 251 HOH A O     1 
HETATM 1079 O  O     . HOH C 3 .   ? -10.614 -4.962  -7.253  0.63 31.41 ? 252 HOH A O     1 
HETATM 1080 O  O     . HOH C 3 .   ? -3.920  -0.054  -11.795 0.67 40.52 ? 253 HOH A O     1 
HETATM 1081 O  O     . HOH C 3 .   ? -5.402  3.278   -10.806 1.00 63.32 ? 254 HOH A O     1 
# 
